data_6QZT
#
_entry.id   6QZT
#
_cell.length_a   107.230
_cell.length_b   118.680
_cell.length_c   356.680
_cell.angle_alpha   90.00
_cell.angle_beta   90.00
_cell.angle_gamma   90.00
#
_symmetry.space_group_name_H-M   'I 21 21 21'
#
loop_
_entity.id
_entity.type
_entity.pdbx_description
1 polymer 'CRISPR-associated (Cas) DxTHG family'
2 water water
#
_entity_poly.entity_id   1
_entity_poly.type   'polypeptide(L)'
_entity_poly.pdbx_seq_one_letter_code
;MKCLFYIAGDVSNYSIVNYELNGQTQNTFFAAHALYNLFKPDKVIALIPDSLVKDNVSDEECYKNLVINRAKELNFAGME
EFMNKVEIRKIPNVGIASAIQCENGAPKKEKNKEGREVLKRLPYNEKRSPIFIFNAIYAIFKDEACDEYLVDLTHGTNVL
VSIGMNVGALFNAKFYSAPVMGMPGKDSIVNIVELTDVVQATNDSLMIRSSIENLDERYFKDYSAKLSRLNPTIFEEEEK
KVLTRVKGTDVNVVINFLWNIRNGFTVNAVKSMNELKNIINQLEEDLEKLKSFYKNWEEHKNFQGETLLVLSDLDSTLKV
KDLLIEGNDLEKLNYLLDLYIKASIYDKALSLARELPVAICLNKVGGGMFDDKNEKYKHCNEIVTSYLRLRYSGLMEFRN
TLMHGGLSTDMKPNVDKDGNITPGKIVTKNKIEDFVKRELRNYFDKIVNFLSSA
;
_entity_poly.pdbx_strand_id   A,B,C
#
# COMPACT_ATOMS: atom_id res chain seq x y z
N MET A 1 -16.26 39.63 7.59
CA MET A 1 -15.96 40.66 6.62
C MET A 1 -15.90 40.09 5.19
N LYS A 2 -16.70 40.69 4.30
CA LYS A 2 -16.85 40.31 2.89
C LYS A 2 -15.58 40.66 2.12
N CYS A 3 -15.29 39.94 1.03
CA CYS A 3 -14.10 40.14 0.20
C CYS A 3 -14.44 39.89 -1.25
N LEU A 4 -14.08 40.81 -2.16
CA LEU A 4 -14.37 40.62 -3.57
C LEU A 4 -13.13 40.51 -4.43
N PHE A 5 -12.92 39.31 -5.00
CA PHE A 5 -11.76 39.06 -5.90
C PHE A 5 -12.21 39.11 -7.36
N TYR A 6 -11.35 39.63 -8.25
CA TYR A 6 -11.73 39.76 -9.68
C TYR A 6 -10.47 39.56 -10.54
N ILE A 7 -10.66 39.15 -11.79
CA ILE A 7 -9.54 38.95 -12.76
C ILE A 7 -9.52 40.22 -13.63
N ALA A 8 -8.34 40.84 -13.77
CA ALA A 8 -8.23 42.15 -14.46
C ALA A 8 -8.63 42.15 -15.94
N GLY A 9 -8.26 41.12 -16.71
CA GLY A 9 -8.61 41.11 -18.14
C GLY A 9 -8.05 42.34 -18.83
N ASP A 10 -8.90 43.09 -19.55
CA ASP A 10 -8.47 44.33 -20.25
C ASP A 10 -9.56 45.40 -20.12
N VAL A 11 -9.21 46.59 -19.64
CA VAL A 11 -10.21 47.63 -19.47
C VAL A 11 -10.35 48.56 -20.71
N SER A 12 -9.30 48.64 -21.57
CA SER A 12 -9.26 49.51 -22.76
C SER A 12 -10.35 49.22 -23.82
N ASN A 13 -10.81 47.96 -23.92
CA ASN A 13 -11.81 47.54 -24.90
C ASN A 13 -13.26 47.85 -24.51
N TYR A 14 -13.80 47.09 -23.54
CA TYR A 14 -15.18 47.14 -23.07
C TYR A 14 -15.68 48.52 -22.65
N SER A 15 -16.99 48.75 -22.91
CA SER A 15 -17.74 49.99 -22.69
C SER A 15 -18.78 49.92 -21.55
N ILE A 16 -19.60 50.99 -21.43
CA ILE A 16 -20.68 51.16 -20.44
C ILE A 16 -21.86 50.26 -20.83
N VAL A 17 -22.43 49.57 -19.82
CA VAL A 17 -23.58 48.67 -19.93
C VAL A 17 -24.44 48.69 -18.65
N ASN A 18 -25.53 47.91 -18.64
CA ASN A 18 -26.44 47.81 -17.50
C ASN A 18 -26.30 46.41 -16.85
N TYR A 19 -25.36 46.26 -15.90
CA TYR A 19 -25.16 44.96 -15.22
C TYR A 19 -26.29 44.80 -14.18
N GLU A 20 -27.06 43.66 -14.25
CA GLU A 20 -28.19 43.35 -13.35
C GLU A 20 -28.15 41.90 -12.79
N LEU A 21 -28.71 41.73 -11.57
CA LEU A 21 -28.86 40.47 -10.82
C LEU A 21 -29.95 40.71 -9.77
N ASN A 22 -30.81 39.68 -9.54
CA ASN A 22 -31.93 39.69 -8.56
C ASN A 22 -32.93 40.87 -8.74
N GLY A 23 -33.08 41.34 -9.98
CA GLY A 23 -33.95 42.46 -10.33
C GLY A 23 -33.44 43.78 -9.77
N GLN A 24 -32.10 43.98 -9.82
CA GLN A 24 -31.40 45.17 -9.35
C GLN A 24 -30.20 45.37 -10.26
N THR A 25 -30.10 46.57 -10.89
CA THR A 25 -29.02 46.89 -11.84
C THR A 25 -28.11 48.03 -11.37
N GLN A 26 -26.95 48.15 -12.03
CA GLN A 26 -25.98 49.20 -11.75
C GLN A 26 -25.44 49.86 -13.00
N ASN A 27 -25.32 51.19 -12.91
CA ASN A 27 -24.81 52.09 -13.95
C ASN A 27 -23.27 52.08 -13.91
N THR A 28 -22.66 51.16 -14.70
CA THR A 28 -21.19 50.98 -14.77
C THR A 28 -20.74 50.47 -16.16
N PHE A 29 -19.40 50.34 -16.35
CA PHE A 29 -18.69 49.90 -17.56
C PHE A 29 -17.89 48.61 -17.34
N PHE A 30 -17.45 48.38 -16.08
CA PHE A 30 -16.66 47.21 -15.66
C PHE A 30 -17.43 46.37 -14.62
N ALA A 31 -17.43 45.04 -14.86
CA ALA A 31 -18.07 44.01 -14.06
C ALA A 31 -17.89 44.17 -12.56
N ALA A 32 -16.62 44.22 -12.11
CA ALA A 32 -16.24 44.33 -10.70
C ALA A 32 -17.01 45.39 -9.90
N HIS A 33 -17.19 46.60 -10.46
CA HIS A 33 -17.88 47.69 -9.74
C HIS A 33 -19.34 47.39 -9.47
N ALA A 34 -20.07 46.86 -10.48
CA ALA A 34 -21.48 46.52 -10.34
C ALA A 34 -21.72 45.62 -9.11
N LEU A 35 -20.91 44.55 -8.99
CA LEU A 35 -20.95 43.60 -7.88
C LEU A 35 -20.59 44.32 -6.59
N TYR A 36 -19.48 45.12 -6.61
CA TYR A 36 -19.00 45.89 -5.45
C TYR A 36 -20.11 46.78 -4.87
N ASN A 37 -20.78 47.55 -5.75
CA ASN A 37 -21.85 48.48 -5.36
C ASN A 37 -23.05 47.75 -4.76
N LEU A 38 -23.38 46.56 -5.33
CA LEU A 38 -24.51 45.74 -4.87
C LEU A 38 -24.23 44.96 -3.57
N PHE A 39 -22.99 44.46 -3.40
CA PHE A 39 -22.58 43.61 -2.28
C PHE A 39 -21.89 44.34 -1.11
N LYS A 40 -21.27 45.50 -1.38
CA LYS A 40 -20.52 46.30 -0.38
C LYS A 40 -19.40 45.45 0.32
N PRO A 41 -18.43 44.88 -0.45
CA PRO A 41 -17.36 44.10 0.19
C PRO A 41 -16.35 44.98 0.92
N ASP A 42 -15.97 44.57 2.15
CA ASP A 42 -15.02 45.27 3.01
C ASP A 42 -13.65 45.46 2.32
N LYS A 43 -13.22 44.47 1.50
CA LYS A 43 -11.97 44.49 0.73
C LYS A 43 -12.28 44.16 -0.74
N VAL A 44 -11.46 44.69 -1.68
CA VAL A 44 -11.55 44.38 -3.11
C VAL A 44 -10.15 44.09 -3.64
N ILE A 45 -9.96 42.88 -4.17
CA ILE A 45 -8.67 42.39 -4.66
C ILE A 45 -8.68 42.25 -6.19
N ALA A 46 -7.68 42.86 -6.84
CA ALA A 46 -7.48 42.81 -8.28
C ALA A 46 -6.39 41.76 -8.59
N LEU A 47 -6.55 41.04 -9.70
CA LEU A 47 -5.54 40.00 -10.05
C LEU A 47 -4.89 40.36 -11.39
N ILE A 48 -3.75 41.05 -11.34
CA ILE A 48 -3.05 41.42 -12.61
C ILE A 48 -2.23 40.21 -13.05
N PRO A 49 -2.43 39.70 -14.28
CA PRO A 49 -1.68 38.56 -14.81
C PRO A 49 -0.31 39.19 -15.09
N ASP A 50 0.74 38.36 -15.11
CA ASP A 50 2.14 38.81 -15.36
C ASP A 50 2.28 39.28 -16.81
N SER A 51 1.47 38.71 -17.73
CA SER A 51 1.50 39.10 -19.16
C SER A 51 0.92 40.51 -19.32
N LEU A 52 -0.40 40.62 -19.36
CA LEU A 52 -1.08 41.95 -19.44
C LEU A 52 -0.53 42.89 -18.36
N VAL A 53 0.03 44.03 -18.80
CA VAL A 53 0.61 45.15 -17.99
C VAL A 53 2.00 44.82 -17.44
N LYS A 54 2.98 45.68 -17.76
CA LYS A 54 4.37 45.60 -17.29
C LYS A 54 4.97 47.03 -17.23
N ASP A 55 5.03 47.63 -16.02
CA ASP A 55 5.47 49.02 -15.76
C ASP A 55 6.95 49.24 -15.42
N ASN A 56 7.68 48.19 -14.97
CA ASN A 56 9.10 48.23 -14.54
C ASN A 56 9.20 48.91 -13.16
N VAL A 57 8.53 50.08 -13.04
CA VAL A 57 8.41 50.90 -11.86
C VAL A 57 7.47 50.18 -10.86
N SER A 58 6.14 50.15 -11.20
CA SER A 58 5.05 49.55 -10.40
C SER A 58 3.85 49.12 -11.29
N ASP A 59 3.78 47.81 -11.65
CA ASP A 59 2.69 47.19 -12.43
C ASP A 59 1.37 47.38 -11.68
N GLU A 60 1.46 47.41 -10.33
CA GLU A 60 0.38 47.63 -9.34
C GLU A 60 -0.27 49.02 -9.55
N GLU A 61 0.55 50.04 -9.82
CA GLU A 61 0.05 51.38 -10.06
C GLU A 61 -0.40 51.54 -11.53
N CYS A 62 0.33 50.93 -12.50
CA CYS A 62 0.02 51.00 -13.93
C CYS A 62 -1.42 50.64 -14.27
N TYR A 63 -1.92 49.49 -13.74
CA TYR A 63 -3.31 49.08 -13.91
C TYR A 63 -4.22 50.09 -13.21
N LYS A 64 -3.88 50.47 -11.94
CA LYS A 64 -4.64 51.44 -11.14
C LYS A 64 -4.93 52.68 -12.01
N ASN A 65 -3.94 53.12 -12.83
CA ASN A 65 -4.08 54.24 -13.79
C ASN A 65 -4.82 53.82 -15.07
N LEU A 66 -4.48 52.65 -15.67
CA LEU A 66 -5.13 52.09 -16.88
C LEU A 66 -6.68 52.13 -16.79
N VAL A 67 -7.20 51.88 -15.57
CA VAL A 67 -8.63 51.88 -15.23
C VAL A 67 -9.16 53.33 -15.23
N ILE A 68 -8.47 54.25 -14.51
CA ILE A 68 -8.82 55.69 -14.42
C ILE A 68 -8.81 56.36 -15.79
N ASN A 69 -7.82 56.00 -16.66
CA ASN A 69 -7.66 56.51 -18.02
C ASN A 69 -8.83 56.07 -18.94
N ARG A 70 -9.40 54.88 -18.70
CA ARG A 70 -10.55 54.43 -19.46
C ARG A 70 -11.85 55.06 -18.93
N ALA A 71 -11.85 55.47 -17.63
CA ALA A 71 -12.99 56.17 -16.99
C ALA A 71 -13.11 57.59 -17.55
N LYS A 72 -11.95 58.23 -17.79
CA LYS A 72 -11.88 59.62 -18.31
C LYS A 72 -12.07 59.73 -19.82
N GLU A 73 -12.00 58.59 -20.52
CA GLU A 73 -12.21 58.56 -21.99
C GLU A 73 -13.71 58.37 -22.30
N LEU A 74 -14.48 58.04 -21.24
CA LEU A 74 -15.95 57.87 -21.34
C LEU A 74 -16.59 58.86 -20.36
N ASN A 75 -15.76 59.56 -19.58
CA ASN A 75 -16.28 60.54 -18.59
C ASN A 75 -17.28 59.88 -17.66
N PHE A 76 -16.80 58.92 -16.85
CA PHE A 76 -17.70 58.24 -15.88
C PHE A 76 -17.77 58.97 -14.54
N ALA A 77 -18.83 58.63 -13.79
CA ALA A 77 -19.18 59.11 -12.45
C ALA A 77 -18.64 58.17 -11.36
N GLY A 78 -17.88 58.74 -10.43
CA GLY A 78 -17.24 58.03 -9.34
C GLY A 78 -16.00 57.31 -9.81
N MET A 79 -15.86 56.01 -9.45
CA MET A 79 -14.76 55.12 -9.83
C MET A 79 -13.37 55.63 -9.42
N GLU A 80 -13.31 56.61 -8.51
CA GLU A 80 -12.06 57.19 -8.00
C GLU A 80 -11.95 56.89 -6.52
N GLU A 81 -13.12 56.93 -5.80
CA GLU A 81 -13.24 56.56 -4.38
C GLU A 81 -13.15 55.03 -4.30
N PHE A 82 -13.64 54.33 -5.36
CA PHE A 82 -13.58 52.88 -5.51
C PHE A 82 -12.11 52.40 -5.63
N MET A 83 -11.32 53.03 -6.55
CA MET A 83 -9.91 52.72 -6.86
C MET A 83 -8.94 52.76 -5.69
N ASN A 84 -9.18 53.67 -4.71
CA ASN A 84 -8.36 53.86 -3.52
C ASN A 84 -8.39 52.61 -2.63
N LYS A 85 -9.61 52.05 -2.43
CA LYS A 85 -9.93 50.87 -1.62
C LYS A 85 -9.45 49.52 -2.20
N VAL A 86 -9.28 49.44 -3.53
CA VAL A 86 -8.88 48.21 -4.21
C VAL A 86 -7.40 47.91 -4.00
N GLU A 87 -7.12 46.68 -3.55
CA GLU A 87 -5.81 46.09 -3.39
C GLU A 87 -5.52 45.45 -4.77
N ILE A 88 -4.29 45.56 -5.28
CA ILE A 88 -3.93 45.01 -6.59
C ILE A 88 -2.79 43.96 -6.48
N ARG A 89 -3.13 42.70 -6.77
CA ARG A 89 -2.24 41.54 -6.70
C ARG A 89 -1.83 40.98 -8.06
N LYS A 90 -0.51 40.80 -8.29
CA LYS A 90 0.02 40.27 -9.56
C LYS A 90 -0.05 38.73 -9.54
N ILE A 91 -0.67 38.15 -10.56
CA ILE A 91 -0.92 36.71 -10.69
C ILE A 91 -0.25 36.18 -11.94
N PRO A 92 0.39 35.00 -11.91
CA PRO A 92 1.02 34.48 -13.15
C PRO A 92 0.04 34.08 -14.25
N ASN A 93 0.59 33.68 -15.41
CA ASN A 93 -0.21 33.26 -16.58
C ASN A 93 0.61 32.29 -17.45
N VAL A 94 0.00 31.72 -18.48
CA VAL A 94 0.72 30.75 -19.37
C VAL A 94 0.33 31.00 -20.83
N GLY A 95 1.20 30.57 -21.75
CA GLY A 95 0.95 30.66 -23.20
C GLY A 95 1.25 32.01 -23.81
N ILE A 96 1.07 32.13 -25.13
CA ILE A 96 1.29 33.39 -25.88
C ILE A 96 0.19 34.38 -25.48
N ALA A 97 0.51 35.68 -25.43
CA ALA A 97 -0.51 36.68 -25.04
C ALA A 97 -0.12 38.07 -25.53
N SER A 98 -1.13 38.93 -25.68
CA SER A 98 -1.04 40.32 -26.10
C SER A 98 -0.61 41.14 -24.88
N ALA A 99 0.71 41.22 -24.63
CA ALA A 99 1.20 41.94 -23.47
C ALA A 99 1.36 43.43 -23.77
N ILE A 100 0.73 44.29 -22.95
CA ILE A 100 0.86 45.74 -23.17
C ILE A 100 1.93 46.33 -22.25
N GLN A 101 2.74 47.30 -22.78
CA GLN A 101 3.82 47.96 -22.02
C GLN A 101 3.26 49.12 -21.19
N CYS A 102 4.13 49.69 -20.35
CA CYS A 102 3.83 50.78 -19.44
C CYS A 102 5.14 51.56 -19.22
N GLU A 103 5.14 52.89 -19.47
CA GLU A 103 6.38 53.67 -19.36
C GLU A 103 6.84 53.93 -17.92
N ASN A 104 6.07 54.67 -17.08
CA ASN A 104 6.54 54.95 -15.73
C ASN A 104 5.46 54.88 -14.67
N GLY A 105 4.24 55.21 -15.06
CA GLY A 105 3.06 55.21 -14.20
C GLY A 105 1.81 55.26 -15.05
N ALA A 106 2.01 55.27 -16.38
CA ALA A 106 0.89 55.31 -17.35
C ALA A 106 1.27 54.50 -18.59
N PRO A 107 0.29 53.93 -19.35
CA PRO A 107 0.58 53.15 -20.54
C PRO A 107 1.17 54.10 -21.60
N LYS A 108 2.24 53.66 -22.28
CA LYS A 108 2.87 54.47 -23.36
C LYS A 108 1.89 54.29 -24.51
N LYS A 109 1.95 55.19 -25.49
CA LYS A 109 1.18 55.09 -26.77
C LYS A 109 2.06 54.40 -27.83
N GLU A 110 1.60 54.36 -29.09
CA GLU A 110 2.28 53.69 -30.25
C GLU A 110 1.49 53.96 -31.54
N LYS A 111 1.71 55.13 -32.15
CA LYS A 111 1.04 55.68 -33.35
C LYS A 111 0.71 54.59 -34.38
N ASN A 112 1.64 53.65 -34.61
CA ASN A 112 1.51 52.55 -35.61
C ASN A 112 1.44 53.14 -37.03
N LYS A 113 0.73 52.49 -37.96
CA LYS A 113 0.60 53.06 -39.34
C LYS A 113 -0.61 54.00 -39.49
N GLU A 114 -1.81 53.57 -39.12
CA GLU A 114 -3.04 54.40 -39.25
C GLU A 114 -3.39 54.94 -37.87
N GLY A 115 -4.22 54.16 -37.16
CA GLY A 115 -4.98 54.48 -35.92
C GLY A 115 -4.14 54.97 -34.75
N ARG A 116 -4.67 54.78 -33.54
CA ARG A 116 -3.93 55.10 -32.30
C ARG A 116 -3.82 53.81 -31.50
N GLU A 117 -2.63 53.46 -31.01
CA GLU A 117 -2.47 52.18 -30.31
C GLU A 117 -1.48 52.33 -29.16
N VAL A 118 -1.50 51.36 -28.25
CA VAL A 118 -0.64 51.22 -27.05
C VAL A 118 0.52 50.32 -27.47
N LEU A 119 1.32 49.84 -26.52
CA LEU A 119 2.46 48.96 -26.88
C LEU A 119 1.92 47.55 -26.71
N LYS A 120 1.77 46.83 -27.82
CA LYS A 120 1.30 45.41 -27.82
C LYS A 120 1.86 44.72 -29.08
N ARG A 121 3.13 44.29 -29.05
CA ARG A 121 3.75 43.64 -30.23
C ARG A 121 4.69 42.51 -29.80
N LEU A 122 4.21 41.26 -29.93
CA LEU A 122 4.93 40.00 -29.60
C LEU A 122 5.53 40.25 -28.21
N PRO A 123 4.71 40.59 -27.18
CA PRO A 123 5.24 40.89 -25.85
C PRO A 123 5.23 39.72 -24.86
N TYR A 124 4.70 38.55 -25.25
CA TYR A 124 4.63 37.44 -24.27
C TYR A 124 4.46 36.05 -24.90
N ASN A 125 5.28 35.14 -24.37
CA ASN A 125 5.30 33.66 -24.59
C ASN A 125 5.90 33.09 -23.30
N GLU A 126 5.19 32.21 -22.60
CA GLU A 126 5.74 31.64 -21.34
C GLU A 126 5.06 30.31 -21.06
N LYS A 127 5.87 29.29 -20.72
CA LYS A 127 5.41 27.94 -20.41
C LYS A 127 5.49 27.75 -18.88
N ARG A 128 4.32 27.59 -18.24
CA ARG A 128 4.12 27.41 -16.80
C ARG A 128 3.31 26.14 -16.54
N SER A 129 3.27 25.73 -15.24
CA SER A 129 2.38 24.65 -14.77
C SER A 129 1.14 25.34 -14.17
N PRO A 130 -0.10 24.86 -14.48
CA PRO A 130 -1.29 25.53 -13.93
C PRO A 130 -1.36 25.45 -12.41
N ILE A 131 -0.73 24.41 -11.81
CA ILE A 131 -0.67 24.21 -10.37
C ILE A 131 0.16 25.33 -9.71
N PHE A 132 1.16 25.89 -10.45
CA PHE A 132 2.00 27.01 -10.02
C PHE A 132 1.09 28.22 -9.88
N ILE A 133 0.32 28.51 -10.95
CA ILE A 133 -0.67 29.59 -11.01
C ILE A 133 -1.65 29.38 -9.87
N PHE A 134 -2.13 28.12 -9.70
CA PHE A 134 -3.06 27.71 -8.65
C PHE A 134 -2.52 28.07 -7.27
N ASN A 135 -1.25 27.65 -6.97
CA ASN A 135 -0.60 27.90 -5.69
C ASN A 135 -0.47 29.38 -5.42
N ALA A 136 -0.04 30.16 -6.44
CA ALA A 136 0.12 31.62 -6.38
C ALA A 136 -1.19 32.32 -6.01
N ILE A 137 -2.30 31.94 -6.68
CA ILE A 137 -3.65 32.49 -6.43
C ILE A 137 -4.15 32.05 -5.03
N TYR A 138 -3.94 30.74 -4.68
CA TYR A 138 -4.29 30.16 -3.38
C TYR A 138 -3.66 31.00 -2.26
N ALA A 139 -2.33 31.28 -2.38
CA ALA A 139 -1.56 32.05 -1.43
C ALA A 139 -2.23 33.38 -1.16
N ILE A 140 -2.61 34.11 -2.23
CA ILE A 140 -3.27 35.43 -2.16
C ILE A 140 -4.59 35.33 -1.38
N PHE A 141 -5.41 34.34 -1.76
CA PHE A 141 -6.71 34.03 -1.16
C PHE A 141 -6.63 33.73 0.35
N LYS A 142 -5.66 32.87 0.73
CA LYS A 142 -5.44 32.45 2.12
C LYS A 142 -5.06 33.64 3.03
N ASP A 143 -4.07 34.44 2.56
CA ASP A 143 -3.50 35.58 3.28
C ASP A 143 -4.39 36.82 3.38
N GLU A 144 -5.54 36.87 2.69
CA GLU A 144 -6.45 38.02 2.79
C GLU A 144 -7.26 38.01 4.09
N ALA A 145 -7.23 36.84 4.79
CA ALA A 145 -7.90 36.56 6.07
C ALA A 145 -9.39 36.95 6.09
N CYS A 146 -10.08 36.68 4.95
CA CYS A 146 -11.50 37.00 4.76
C CYS A 146 -12.41 35.95 5.35
N ASP A 147 -13.63 36.37 5.68
CA ASP A 147 -14.67 35.50 6.22
C ASP A 147 -15.58 35.06 5.08
N GLU A 148 -16.11 36.02 4.31
CA GLU A 148 -16.95 35.75 3.14
C GLU A 148 -16.11 35.95 1.88
N TYR A 149 -16.10 34.97 0.97
CA TYR A 149 -15.34 35.07 -0.29
C TYR A 149 -16.29 35.21 -1.47
N LEU A 150 -16.02 36.20 -2.35
CA LEU A 150 -16.79 36.52 -3.56
C LEU A 150 -15.83 36.61 -4.73
N VAL A 151 -16.05 35.81 -5.76
CA VAL A 151 -15.15 35.77 -6.92
C VAL A 151 -15.86 36.20 -8.20
N ASP A 152 -15.20 37.06 -8.98
CA ASP A 152 -15.65 37.57 -10.26
C ASP A 152 -14.80 36.94 -11.39
N LEU A 153 -15.37 36.00 -12.13
CA LEU A 153 -14.67 35.29 -13.22
C LEU A 153 -14.99 35.87 -14.60
N THR A 154 -15.60 37.07 -14.64
CA THR A 154 -15.99 37.76 -15.87
C THR A 154 -14.87 37.81 -16.88
N HIS A 155 -13.70 38.35 -16.48
CA HIS A 155 -12.54 38.47 -17.37
C HIS A 155 -11.50 37.39 -17.12
N GLY A 156 -10.49 37.36 -17.97
CA GLY A 156 -9.40 36.40 -17.85
C GLY A 156 -9.64 35.15 -18.64
N THR A 157 -8.55 34.51 -19.09
CA THR A 157 -8.56 33.30 -19.91
C THR A 157 -9.38 32.15 -19.31
N ASN A 158 -9.75 31.15 -20.16
CA ASN A 158 -10.47 29.95 -19.74
C ASN A 158 -9.59 29.17 -18.74
N VAL A 159 -8.26 29.33 -18.87
CA VAL A 159 -7.27 28.72 -17.99
C VAL A 159 -7.31 29.42 -16.62
N LEU A 160 -7.27 30.76 -16.59
CA LEU A 160 -7.32 31.51 -15.33
C LEU A 160 -8.66 31.40 -14.66
N VAL A 161 -9.76 31.41 -15.43
CA VAL A 161 -11.09 31.32 -14.84
C VAL A 161 -11.28 29.96 -14.17
N SER A 162 -10.87 28.89 -14.87
CA SER A 162 -10.95 27.53 -14.32
C SER A 162 -10.06 27.41 -13.06
N ILE A 163 -8.78 27.88 -13.13
CA ILE A 163 -7.84 27.87 -11.99
C ILE A 163 -8.40 28.67 -10.80
N GLY A 164 -8.89 29.86 -11.09
CA GLY A 164 -9.49 30.76 -10.11
C GLY A 164 -10.68 30.13 -9.44
N MET A 165 -11.43 29.29 -10.21
CA MET A 165 -12.60 28.56 -9.74
C MET A 165 -12.20 27.57 -8.65
N ASN A 166 -11.26 26.67 -8.97
CA ASN A 166 -10.77 25.65 -8.06
C ASN A 166 -10.17 26.22 -6.77
N VAL A 167 -9.53 27.39 -6.84
CA VAL A 167 -8.98 28.06 -5.66
C VAL A 167 -10.17 28.51 -4.82
N GLY A 168 -11.04 29.34 -5.39
CA GLY A 168 -12.23 29.87 -4.74
C GLY A 168 -13.10 28.81 -4.07
N ALA A 169 -13.16 27.62 -4.71
CA ALA A 169 -13.90 26.45 -4.24
C ALA A 169 -13.46 26.05 -2.85
N LEU A 170 -12.15 26.19 -2.56
CA LEU A 170 -11.54 25.88 -1.26
C LEU A 170 -11.72 26.99 -0.23
N PHE A 171 -12.42 28.09 -0.59
CA PHE A 171 -12.69 29.17 0.34
C PHE A 171 -14.20 29.46 0.49
N ASN A 172 -15.06 28.54 -0.05
CA ASN A 172 -16.53 28.62 -0.05
C ASN A 172 -16.94 29.98 -0.61
N ALA A 173 -16.48 30.21 -1.84
CA ALA A 173 -16.67 31.45 -2.55
C ALA A 173 -17.92 31.44 -3.38
N LYS A 174 -18.60 32.59 -3.44
CA LYS A 174 -19.77 32.77 -4.30
C LYS A 174 -19.16 33.26 -5.62
N PHE A 175 -19.34 32.49 -6.72
CA PHE A 175 -18.77 32.82 -8.03
C PHE A 175 -19.76 33.57 -8.91
N TYR A 176 -19.27 34.59 -9.65
CA TYR A 176 -20.05 35.43 -10.57
C TYR A 176 -19.34 35.69 -11.88
N SER A 177 -20.09 35.71 -12.99
CA SER A 177 -19.52 36.00 -14.32
C SER A 177 -20.58 36.65 -15.20
N ALA A 178 -20.19 37.71 -15.93
CA ALA A 178 -21.04 38.44 -16.86
C ALA A 178 -20.63 38.01 -18.28
N PRO A 179 -21.46 37.16 -18.95
CA PRO A 179 -21.10 36.68 -20.29
C PRO A 179 -21.14 37.80 -21.32
N VAL A 180 -19.92 38.28 -21.64
CA VAL A 180 -19.57 39.37 -22.55
C VAL A 180 -20.05 39.06 -23.98
N MET A 181 -19.39 38.10 -24.66
CA MET A 181 -19.65 37.61 -26.01
C MET A 181 -19.64 38.71 -27.08
N GLY A 182 -18.54 39.46 -27.13
CA GLY A 182 -18.36 40.59 -28.03
C GLY A 182 -18.50 41.89 -27.26
N MET A 183 -19.41 42.79 -27.71
CA MET A 183 -19.70 44.08 -27.06
C MET A 183 -21.02 44.70 -27.55
N PRO A 184 -21.94 45.16 -26.65
CA PRO A 184 -23.19 45.78 -27.13
C PRO A 184 -23.09 47.29 -27.39
N GLY A 185 -21.98 47.92 -26.95
CA GLY A 185 -21.73 49.35 -27.08
C GLY A 185 -22.39 50.11 -25.95
N LYS A 186 -23.33 51.01 -26.27
CA LYS A 186 -24.08 51.72 -25.20
C LYS A 186 -25.52 51.25 -25.19
N ASP A 187 -26.28 51.55 -24.13
CA ASP A 187 -27.71 51.16 -24.00
C ASP A 187 -27.95 49.65 -24.08
N SER A 188 -27.06 48.83 -23.52
CA SER A 188 -27.29 47.35 -23.48
C SER A 188 -27.23 46.87 -22.03
N ILE A 189 -28.13 45.97 -21.63
CA ILE A 189 -28.22 45.44 -20.24
C ILE A 189 -27.56 44.06 -20.24
N VAL A 190 -26.79 43.73 -19.19
CA VAL A 190 -26.06 42.46 -19.16
C VAL A 190 -26.43 41.79 -17.84
N ASN A 191 -26.72 40.48 -17.88
CA ASN A 191 -27.11 39.72 -16.70
C ASN A 191 -25.90 38.95 -16.14
N ILE A 192 -25.63 39.10 -14.82
CA ILE A 192 -24.51 38.41 -14.16
C ILE A 192 -24.96 37.05 -13.66
N VAL A 193 -24.32 35.97 -14.16
CA VAL A 193 -24.63 34.59 -13.76
C VAL A 193 -23.91 34.29 -12.44
N GLU A 194 -24.53 33.43 -11.62
CA GLU A 194 -23.92 32.97 -10.34
C GLU A 194 -23.51 31.53 -10.58
N LEU A 195 -22.20 31.23 -10.52
CA LEU A 195 -21.68 29.86 -10.75
C LEU A 195 -21.25 29.21 -9.44
N THR A 196 -22.06 29.36 -8.39
CA THR A 196 -21.75 28.75 -7.06
C THR A 196 -22.49 27.41 -6.97
N ASP A 197 -23.75 27.40 -7.41
CA ASP A 197 -24.62 26.19 -7.42
C ASP A 197 -24.03 25.07 -8.29
N VAL A 198 -23.38 25.41 -9.40
CA VAL A 198 -22.74 24.43 -10.30
C VAL A 198 -21.54 23.78 -9.58
N VAL A 199 -20.77 24.62 -8.85
CA VAL A 199 -19.60 24.22 -8.08
C VAL A 199 -20.05 23.38 -6.88
N GLN A 200 -21.16 23.76 -6.22
CA GLN A 200 -21.65 22.94 -5.11
C GLN A 200 -22.18 21.59 -5.63
N ALA A 201 -22.99 21.62 -6.72
CA ALA A 201 -23.58 20.44 -7.36
C ALA A 201 -22.55 19.34 -7.59
N THR A 202 -21.35 19.73 -8.07
CA THR A 202 -20.28 18.78 -8.36
C THR A 202 -19.66 18.23 -7.04
N ASN A 203 -19.32 19.08 -6.03
CA ASN A 203 -18.81 18.57 -4.74
C ASN A 203 -19.82 17.60 -4.11
N ASP A 204 -21.11 18.01 -4.04
CA ASP A 204 -22.22 17.22 -3.52
C ASP A 204 -22.21 15.82 -4.14
N SER A 205 -22.07 15.74 -5.47
CA SER A 205 -22.02 14.47 -6.21
C SER A 205 -20.81 13.64 -5.88
N LEU A 206 -19.61 14.27 -5.75
CA LEU A 206 -18.38 13.54 -5.41
C LEU A 206 -18.45 12.96 -4.01
N MET A 207 -19.08 13.71 -3.10
CA MET A 207 -19.30 13.31 -1.70
C MET A 207 -20.32 12.17 -1.60
N ILE A 208 -21.47 12.32 -2.30
CA ILE A 208 -22.54 11.33 -2.37
C ILE A 208 -21.97 10.02 -2.90
N ARG A 209 -21.13 10.07 -3.94
CA ARG A 209 -20.50 8.86 -4.52
C ARG A 209 -19.62 8.10 -3.52
N SER A 210 -18.95 8.83 -2.60
CA SER A 210 -18.12 8.20 -1.57
C SER A 210 -18.97 7.64 -0.42
N SER A 211 -20.19 8.18 -0.18
CA SER A 211 -21.12 7.70 0.87
C SER A 211 -21.43 6.27 0.63
N ILE A 212 -21.61 5.94 -0.63
CA ILE A 212 -21.91 4.61 -1.09
C ILE A 212 -20.62 3.81 -1.04
N GLU A 213 -19.55 4.33 -1.70
CA GLU A 213 -18.25 3.66 -1.80
C GLU A 213 -17.74 3.19 -0.44
N ASN A 214 -17.73 4.08 0.56
CA ASN A 214 -17.23 3.85 1.90
C ASN A 214 -18.30 3.57 2.97
N LEU A 215 -19.58 3.30 2.54
CA LEU A 215 -20.72 3.01 3.42
C LEU A 215 -20.86 4.05 4.56
N ASP A 216 -20.68 5.32 4.25
CA ASP A 216 -20.75 6.34 5.27
C ASP A 216 -21.75 7.43 4.86
N GLU A 217 -22.87 7.55 5.60
CA GLU A 217 -23.96 8.51 5.38
C GLU A 217 -23.61 9.95 5.77
N ARG A 218 -22.51 10.12 6.50
CA ARG A 218 -22.09 11.46 6.90
C ARG A 218 -21.63 12.27 5.67
N TYR A 219 -21.33 11.57 4.55
CA TYR A 219 -20.89 12.14 3.27
C TYR A 219 -22.07 12.39 2.31
N PHE A 220 -23.23 11.79 2.60
CA PHE A 220 -24.40 11.97 1.76
C PHE A 220 -25.04 13.33 2.03
N LYS A 221 -25.15 14.16 0.95
CA LYS A 221 -25.75 15.50 1.02
C LYS A 221 -27.23 15.37 0.78
N ASP A 222 -28.05 15.78 1.78
CA ASP A 222 -29.51 15.64 1.73
C ASP A 222 -30.19 16.75 0.93
N TYR A 223 -30.36 16.49 -0.38
CA TYR A 223 -30.99 17.40 -1.35
C TYR A 223 -32.53 17.28 -1.32
N SER A 224 -33.09 16.79 -0.20
CA SER A 224 -34.53 16.66 0.02
C SER A 224 -35.17 18.06 0.03
N ALA A 225 -34.53 19.00 0.74
CA ALA A 225 -34.98 20.39 0.87
C ALA A 225 -34.98 21.14 -0.47
N LYS A 226 -33.92 20.90 -1.27
CA LYS A 226 -33.71 21.43 -2.62
C LYS A 226 -34.90 20.99 -3.47
N LEU A 227 -35.28 19.70 -3.37
CA LEU A 227 -36.40 19.09 -4.08
C LEU A 227 -37.77 19.52 -3.57
N SER A 228 -37.91 19.75 -2.26
CA SER A 228 -39.18 20.16 -1.65
C SER A 228 -39.62 21.54 -2.14
N ARG A 229 -38.69 22.52 -2.24
CA ARG A 229 -39.02 23.88 -2.69
C ARG A 229 -38.97 24.03 -4.22
N LEU A 230 -38.61 22.94 -4.92
CA LEU A 230 -38.53 22.91 -6.38
C LEU A 230 -39.96 22.97 -6.95
N ASN A 231 -40.30 24.10 -7.56
CA ASN A 231 -41.66 24.25 -8.17
C ASN A 231 -41.70 25.45 -9.12
N PRO A 232 -41.29 25.31 -10.40
CA PRO A 232 -41.30 26.42 -11.35
C PRO A 232 -42.71 26.94 -11.68
N THR A 233 -42.80 28.19 -12.13
CA THR A 233 -44.10 28.84 -12.43
C THR A 233 -44.74 28.27 -13.71
N ILE A 234 -43.93 27.89 -14.70
CA ILE A 234 -44.48 27.37 -15.99
C ILE A 234 -44.07 25.90 -16.18
N PHE A 235 -45.04 25.04 -16.56
CA PHE A 235 -44.74 23.60 -16.76
C PHE A 235 -45.84 22.92 -17.58
N GLU A 236 -45.42 22.00 -18.46
CA GLU A 236 -46.28 21.18 -19.33
C GLU A 236 -46.71 19.93 -18.54
N GLU A 237 -47.69 19.18 -19.06
CA GLU A 237 -48.25 17.96 -18.46
C GLU A 237 -47.27 16.78 -18.38
N GLU A 238 -46.29 16.69 -19.30
CA GLU A 238 -45.29 15.62 -19.30
C GLU A 238 -44.18 15.92 -18.27
N GLU A 239 -43.74 17.20 -18.21
CA GLU A 239 -42.72 17.66 -17.27
C GLU A 239 -43.25 17.76 -15.84
N LYS A 240 -44.53 18.16 -15.64
CA LYS A 240 -45.17 18.18 -14.32
C LYS A 240 -45.27 16.75 -13.78
N LYS A 241 -45.53 15.77 -14.68
CA LYS A 241 -45.63 14.35 -14.34
C LYS A 241 -44.34 13.86 -13.68
N VAL A 242 -43.19 14.08 -14.37
CA VAL A 242 -41.86 13.64 -13.95
C VAL A 242 -41.31 14.45 -12.76
N LEU A 243 -41.59 15.75 -12.69
CA LEU A 243 -41.10 16.58 -11.60
C LEU A 243 -41.76 16.30 -10.27
N THR A 244 -43.01 15.83 -10.31
CA THR A 244 -43.75 15.47 -9.09
C THR A 244 -43.22 14.12 -8.58
N ARG A 245 -42.79 13.23 -9.53
CA ARG A 245 -42.19 11.92 -9.25
C ARG A 245 -40.84 12.08 -8.54
N VAL A 246 -39.94 12.92 -9.12
CA VAL A 246 -38.60 13.24 -8.60
C VAL A 246 -38.72 13.94 -7.24
N LYS A 247 -39.62 14.95 -7.16
CA LYS A 247 -39.88 15.74 -5.93
C LYS A 247 -40.20 14.89 -4.68
N GLY A 248 -40.69 13.67 -4.89
CA GLY A 248 -41.07 12.76 -3.81
C GLY A 248 -40.29 11.45 -3.73
N THR A 249 -39.01 11.49 -4.13
CA THR A 249 -38.14 10.32 -4.04
C THR A 249 -37.60 10.28 -2.61
N ASP A 250 -37.73 9.11 -1.95
CA ASP A 250 -37.36 8.89 -0.54
C ASP A 250 -35.86 8.81 -0.33
N VAL A 251 -35.19 9.96 -0.42
CA VAL A 251 -33.74 10.11 -0.19
C VAL A 251 -33.39 9.70 1.25
N ASN A 252 -34.29 10.00 2.22
CA ASN A 252 -34.09 9.66 3.63
C ASN A 252 -33.90 8.16 3.85
N VAL A 253 -34.52 7.31 3.01
CA VAL A 253 -34.37 5.85 3.10
C VAL A 253 -32.93 5.43 2.73
N VAL A 254 -32.36 6.12 1.72
CA VAL A 254 -31.00 5.93 1.22
C VAL A 254 -30.04 6.34 2.35
N ILE A 255 -30.32 7.47 3.01
CA ILE A 255 -29.53 7.97 4.13
C ILE A 255 -29.60 6.99 5.33
N ASN A 256 -30.80 6.51 5.64
CA ASN A 256 -31.02 5.59 6.74
C ASN A 256 -30.33 4.25 6.50
N PHE A 257 -30.35 3.78 5.24
CA PHE A 257 -29.70 2.55 4.80
C PHE A 257 -28.22 2.64 5.12
N LEU A 258 -27.60 3.79 4.78
CA LEU A 258 -26.18 4.02 5.03
C LEU A 258 -25.90 4.13 6.51
N TRP A 259 -26.79 4.77 7.28
CA TRP A 259 -26.64 4.91 8.73
C TRP A 259 -26.59 3.55 9.42
N ASN A 260 -27.48 2.63 9.01
CA ASN A 260 -27.54 1.28 9.57
C ASN A 260 -26.28 0.51 9.17
N ILE A 261 -25.94 0.48 7.85
CA ILE A 261 -24.70 -0.17 7.39
C ILE A 261 -23.48 0.36 8.16
N ARG A 262 -23.40 1.68 8.36
CA ARG A 262 -22.28 2.26 9.09
C ARG A 262 -22.22 1.84 10.54
N ASN A 263 -23.37 1.89 11.26
CA ASN A 263 -23.41 1.58 12.68
C ASN A 263 -23.62 0.10 13.00
N GLY A 264 -23.64 -0.72 11.96
CA GLY A 264 -23.69 -2.18 12.10
C GLY A 264 -25.02 -2.82 12.43
N PHE A 265 -26.16 -2.15 12.10
CA PHE A 265 -27.51 -2.68 12.24
C PHE A 265 -27.79 -3.44 10.94
N THR A 266 -27.02 -4.52 10.77
CA THR A 266 -26.98 -5.39 9.60
C THR A 266 -28.33 -5.99 9.27
N VAL A 267 -29.12 -6.40 10.29
CA VAL A 267 -30.45 -6.99 10.10
C VAL A 267 -31.41 -5.95 9.49
N ASN A 268 -31.51 -4.77 10.13
CA ASN A 268 -32.41 -3.68 9.67
C ASN A 268 -32.03 -3.25 8.25
N ALA A 269 -30.74 -3.10 7.97
CA ALA A 269 -30.28 -2.65 6.64
C ALA A 269 -30.70 -3.66 5.58
N VAL A 270 -30.58 -4.95 5.88
CA VAL A 270 -30.90 -6.04 4.90
C VAL A 270 -32.39 -6.04 4.59
N LYS A 271 -33.25 -5.75 5.58
CA LYS A 271 -34.72 -5.75 5.36
C LYS A 271 -35.11 -4.65 4.36
N SER A 272 -34.42 -3.51 4.44
CA SER A 272 -34.65 -2.32 3.57
C SER A 272 -34.31 -2.51 2.09
N MET A 273 -33.19 -3.18 1.81
CA MET A 273 -32.64 -3.45 0.44
C MET A 273 -33.72 -3.72 -0.63
N ASN A 274 -34.91 -4.13 -0.19
CA ASN A 274 -36.02 -4.35 -1.16
C ASN A 274 -36.69 -2.99 -1.39
N GLU A 275 -37.00 -2.28 -0.30
CA GLU A 275 -37.64 -0.96 -0.39
C GLU A 275 -36.79 -0.06 -1.30
N LEU A 276 -35.46 -0.06 -1.06
CA LEU A 276 -34.48 0.72 -1.81
C LEU A 276 -34.40 0.31 -3.27
N LYS A 277 -34.53 -1.01 -3.57
CA LYS A 277 -34.51 -1.51 -4.95
C LYS A 277 -35.60 -0.80 -5.73
N ASN A 278 -36.77 -0.65 -5.11
CA ASN A 278 -37.91 0.02 -5.70
C ASN A 278 -37.70 1.51 -5.80
N ILE A 279 -37.10 2.12 -4.76
CA ILE A 279 -36.82 3.57 -4.75
C ILE A 279 -35.89 3.93 -5.92
N ILE A 280 -34.81 3.15 -6.10
CA ILE A 280 -33.85 3.43 -7.17
C ILE A 280 -34.39 2.99 -8.54
N ASN A 281 -35.29 1.98 -8.58
CA ASN A 281 -35.85 1.59 -9.89
C ASN A 281 -36.78 2.68 -10.42
N GLN A 282 -37.48 3.39 -9.51
CA GLN A 282 -38.37 4.51 -9.83
C GLN A 282 -37.49 5.69 -10.22
N LEU A 283 -36.36 5.89 -9.51
CA LEU A 283 -35.44 6.98 -9.80
C LEU A 283 -34.74 6.78 -11.13
N GLU A 284 -34.41 5.51 -11.50
CA GLU A 284 -33.79 5.19 -12.78
C GLU A 284 -34.66 5.66 -13.93
N GLU A 285 -35.98 5.33 -13.92
CA GLU A 285 -36.91 5.76 -14.99
C GLU A 285 -37.22 7.27 -14.95
N ASP A 286 -37.22 7.88 -13.74
CA ASP A 286 -37.40 9.32 -13.55
C ASP A 286 -36.25 10.03 -14.24
N LEU A 287 -35.01 9.53 -13.98
CA LEU A 287 -33.76 10.04 -14.51
C LEU A 287 -33.64 9.81 -16.00
N GLU A 288 -34.02 8.62 -16.53
CA GLU A 288 -33.96 8.36 -17.98
C GLU A 288 -34.83 9.35 -18.72
N LYS A 289 -36.00 9.73 -18.13
CA LYS A 289 -36.96 10.71 -18.64
C LYS A 289 -36.29 12.08 -18.61
N LEU A 290 -35.79 12.49 -17.42
CA LEU A 290 -35.09 13.77 -17.23
C LEU A 290 -33.90 13.90 -18.15
N LYS A 291 -33.29 12.77 -18.56
CA LYS A 291 -32.14 12.73 -19.45
C LYS A 291 -32.53 13.07 -20.88
N SER A 292 -33.54 12.38 -21.46
CA SER A 292 -34.04 12.67 -22.81
C SER A 292 -34.63 14.09 -22.85
N PHE A 293 -35.14 14.59 -21.71
CA PHE A 293 -35.65 15.94 -21.56
C PHE A 293 -34.51 16.96 -21.79
N TYR A 294 -33.34 16.70 -21.16
CA TYR A 294 -32.16 17.56 -21.24
C TYR A 294 -31.31 17.25 -22.49
N LYS A 295 -31.50 16.07 -23.11
CA LYS A 295 -30.83 15.70 -24.37
C LYS A 295 -31.51 16.48 -25.49
N ASN A 296 -32.84 16.73 -25.34
CA ASN A 296 -33.68 17.48 -26.26
C ASN A 296 -34.14 18.73 -25.52
N TRP A 297 -33.17 19.43 -24.90
CA TRP A 297 -33.32 20.63 -24.09
C TRP A 297 -33.99 21.82 -24.74
N GLU A 298 -33.88 21.91 -26.06
CA GLU A 298 -34.47 23.05 -26.83
C GLU A 298 -36.01 22.95 -26.89
N GLU A 299 -36.54 21.72 -26.90
CA GLU A 299 -38.01 21.53 -26.95
C GLU A 299 -38.46 21.97 -25.55
N HIS A 300 -37.75 21.51 -24.50
CA HIS A 300 -38.04 21.98 -23.12
C HIS A 300 -37.29 23.15 -22.45
N LYS A 301 -37.75 24.38 -22.73
CA LYS A 301 -37.09 25.62 -22.28
C LYS A 301 -37.72 26.17 -20.99
N ASN A 302 -38.53 25.34 -20.36
CA ASN A 302 -39.23 25.74 -19.13
C ASN A 302 -38.28 25.65 -17.93
N PHE A 303 -37.41 24.63 -17.94
CA PHE A 303 -36.37 24.39 -16.96
C PHE A 303 -35.23 25.41 -17.13
N GLN A 304 -35.26 26.18 -18.24
CA GLN A 304 -34.33 27.22 -18.68
C GLN A 304 -33.80 28.07 -17.54
N GLY A 305 -34.69 28.54 -16.66
CA GLY A 305 -34.34 29.36 -15.51
C GLY A 305 -34.32 28.65 -14.18
N GLU A 306 -34.80 27.38 -14.13
CA GLU A 306 -34.85 26.59 -12.89
C GLU A 306 -33.47 26.09 -12.43
N THR A 307 -33.14 26.43 -11.17
CA THR A 307 -31.88 26.13 -10.52
C THR A 307 -31.92 24.84 -9.67
N LEU A 308 -32.92 24.72 -8.77
CA LEU A 308 -33.12 23.64 -7.79
C LEU A 308 -33.03 22.19 -8.32
N LEU A 309 -33.38 21.93 -9.60
CA LEU A 309 -33.26 20.57 -10.12
C LEU A 309 -31.90 20.33 -10.74
N VAL A 310 -31.14 19.39 -10.18
CA VAL A 310 -29.81 19.09 -10.70
C VAL A 310 -29.63 17.59 -10.82
N LEU A 311 -29.41 17.12 -12.06
CA LEU A 311 -29.24 15.73 -12.49
C LEU A 311 -28.15 14.97 -11.73
N SER A 312 -26.97 15.59 -11.57
CA SER A 312 -25.81 15.01 -10.89
C SER A 312 -26.16 14.51 -9.48
N ASP A 313 -26.98 15.28 -8.71
CA ASP A 313 -27.44 14.91 -7.38
C ASP A 313 -28.24 13.60 -7.43
N LEU A 314 -29.11 13.46 -8.42
CA LEU A 314 -29.95 12.28 -8.54
C LEU A 314 -29.20 11.11 -9.12
N ASP A 315 -28.44 11.33 -10.21
CA ASP A 315 -27.65 10.30 -10.86
C ASP A 315 -26.63 9.67 -9.87
N SER A 316 -26.02 10.51 -8.99
CA SER A 316 -25.05 10.05 -7.99
C SER A 316 -25.74 9.19 -6.93
N THR A 317 -27.05 9.46 -6.67
CA THR A 317 -27.88 8.69 -5.76
C THR A 317 -28.14 7.28 -6.31
N LEU A 318 -28.20 7.12 -7.64
CA LEU A 318 -28.39 5.82 -8.28
C LEU A 318 -27.23 4.82 -8.05
N LYS A 319 -26.07 5.32 -7.57
CA LYS A 319 -24.89 4.51 -7.26
C LYS A 319 -25.20 3.59 -6.07
N VAL A 320 -26.25 3.92 -5.26
CA VAL A 320 -26.66 3.13 -4.10
C VAL A 320 -27.15 1.73 -4.53
N LYS A 321 -27.40 1.56 -5.84
CA LYS A 321 -27.79 0.28 -6.45
C LYS A 321 -26.67 -0.75 -6.22
N ASP A 322 -25.40 -0.28 -6.21
CA ASP A 322 -24.22 -1.10 -6.01
C ASP A 322 -24.19 -1.75 -4.63
N LEU A 323 -25.01 -1.25 -3.69
CA LEU A 323 -25.09 -1.77 -2.33
C LEU A 323 -26.21 -2.83 -2.18
N LEU A 324 -27.05 -2.99 -3.22
CA LEU A 324 -28.18 -3.93 -3.16
C LEU A 324 -27.94 -5.22 -3.93
N ILE A 325 -28.59 -6.29 -3.42
CA ILE A 325 -28.58 -7.66 -3.94
C ILE A 325 -29.99 -8.23 -3.73
N GLU A 326 -30.28 -9.34 -4.42
CA GLU A 326 -31.56 -10.05 -4.36
C GLU A 326 -31.36 -11.37 -3.60
N GLY A 327 -32.41 -11.85 -2.92
CA GLY A 327 -32.38 -13.11 -2.19
C GLY A 327 -32.95 -13.03 -0.80
N ASN A 328 -32.79 -14.12 -0.02
CA ASN A 328 -33.26 -14.16 1.35
C ASN A 328 -32.38 -13.29 2.21
N ASP A 329 -32.87 -12.85 3.36
CA ASP A 329 -32.12 -11.98 4.27
C ASP A 329 -30.70 -12.52 4.59
N LEU A 330 -30.51 -13.85 4.64
CA LEU A 330 -29.20 -14.47 4.88
C LEU A 330 -28.24 -14.23 3.71
N GLU A 331 -28.75 -14.28 2.47
CA GLU A 331 -27.99 -14.05 1.24
C GLU A 331 -27.66 -12.55 1.11
N LYS A 332 -28.59 -11.70 1.57
CA LYS A 332 -28.39 -10.25 1.56
C LYS A 332 -27.25 -9.88 2.54
N LEU A 333 -27.27 -10.41 3.80
CA LEU A 333 -26.22 -10.20 4.82
C LEU A 333 -24.84 -10.69 4.35
N ASN A 334 -24.83 -11.77 3.56
CA ASN A 334 -23.63 -12.38 2.99
C ASN A 334 -22.90 -11.39 2.05
N TYR A 335 -23.68 -10.64 1.25
CA TYR A 335 -23.21 -9.62 0.31
C TYR A 335 -22.76 -8.42 1.14
N LEU A 336 -23.54 -8.06 2.18
CA LEU A 336 -23.22 -6.95 3.07
C LEU A 336 -21.84 -7.14 3.68
N LEU A 337 -21.47 -8.41 3.97
CA LEU A 337 -20.15 -8.79 4.51
C LEU A 337 -19.06 -8.38 3.53
N ASP A 338 -19.25 -8.74 2.25
CA ASP A 338 -18.32 -8.38 1.19
C ASP A 338 -18.15 -6.86 1.08
N LEU A 339 -19.27 -6.09 1.19
CA LEU A 339 -19.31 -4.63 1.12
C LEU A 339 -18.48 -4.02 2.24
N TYR A 340 -18.56 -4.62 3.44
CA TYR A 340 -17.79 -4.21 4.62
C TYR A 340 -16.30 -4.49 4.43
N ILE A 341 -15.93 -5.43 3.53
CA ILE A 341 -14.54 -5.76 3.28
C ILE A 341 -14.00 -4.78 2.23
N LYS A 342 -14.79 -4.53 1.15
CA LYS A 342 -14.51 -3.57 0.07
C LYS A 342 -14.18 -2.19 0.70
N ALA A 343 -15.14 -1.55 1.44
CA ALA A 343 -14.91 -0.33 2.23
C ALA A 343 -14.07 -0.87 3.36
N SER A 344 -13.04 -0.19 3.81
CA SER A 344 -12.24 -0.92 4.80
C SER A 344 -12.77 -0.80 6.23
N ILE A 345 -14.02 -1.23 6.45
CA ILE A 345 -14.66 -1.16 7.76
C ILE A 345 -14.54 -2.59 8.38
N TYR A 346 -13.33 -2.84 8.93
CA TYR A 346 -12.84 -4.09 9.53
C TYR A 346 -13.67 -4.67 10.67
N ASP A 347 -14.02 -3.85 11.65
CA ASP A 347 -14.77 -4.30 12.86
C ASP A 347 -16.14 -4.87 12.46
N LYS A 348 -16.91 -4.13 11.67
CA LYS A 348 -18.24 -4.57 11.28
C LYS A 348 -18.15 -5.83 10.42
N ALA A 349 -17.13 -5.92 9.54
CA ALA A 349 -16.93 -7.11 8.70
C ALA A 349 -16.67 -8.34 9.57
N LEU A 350 -15.81 -8.21 10.61
CA LEU A 350 -15.45 -9.32 11.50
C LEU A 350 -16.62 -9.85 12.30
N SER A 351 -17.40 -8.94 12.95
CA SER A 351 -18.57 -9.28 13.77
C SER A 351 -19.59 -9.99 12.89
N LEU A 352 -19.84 -9.46 11.65
CA LEU A 352 -20.75 -10.10 10.70
C LEU A 352 -20.21 -11.46 10.24
N ALA A 353 -18.90 -11.59 10.03
CA ALA A 353 -18.32 -12.86 9.62
C ALA A 353 -18.47 -13.90 10.72
N ARG A 354 -18.36 -13.49 11.99
CA ARG A 354 -18.41 -14.38 13.13
C ARG A 354 -19.83 -14.79 13.53
N GLU A 355 -20.83 -13.88 13.35
CA GLU A 355 -22.23 -14.14 13.69
C GLU A 355 -23.05 -14.67 12.54
N LEU A 356 -22.73 -14.32 11.28
CA LEU A 356 -23.50 -14.82 10.13
C LEU A 356 -23.54 -16.38 10.09
N PRO A 357 -22.43 -17.13 10.37
CA PRO A 357 -22.52 -18.60 10.38
C PRO A 357 -23.51 -19.19 11.40
N VAL A 358 -23.77 -18.47 12.53
CA VAL A 358 -24.77 -18.86 13.56
C VAL A 358 -26.19 -18.75 12.97
N ALA A 359 -26.52 -17.63 12.31
CA ALA A 359 -27.82 -17.43 11.64
C ALA A 359 -28.00 -18.44 10.50
N ILE A 360 -26.91 -18.87 9.83
CA ILE A 360 -26.91 -19.87 8.75
C ILE A 360 -27.29 -21.23 9.40
N CYS A 361 -26.58 -21.60 10.48
CA CYS A 361 -26.82 -22.81 11.28
C CYS A 361 -28.29 -22.84 11.75
N LEU A 362 -28.78 -21.73 12.36
CA LEU A 362 -30.15 -21.58 12.86
C LEU A 362 -31.18 -21.79 11.77
N ASN A 363 -30.87 -21.45 10.49
CA ASN A 363 -31.77 -21.66 9.36
C ASN A 363 -31.86 -23.17 9.08
N LYS A 364 -30.70 -23.88 9.10
CA LYS A 364 -30.62 -25.33 8.85
C LYS A 364 -31.48 -26.13 9.85
N VAL A 365 -31.53 -25.67 11.10
CA VAL A 365 -32.27 -26.35 12.16
C VAL A 365 -33.74 -25.86 12.29
N GLY A 366 -34.27 -25.23 11.24
CA GLY A 366 -35.65 -24.77 11.20
C GLY A 366 -35.94 -23.37 11.69
N GLY A 367 -34.94 -22.72 12.29
CA GLY A 367 -35.05 -21.35 12.77
C GLY A 367 -35.20 -21.18 14.26
N GLY A 368 -34.83 -19.97 14.71
CA GLY A 368 -34.89 -19.54 16.10
C GLY A 368 -34.38 -18.14 16.34
N MET A 369 -34.68 -17.60 17.51
CA MET A 369 -34.27 -16.28 17.97
C MET A 369 -32.79 -16.28 18.41
N PHE A 370 -32.10 -15.15 18.24
CA PHE A 370 -30.72 -14.96 18.69
C PHE A 370 -30.76 -14.59 20.17
N ASP A 371 -31.13 -15.58 21.01
CA ASP A 371 -31.26 -15.46 22.46
C ASP A 371 -30.68 -16.71 23.10
N ASP A 372 -30.05 -16.58 24.29
CA ASP A 372 -29.42 -17.69 25.04
C ASP A 372 -30.47 -18.69 25.59
N LYS A 373 -31.72 -18.24 25.67
CA LYS A 373 -32.90 -19.00 26.11
C LYS A 373 -33.29 -20.00 25.00
N ASN A 374 -32.99 -19.66 23.72
CA ASN A 374 -33.27 -20.51 22.56
C ASN A 374 -32.26 -21.61 22.50
N GLU A 375 -32.75 -22.85 22.46
CA GLU A 375 -31.91 -24.05 22.43
C GLU A 375 -31.14 -24.18 21.13
N LYS A 376 -31.84 -23.98 19.98
CA LYS A 376 -31.25 -24.05 18.63
C LYS A 376 -30.06 -23.10 18.51
N TYR A 377 -30.22 -21.84 18.99
CA TYR A 377 -29.15 -20.85 18.99
C TYR A 377 -28.01 -21.31 19.90
N LYS A 378 -28.32 -21.58 21.20
CA LYS A 378 -27.36 -22.00 22.25
C LYS A 378 -26.27 -22.95 21.71
N HIS A 379 -26.68 -24.01 20.98
CA HIS A 379 -25.77 -24.99 20.41
C HIS A 379 -25.15 -24.54 19.10
N CYS A 380 -25.93 -23.86 18.22
CA CYS A 380 -25.40 -23.32 16.96
C CYS A 380 -24.19 -22.46 17.26
N ASN A 381 -24.33 -21.55 18.25
CA ASN A 381 -23.27 -20.66 18.69
C ASN A 381 -22.08 -21.46 19.17
N GLU A 382 -22.31 -22.50 20.02
CA GLU A 382 -21.29 -23.40 20.56
C GLU A 382 -20.48 -24.07 19.45
N ILE A 383 -21.15 -24.54 18.38
CA ILE A 383 -20.48 -25.18 17.24
C ILE A 383 -19.60 -24.16 16.54
N VAL A 384 -20.19 -23.00 16.18
CA VAL A 384 -19.49 -21.91 15.47
C VAL A 384 -18.28 -21.45 16.29
N THR A 385 -18.51 -21.06 17.55
CA THR A 385 -17.48 -20.59 18.51
C THR A 385 -16.35 -21.61 18.67
N SER A 386 -16.69 -22.90 18.79
CA SER A 386 -15.71 -23.96 18.96
C SER A 386 -14.97 -24.31 17.68
N TYR A 387 -15.73 -24.55 16.61
CA TYR A 387 -15.03 -24.79 15.34
C TYR A 387 -14.16 -23.56 15.11
N LEU A 388 -14.69 -22.40 15.53
CA LEU A 388 -14.12 -21.02 15.46
C LEU A 388 -12.93 -20.84 16.41
N ARG A 389 -12.83 -21.64 17.48
CA ARG A 389 -11.66 -21.48 18.40
C ARG A 389 -10.65 -22.60 18.12
N LEU A 390 -11.09 -23.62 17.39
CA LEU A 390 -10.27 -24.81 17.02
C LEU A 390 -9.41 -24.36 15.84
N ARG A 391 -10.09 -24.04 14.73
CA ARG A 391 -9.46 -23.47 13.51
C ARG A 391 -9.94 -22.01 13.41
N TYR A 392 -9.21 -21.17 12.66
CA TYR A 392 -9.64 -19.74 12.53
C TYR A 392 -9.58 -18.97 13.86
N SER A 393 -8.73 -19.44 14.78
CA SER A 393 -8.36 -18.87 16.09
C SER A 393 -8.17 -17.33 15.98
N GLY A 394 -7.46 -16.89 14.93
CA GLY A 394 -7.16 -15.49 14.61
C GLY A 394 -8.37 -14.59 14.44
N LEU A 395 -9.40 -15.05 13.70
CA LEU A 395 -10.64 -14.31 13.45
C LEU A 395 -11.21 -13.74 14.72
N MET A 396 -11.41 -14.59 15.74
CA MET A 396 -11.95 -14.18 17.02
C MET A 396 -11.07 -13.17 17.74
N GLU A 397 -9.73 -13.41 17.72
CA GLU A 397 -8.71 -12.57 18.35
C GLU A 397 -8.81 -11.14 17.81
N PHE A 398 -8.95 -11.00 16.47
CA PHE A 398 -9.08 -9.73 15.77
C PHE A 398 -10.41 -9.05 16.09
N ARG A 399 -11.53 -9.76 15.90
CA ARG A 399 -12.88 -9.28 16.16
C ARG A 399 -12.94 -8.68 17.56
N ASN A 400 -12.45 -9.44 18.56
CA ASN A 400 -12.41 -9.00 19.93
C ASN A 400 -11.65 -7.71 20.10
N THR A 401 -10.35 -7.69 19.66
CA THR A 401 -9.45 -6.53 19.73
C THR A 401 -10.13 -5.28 19.21
N LEU A 402 -10.74 -5.37 18.01
CA LEU A 402 -11.41 -4.28 17.32
C LEU A 402 -12.71 -3.80 17.97
N MET A 403 -13.44 -4.71 18.62
CA MET A 403 -14.69 -4.43 19.32
C MET A 403 -14.46 -3.58 20.54
N HIS A 404 -13.46 -3.94 21.35
CA HIS A 404 -13.10 -3.25 22.59
C HIS A 404 -12.15 -2.06 22.37
N GLY A 405 -11.33 -2.13 21.33
CA GLY A 405 -10.42 -0.99 21.06
C GLY A 405 -9.16 -1.04 21.91
N GLY A 406 -8.34 0.03 21.83
CA GLY A 406 -7.06 0.12 22.54
C GLY A 406 -7.19 0.12 24.05
N LEU A 407 -8.18 0.84 24.58
CA LEU A 407 -8.34 0.92 26.06
C LEU A 407 -9.17 -0.28 26.53
N SER A 408 -8.58 -1.48 26.56
CA SER A 408 -9.33 -2.70 26.99
C SER A 408 -8.40 -3.87 27.28
N THR A 409 -8.88 -4.81 28.09
CA THR A 409 -8.18 -6.05 28.44
C THR A 409 -7.57 -6.84 27.27
N ASP A 410 -8.09 -6.62 26.05
CA ASP A 410 -7.59 -7.26 24.83
C ASP A 410 -6.33 -6.62 24.30
N MET A 411 -6.05 -5.39 24.76
CA MET A 411 -4.87 -4.63 24.36
C MET A 411 -3.87 -4.52 25.50
N LYS A 412 -4.34 -4.70 26.74
CA LYS A 412 -3.55 -4.72 27.97
C LYS A 412 -2.66 -3.50 28.16
N PRO A 413 -3.18 -2.25 27.99
CA PRO A 413 -2.30 -1.09 28.22
C PRO A 413 -2.05 -0.88 29.69
N ASN A 414 -1.02 -0.11 30.03
CA ASN A 414 -0.68 0.14 31.43
C ASN A 414 -0.76 1.61 31.77
N VAL A 415 -1.64 1.96 32.73
CA VAL A 415 -1.83 3.31 33.26
C VAL A 415 -0.84 3.54 34.41
N ASP A 416 0.00 4.59 34.35
CA ASP A 416 0.97 4.85 35.40
C ASP A 416 0.45 5.84 36.46
N LYS A 417 1.23 6.01 37.54
CA LYS A 417 0.99 6.89 38.69
C LYS A 417 0.58 8.33 38.28
N ASP A 418 1.26 8.85 37.23
CA ASP A 418 1.17 10.21 36.67
C ASP A 418 -0.03 10.47 35.76
N GLY A 419 -0.36 9.52 34.91
CA GLY A 419 -1.50 9.61 34.01
C GLY A 419 -1.23 9.22 32.57
N ASN A 420 -0.04 8.63 32.31
CA ASN A 420 0.36 8.21 30.97
C ASN A 420 0.21 6.72 30.75
N ILE A 421 -0.33 6.37 29.57
CA ILE A 421 -0.61 4.98 29.20
C ILE A 421 0.41 4.49 28.22
N THR A 422 0.88 3.27 28.43
CA THR A 422 1.86 2.60 27.60
C THR A 422 1.24 1.30 27.10
N PRO A 423 0.91 1.22 25.79
CA PRO A 423 0.27 0.00 25.24
C PRO A 423 0.97 -1.33 25.53
N GLY A 424 0.22 -2.41 25.49
CA GLY A 424 0.75 -3.75 25.79
C GLY A 424 0.79 -4.70 24.61
N LYS A 425 0.28 -4.25 23.49
CA LYS A 425 0.29 -5.02 22.26
C LYS A 425 0.53 -4.03 21.12
N ILE A 426 0.93 -4.54 19.96
CA ILE A 426 1.19 -3.68 18.82
C ILE A 426 -0.02 -3.64 17.85
N VAL A 427 -0.44 -2.41 17.50
CA VAL A 427 -1.54 -2.19 16.56
C VAL A 427 -1.02 -2.60 15.17
N THR A 428 -1.33 -3.83 14.81
CA THR A 428 -0.91 -4.45 13.56
C THR A 428 -1.74 -3.93 12.37
N LYS A 429 -1.61 -2.61 11.99
CA LYS A 429 -2.42 -2.05 10.90
C LYS A 429 -2.48 -3.00 9.69
N ASN A 430 -1.32 -3.57 9.33
CA ASN A 430 -1.22 -4.48 8.21
C ASN A 430 -1.70 -5.92 8.34
N LYS A 431 -1.71 -6.54 9.52
CA LYS A 431 -2.30 -7.88 9.59
C LYS A 431 -3.85 -7.85 9.63
N ILE A 432 -4.38 -6.71 10.16
CA ILE A 432 -5.81 -6.46 10.20
C ILE A 432 -6.16 -6.30 8.74
N GLU A 433 -5.60 -5.26 8.07
CA GLU A 433 -5.83 -4.96 6.64
C GLU A 433 -5.70 -6.22 5.80
N ASP A 434 -4.56 -6.91 5.94
CA ASP A 434 -4.25 -8.13 5.18
C ASP A 434 -5.19 -9.27 5.55
N PHE A 435 -5.37 -9.56 6.84
CA PHE A 435 -6.30 -10.63 7.22
C PHE A 435 -7.72 -10.42 6.64
N VAL A 436 -8.36 -9.28 6.93
CA VAL A 436 -9.70 -8.97 6.46
C VAL A 436 -9.79 -8.98 4.95
N LYS A 437 -9.01 -8.12 4.29
CA LYS A 437 -9.06 -7.92 2.85
C LYS A 437 -8.52 -9.09 2.04
N ARG A 438 -7.83 -10.04 2.68
CA ARG A 438 -7.33 -11.22 1.92
C ARG A 438 -7.97 -12.52 2.41
N GLU A 439 -7.50 -13.02 3.55
CA GLU A 439 -7.91 -14.31 4.18
C GLU A 439 -9.36 -14.43 4.67
N LEU A 440 -9.93 -13.37 5.25
CA LEU A 440 -11.26 -13.51 5.92
C LEU A 440 -12.42 -13.98 5.02
N ARG A 441 -12.48 -13.58 3.76
CA ARG A 441 -13.62 -14.05 2.95
C ARG A 441 -13.47 -15.57 2.81
N ASN A 442 -12.25 -16.06 2.61
CA ASN A 442 -11.98 -17.50 2.45
C ASN A 442 -12.31 -18.22 3.77
N TYR A 443 -11.93 -17.63 4.91
CA TYR A 443 -12.15 -18.25 6.24
C TYR A 443 -13.65 -18.35 6.54
N PHE A 444 -14.46 -17.51 5.93
CA PHE A 444 -15.91 -17.52 6.15
C PHE A 444 -16.57 -18.61 5.30
N ASP A 445 -16.20 -18.70 4.02
CA ASP A 445 -16.70 -19.68 3.07
C ASP A 445 -16.38 -21.11 3.51
N LYS A 446 -15.18 -21.30 4.09
CA LYS A 446 -14.72 -22.58 4.62
C LYS A 446 -15.60 -23.00 5.82
N ILE A 447 -15.98 -22.01 6.68
CA ILE A 447 -16.85 -22.21 7.86
C ILE A 447 -18.25 -22.58 7.39
N VAL A 448 -18.82 -21.81 6.44
CA VAL A 448 -20.16 -21.96 5.91
C VAL A 448 -20.32 -23.29 5.17
N ASN A 449 -19.25 -23.74 4.50
CA ASN A 449 -19.21 -25.02 3.79
C ASN A 449 -19.27 -26.17 4.80
N PHE A 450 -18.64 -25.97 5.98
CA PHE A 450 -18.57 -26.93 7.07
C PHE A 450 -19.91 -27.14 7.77
N LEU A 451 -20.65 -26.06 8.01
CA LEU A 451 -21.95 -26.09 8.67
C LEU A 451 -23.10 -26.46 7.74
N SER A 452 -22.84 -26.60 6.43
CA SER A 452 -23.86 -26.98 5.45
C SER A 452 -24.31 -28.43 5.75
N SER A 453 -23.29 -29.30 6.05
CA SER A 453 -23.42 -30.72 6.41
C SER A 453 -24.29 -30.93 7.68
N ALA A 454 -24.20 -29.98 8.66
CA ALA A 454 -24.91 -29.98 9.94
C ALA A 454 -26.40 -30.14 9.82
N MET B 1 -12.90 2.91 -24.38
CA MET B 1 -13.29 3.87 -25.42
C MET B 1 -13.04 5.33 -25.00
N LYS B 2 -11.92 5.92 -25.46
CA LYS B 2 -11.51 7.30 -25.18
C LYS B 2 -12.41 8.27 -25.93
N CYS B 3 -13.00 9.27 -25.25
CA CYS B 3 -13.90 10.24 -25.89
C CYS B 3 -13.43 11.68 -25.73
N LEU B 4 -12.96 12.30 -26.82
CA LEU B 4 -12.50 13.70 -26.75
C LEU B 4 -13.70 14.65 -26.79
N PHE B 5 -13.84 15.49 -25.76
CA PHE B 5 -14.96 16.47 -25.67
C PHE B 5 -14.37 17.88 -25.78
N TYR B 6 -14.97 18.76 -26.58
CA TYR B 6 -14.44 20.14 -26.71
C TYR B 6 -15.53 21.13 -27.12
N ILE B 7 -15.26 22.43 -26.91
CA ILE B 7 -16.20 23.52 -27.29
C ILE B 7 -15.69 24.13 -28.61
N ALA B 8 -16.51 24.06 -29.67
CA ALA B 8 -16.11 24.53 -31.01
C ALA B 8 -15.84 26.04 -31.06
N GLY B 9 -16.70 26.86 -30.44
CA GLY B 9 -16.53 28.33 -30.52
C GLY B 9 -16.47 28.80 -31.96
N ASP B 10 -15.55 29.70 -32.30
CA ASP B 10 -15.40 30.16 -33.71
C ASP B 10 -14.12 29.57 -34.34
N VAL B 11 -14.27 29.00 -35.53
CA VAL B 11 -13.16 28.48 -36.31
C VAL B 11 -12.60 29.50 -37.35
N SER B 12 -13.39 30.52 -37.73
CA SER B 12 -13.00 31.53 -38.73
C SER B 12 -11.76 32.38 -38.36
N ASN B 13 -11.52 32.63 -37.06
CA ASN B 13 -10.40 33.46 -36.59
C ASN B 13 -9.14 32.65 -36.20
N TYR B 14 -9.18 31.32 -36.37
CA TYR B 14 -8.07 30.42 -36.02
C TYR B 14 -6.95 30.44 -37.05
N SER B 15 -5.73 30.73 -36.59
CA SER B 15 -4.53 30.76 -37.41
C SER B 15 -3.91 29.36 -37.39
N ILE B 16 -3.31 28.92 -38.51
CA ILE B 16 -2.66 27.60 -38.54
C ILE B 16 -1.32 27.69 -37.79
N VAL B 17 -1.33 27.22 -36.53
CA VAL B 17 -0.12 27.24 -35.66
C VAL B 17 0.32 25.79 -35.39
N ASN B 18 1.25 25.62 -34.43
CA ASN B 18 1.78 24.27 -34.08
C ASN B 18 1.52 23.99 -32.60
N TYR B 19 1.18 22.75 -32.27
CA TYR B 19 0.88 22.35 -30.86
C TYR B 19 1.86 21.31 -30.31
N GLU B 20 2.44 21.58 -29.13
CA GLU B 20 3.28 20.61 -28.38
C GLU B 20 2.86 20.14 -27.00
N LEU B 21 2.93 18.83 -26.74
CA LEU B 21 2.55 18.27 -25.41
C LEU B 21 3.22 16.91 -25.20
N ASN B 22 3.99 16.79 -24.11
CA ASN B 22 4.71 15.55 -23.70
C ASN B 22 5.68 15.07 -24.80
N GLY B 23 6.32 16.01 -25.50
CA GLY B 23 7.30 15.67 -26.56
C GLY B 23 6.64 15.34 -27.90
N GLN B 24 5.32 15.50 -27.99
CA GLN B 24 4.57 15.21 -29.25
C GLN B 24 4.12 16.54 -29.86
N THR B 25 4.39 16.77 -31.15
CA THR B 25 3.99 18.04 -31.79
C THR B 25 3.04 17.81 -32.98
N GLN B 26 1.80 18.29 -32.87
CA GLN B 26 0.80 18.29 -33.93
C GLN B 26 0.33 19.69 -34.32
N ASN B 27 0.28 19.96 -35.62
CA ASN B 27 -0.06 21.32 -36.14
C ASN B 27 -1.50 21.34 -36.68
N THR B 28 -2.37 22.08 -35.99
CA THR B 28 -3.76 22.36 -36.42
C THR B 28 -4.13 23.71 -35.80
N PHE B 29 -5.06 24.45 -36.41
CA PHE B 29 -5.46 25.80 -35.93
C PHE B 29 -6.19 25.72 -34.58
N PHE B 30 -7.07 24.74 -34.43
CA PHE B 30 -7.88 24.54 -33.19
C PHE B 30 -7.22 23.41 -32.38
N ALA B 31 -7.28 23.52 -31.05
CA ALA B 31 -6.62 22.57 -30.11
C ALA B 31 -7.19 21.15 -30.20
N ALA B 32 -8.51 20.99 -30.33
CA ALA B 32 -9.17 19.67 -30.37
C ALA B 32 -8.47 18.74 -31.38
N HIS B 33 -8.32 19.23 -32.62
CA HIS B 33 -7.68 18.54 -33.73
C HIS B 33 -6.37 17.94 -33.23
N ALA B 34 -5.48 18.82 -32.75
CA ALA B 34 -4.16 18.48 -32.23
C ALA B 34 -4.28 17.36 -31.21
N LEU B 35 -5.20 17.55 -30.24
CA LEU B 35 -5.49 16.59 -29.20
C LEU B 35 -5.91 15.26 -29.81
N TYR B 36 -6.78 15.26 -30.85
CA TYR B 36 -7.20 14.01 -31.48
C TYR B 36 -6.01 13.19 -31.92
N ASN B 37 -5.09 13.81 -32.69
CA ASN B 37 -3.92 13.13 -33.28
C ASN B 37 -3.10 12.27 -32.34
N LEU B 38 -2.56 12.89 -31.27
CA LEU B 38 -1.71 12.25 -30.29
C LEU B 38 -2.47 11.29 -29.34
N PHE B 39 -3.74 11.60 -28.98
CA PHE B 39 -4.53 10.76 -28.07
C PHE B 39 -5.31 9.61 -28.72
N LYS B 40 -5.63 9.74 -30.01
CA LYS B 40 -6.43 8.79 -30.81
C LYS B 40 -7.76 8.38 -30.08
N PRO B 41 -8.68 9.37 -29.79
CA PRO B 41 -9.95 9.00 -29.13
C PRO B 41 -10.92 8.28 -30.07
N ASP B 42 -11.51 7.19 -29.56
CA ASP B 42 -12.49 6.35 -30.26
C ASP B 42 -13.69 7.17 -30.76
N LYS B 43 -14.15 8.17 -29.97
CA LYS B 43 -15.26 9.08 -30.27
C LYS B 43 -14.78 10.53 -30.08
N VAL B 44 -15.39 11.48 -30.82
CA VAL B 44 -15.08 12.92 -30.67
C VAL B 44 -16.39 13.69 -30.62
N ILE B 45 -16.65 14.40 -29.52
CA ILE B 45 -17.88 15.14 -29.27
C ILE B 45 -17.58 16.63 -29.35
N ALA B 46 -18.37 17.32 -30.21
CA ALA B 46 -18.20 18.76 -30.56
C ALA B 46 -18.97 19.74 -29.67
N LEU B 47 -20.01 19.30 -28.96
CA LEU B 47 -20.72 20.15 -27.95
C LEU B 47 -21.09 21.55 -28.49
N ILE B 48 -21.77 21.63 -29.63
CA ILE B 48 -22.07 22.95 -30.29
C ILE B 48 -22.93 23.87 -29.40
N PRO B 49 -22.42 25.03 -28.95
CA PRO B 49 -23.22 25.97 -28.16
C PRO B 49 -24.31 26.57 -29.06
N ASP B 50 -25.50 26.83 -28.50
CA ASP B 50 -26.64 27.34 -29.29
C ASP B 50 -26.42 28.74 -29.90
N SER B 51 -25.76 29.64 -29.16
CA SER B 51 -25.53 31.03 -29.63
C SER B 51 -24.64 31.31 -30.85
N LEU B 52 -23.55 30.56 -31.00
CA LEU B 52 -22.61 30.80 -32.15
C LEU B 52 -23.06 30.34 -33.59
N VAL B 53 -24.01 29.42 -33.62
CA VAL B 53 -24.54 28.96 -34.95
C VAL B 53 -26.06 29.07 -34.94
N LYS B 54 -26.64 29.37 -36.10
CA LYS B 54 -28.09 29.47 -36.32
C LYS B 54 -28.37 29.14 -37.79
N ASP B 55 -29.06 27.98 -37.93
CA ASP B 55 -29.49 27.31 -39.20
C ASP B 55 -30.93 26.82 -38.99
N ASN B 56 -31.75 26.75 -40.05
CA ASN B 56 -33.15 26.32 -39.94
C ASN B 56 -33.30 24.80 -39.82
N VAL B 57 -32.98 24.05 -40.89
CA VAL B 57 -33.24 22.58 -40.93
C VAL B 57 -32.46 21.79 -39.88
N SER B 58 -31.14 21.99 -39.74
CA SER B 58 -30.34 21.23 -38.75
C SER B 58 -28.97 21.89 -38.65
N ASP B 59 -28.75 22.81 -37.71
CA ASP B 59 -27.47 23.57 -37.65
C ASP B 59 -26.23 22.69 -37.36
N GLU B 60 -26.45 21.56 -36.69
CA GLU B 60 -25.38 20.57 -36.41
C GLU B 60 -24.36 20.24 -37.52
N GLU B 61 -24.70 20.62 -38.76
CA GLU B 61 -23.85 20.42 -39.96
C GLU B 61 -23.33 21.80 -40.40
N CYS B 62 -24.07 22.86 -40.05
CA CYS B 62 -23.65 24.26 -40.36
C CYS B 62 -22.22 24.40 -39.84
N TYR B 63 -22.03 24.08 -38.55
CA TYR B 63 -20.69 24.06 -37.96
C TYR B 63 -19.83 23.02 -38.66
N LYS B 64 -20.42 21.81 -38.91
CA LYS B 64 -19.82 20.66 -39.63
C LYS B 64 -19.07 21.24 -40.81
N ASN B 65 -19.78 22.07 -41.58
CA ASN B 65 -19.28 22.71 -42.79
C ASN B 65 -18.36 23.89 -42.49
N LEU B 66 -18.71 24.79 -41.53
CA LEU B 66 -17.91 25.96 -41.10
C LEU B 66 -16.44 25.60 -40.86
N VAL B 67 -16.21 24.39 -40.30
CA VAL B 67 -14.90 23.80 -39.99
C VAL B 67 -14.20 23.40 -41.28
N ILE B 68 -14.88 22.62 -42.16
CA ILE B 68 -14.37 22.13 -43.46
C ILE B 68 -13.99 23.30 -44.37
N ASN B 69 -14.82 24.37 -44.36
CA ASN B 69 -14.63 25.60 -45.14
C ASN B 69 -13.37 26.38 -44.71
N ARG B 70 -13.04 26.37 -43.41
CA ARG B 70 -11.82 27.01 -42.89
C ARG B 70 -10.58 26.10 -43.09
N ALA B 71 -10.79 24.78 -43.37
CA ALA B 71 -9.73 23.81 -43.66
C ALA B 71 -9.26 23.92 -45.10
N LYS B 72 -10.20 23.94 -46.05
CA LYS B 72 -9.86 24.02 -47.50
C LYS B 72 -9.31 25.41 -47.83
N GLU B 73 -9.71 26.42 -47.05
CA GLU B 73 -9.27 27.82 -47.26
C GLU B 73 -7.76 28.06 -47.22
N LEU B 74 -7.08 27.45 -46.25
CA LEU B 74 -5.60 27.55 -46.14
C LEU B 74 -4.93 26.16 -46.55
N ASN B 75 -5.75 25.42 -47.30
CA ASN B 75 -5.36 24.08 -47.83
C ASN B 75 -4.71 23.16 -46.81
N PHE B 76 -5.49 22.71 -45.82
CA PHE B 76 -5.01 21.79 -44.76
C PHE B 76 -4.83 20.39 -45.34
N ALA B 77 -3.72 19.73 -44.99
CA ALA B 77 -3.40 18.37 -45.48
C ALA B 77 -4.22 17.31 -44.72
N GLY B 78 -4.54 17.58 -43.46
CA GLY B 78 -5.32 16.63 -42.68
C GLY B 78 -6.82 16.85 -42.77
N MET B 79 -7.55 16.57 -41.65
CA MET B 79 -9.02 16.71 -41.47
C MET B 79 -9.84 15.51 -41.99
N GLU B 80 -9.17 14.53 -42.63
CA GLU B 80 -9.77 13.33 -43.26
C GLU B 80 -10.41 12.33 -42.25
N GLU B 81 -9.62 11.86 -41.26
CA GLU B 81 -10.07 10.91 -40.22
C GLU B 81 -10.94 11.61 -39.14
N PHE B 82 -10.76 12.93 -38.99
CA PHE B 82 -11.47 13.78 -38.01
C PHE B 82 -12.89 14.01 -38.47
N MET B 83 -13.06 14.70 -39.61
CA MET B 83 -14.37 15.00 -40.18
C MET B 83 -15.00 13.76 -40.81
N ASN B 84 -16.36 13.67 -40.77
CA ASN B 84 -17.25 12.56 -41.20
C ASN B 84 -17.24 11.41 -40.15
N LYS B 85 -16.38 11.55 -39.10
CA LYS B 85 -16.17 10.62 -37.99
C LYS B 85 -16.13 11.39 -36.61
N VAL B 86 -16.85 12.54 -36.56
CA VAL B 86 -17.00 13.45 -35.41
C VAL B 86 -18.48 13.67 -35.08
N GLU B 87 -18.89 13.39 -33.83
CA GLU B 87 -20.28 13.66 -33.43
C GLU B 87 -20.40 15.14 -33.07
N ILE B 88 -21.63 15.67 -33.05
CA ILE B 88 -21.93 17.06 -32.71
C ILE B 88 -23.14 17.06 -31.79
N ARG B 89 -23.10 17.85 -30.71
CA ARG B 89 -24.23 17.99 -29.80
C ARG B 89 -24.58 19.41 -29.43
N LYS B 90 -25.86 19.76 -29.56
CA LYS B 90 -26.39 21.10 -29.23
C LYS B 90 -26.43 21.42 -27.73
N ILE B 91 -25.71 22.47 -27.28
CA ILE B 91 -25.59 22.86 -25.87
C ILE B 91 -26.08 24.30 -25.61
N PRO B 92 -26.80 24.56 -24.50
CA PRO B 92 -27.28 25.93 -24.24
C PRO B 92 -26.21 26.93 -23.87
N ASN B 93 -26.60 28.22 -23.73
CA ASN B 93 -25.69 29.32 -23.35
C ASN B 93 -26.46 30.47 -22.68
N VAL B 94 -25.75 31.43 -22.04
CA VAL B 94 -26.36 32.57 -21.35
C VAL B 94 -25.91 33.94 -21.91
N GLY B 95 -26.44 35.02 -21.33
CA GLY B 95 -26.10 36.40 -21.64
C GLY B 95 -26.52 36.88 -23.00
N ILE B 96 -25.75 37.85 -23.58
CA ILE B 96 -26.00 38.39 -24.93
C ILE B 96 -24.80 38.07 -25.83
N ALA B 97 -25.08 37.43 -26.99
CA ALA B 97 -24.12 36.97 -27.99
C ALA B 97 -24.64 37.13 -29.44
N SER B 98 -25.04 35.99 -30.08
CA SER B 98 -25.52 35.76 -31.46
C SER B 98 -24.43 36.02 -32.53
N ALA B 99 -24.27 35.04 -33.45
CA ALA B 99 -23.26 35.09 -34.49
C ALA B 99 -23.74 34.53 -35.83
N ILE B 100 -22.95 33.62 -36.44
CA ILE B 100 -23.08 32.99 -37.76
C ILE B 100 -24.50 32.44 -38.01
N GLN B 101 -25.13 32.99 -39.07
CA GLN B 101 -26.47 32.53 -39.53
C GLN B 101 -26.25 31.80 -40.86
N CYS B 102 -26.72 30.56 -40.99
CA CYS B 102 -26.48 29.75 -42.22
C CYS B 102 -27.67 29.12 -42.93
N GLU B 103 -27.55 28.89 -44.24
CA GLU B 103 -28.54 28.13 -45.04
C GLU B 103 -28.57 26.62 -44.90
N ASN B 104 -28.35 25.86 -45.99
CA ASN B 104 -28.12 24.38 -45.88
C ASN B 104 -26.64 23.85 -46.06
N GLY B 105 -25.81 24.25 -45.09
CA GLY B 105 -24.34 24.05 -45.13
C GLY B 105 -23.73 25.35 -45.63
N ALA B 106 -22.50 25.68 -45.16
CA ALA B 106 -21.72 26.90 -45.44
C ALA B 106 -22.27 28.22 -44.85
N PRO B 107 -21.41 29.13 -44.33
CA PRO B 107 -21.92 30.38 -43.74
C PRO B 107 -22.22 31.52 -44.73
N LYS B 108 -23.31 32.26 -44.45
CA LYS B 108 -23.80 33.38 -45.28
C LYS B 108 -22.84 34.58 -45.21
N LYS B 109 -22.22 34.95 -46.35
CA LYS B 109 -21.29 36.09 -46.49
C LYS B 109 -22.04 37.46 -46.49
N GLU B 110 -21.27 38.57 -46.32
CA GLU B 110 -21.78 39.95 -46.29
C GLU B 110 -20.73 40.93 -46.86
N LYS B 111 -21.20 42.02 -47.47
CA LYS B 111 -20.27 42.99 -48.13
C LYS B 111 -20.16 44.29 -47.31
N ASN B 112 -21.29 44.85 -46.88
CA ASN B 112 -21.31 46.13 -46.11
C ASN B 112 -20.57 47.32 -46.73
N LYS B 113 -19.55 47.91 -46.09
CA LYS B 113 -18.76 49.02 -46.72
C LYS B 113 -17.56 48.35 -47.41
N GLU B 114 -16.68 47.72 -46.62
CA GLU B 114 -15.50 46.99 -47.14
C GLU B 114 -15.38 45.66 -46.40
N GLY B 115 -14.98 44.58 -47.10
CA GLY B 115 -14.83 43.26 -46.46
C GLY B 115 -15.76 42.22 -47.05
N ARG B 116 -15.61 40.97 -46.60
CA ARG B 116 -16.42 39.83 -47.07
C ARG B 116 -16.61 38.70 -46.01
N GLU B 117 -16.84 39.11 -44.75
CA GLU B 117 -17.04 38.22 -43.59
C GLU B 117 -18.53 38.01 -43.25
N VAL B 118 -18.84 36.79 -42.76
CA VAL B 118 -20.17 36.29 -42.37
C VAL B 118 -20.95 37.25 -41.45
N LEU B 119 -22.22 37.53 -41.81
CA LEU B 119 -23.11 38.41 -41.05
C LEU B 119 -23.58 37.71 -39.80
N LYS B 120 -23.25 38.33 -38.68
CA LYS B 120 -23.57 37.86 -37.33
C LYS B 120 -24.85 38.53 -36.83
N ARG B 121 -25.80 37.74 -36.28
CA ARG B 121 -27.05 38.26 -35.70
C ARG B 121 -26.67 39.05 -34.45
N LEU B 122 -27.39 40.11 -34.11
CA LEU B 122 -27.03 40.93 -32.95
C LEU B 122 -27.88 40.68 -31.68
N PRO B 123 -29.22 40.46 -31.72
CA PRO B 123 -29.94 40.24 -30.45
C PRO B 123 -29.76 38.83 -29.87
N TYR B 124 -29.70 38.73 -28.54
CA TYR B 124 -29.49 37.43 -27.85
C TYR B 124 -30.05 37.52 -26.42
N ASN B 125 -31.37 37.50 -26.28
CA ASN B 125 -32.03 37.57 -24.95
C ASN B 125 -32.18 36.14 -24.41
N GLU B 126 -31.10 35.58 -23.85
CA GLU B 126 -31.13 34.19 -23.31
C GLU B 126 -30.78 34.20 -21.81
N LYS B 127 -31.77 34.45 -20.95
CA LYS B 127 -31.57 34.45 -19.52
C LYS B 127 -31.92 33.05 -19.02
N ARG B 128 -30.88 32.24 -18.73
CA ARG B 128 -31.01 30.86 -18.26
C ARG B 128 -30.01 30.51 -17.14
N SER B 129 -30.45 29.65 -16.20
CA SER B 129 -29.70 29.23 -15.02
C SER B 129 -28.46 28.41 -15.43
N PRO B 130 -27.26 28.63 -14.83
CA PRO B 130 -26.08 27.85 -15.22
C PRO B 130 -26.25 26.35 -14.93
N ILE B 131 -27.08 26.00 -13.92
CA ILE B 131 -27.40 24.63 -13.51
C ILE B 131 -28.16 23.92 -14.65
N PHE B 132 -28.94 24.68 -15.46
CA PHE B 132 -29.68 24.18 -16.62
C PHE B 132 -28.63 23.75 -17.66
N ILE B 133 -27.69 24.66 -17.97
CA ILE B 133 -26.57 24.43 -18.89
C ILE B 133 -25.79 23.22 -18.37
N PHE B 134 -25.52 23.19 -17.04
CA PHE B 134 -24.82 22.11 -16.34
C PHE B 134 -25.50 20.77 -16.60
N ASN B 135 -26.83 20.69 -16.33
CA ASN B 135 -27.62 19.48 -16.53
C ASN B 135 -27.59 19.01 -17.96
N ALA B 136 -27.76 19.95 -18.92
CA ALA B 136 -27.74 19.68 -20.36
C ALA B 136 -26.41 19.07 -20.81
N ILE B 137 -25.28 19.63 -20.33
CA ILE B 137 -23.93 19.14 -20.63
C ILE B 137 -23.70 17.77 -19.94
N TYR B 138 -24.15 17.63 -18.67
CA TYR B 138 -24.06 16.40 -17.87
C TYR B 138 -24.73 15.27 -18.65
N ALA B 139 -25.97 15.51 -19.14
CA ALA B 139 -26.77 14.57 -19.90
C ALA B 139 -25.97 14.03 -21.09
N ILE B 140 -25.34 14.92 -21.87
CA ILE B 140 -24.52 14.56 -23.04
C ILE B 140 -23.37 13.64 -22.64
N PHE B 141 -22.64 14.04 -21.59
CA PHE B 141 -21.50 13.34 -21.01
C PHE B 141 -21.86 11.92 -20.54
N LYS B 142 -22.98 11.78 -19.79
CA LYS B 142 -23.47 10.53 -19.24
C LYS B 142 -23.83 9.52 -20.34
N ASP B 143 -24.61 9.98 -21.34
CA ASP B 143 -25.14 9.19 -22.44
C ASP B 143 -24.12 8.77 -23.51
N GLU B 144 -22.88 9.28 -23.46
CA GLU B 144 -21.85 8.88 -24.43
C GLU B 144 -21.27 7.48 -24.12
N ALA B 145 -21.56 7.00 -22.89
CA ALA B 145 -21.16 5.71 -22.30
C ALA B 145 -19.65 5.42 -22.43
N CYS B 146 -18.84 6.48 -22.24
CA CYS B 146 -17.39 6.44 -22.36
C CYS B 146 -16.71 5.89 -21.12
N ASP B 147 -15.50 5.35 -21.33
CA ASP B 147 -14.66 4.80 -20.28
C ASP B 147 -13.67 5.90 -19.86
N GLU B 148 -12.90 6.44 -20.82
CA GLU B 148 -11.94 7.51 -20.58
C GLU B 148 -12.54 8.81 -21.09
N TYR B 149 -12.55 9.86 -20.26
CA TYR B 149 -13.07 11.16 -20.64
C TYR B 149 -11.93 12.17 -20.77
N LEU B 150 -11.91 12.91 -21.89
CA LEU B 150 -10.93 13.94 -22.22
C LEU B 150 -11.69 15.20 -22.62
N VAL B 151 -11.44 16.31 -21.92
CA VAL B 151 -12.16 17.56 -22.20
C VAL B 151 -11.18 18.65 -22.68
N ASP B 152 -11.60 19.40 -23.71
CA ASP B 152 -10.81 20.54 -24.24
C ASP B 152 -11.58 21.82 -23.88
N LEU B 153 -11.04 22.61 -22.95
CA LEU B 153 -11.72 23.86 -22.50
C LEU B 153 -11.02 25.07 -23.14
N THR B 154 -10.17 24.87 -24.14
CA THR B 154 -9.46 26.03 -24.74
C THR B 154 -10.51 26.98 -25.31
N HIS B 155 -11.48 26.45 -26.07
CA HIS B 155 -12.57 27.26 -26.66
C HIS B 155 -13.71 27.47 -25.66
N GLY B 156 -14.66 28.36 -25.96
CA GLY B 156 -15.83 28.58 -25.09
C GLY B 156 -15.69 29.78 -24.16
N THR B 157 -16.82 30.23 -23.60
CA THR B 157 -16.87 31.40 -22.68
C THR B 157 -16.40 31.00 -21.28
N ASN B 158 -16.18 31.99 -20.40
CA ASN B 158 -15.68 31.72 -19.05
C ASN B 158 -16.77 30.96 -18.28
N VAL B 159 -18.04 31.21 -18.63
CA VAL B 159 -19.22 30.55 -18.06
C VAL B 159 -19.28 29.09 -18.55
N LEU B 160 -19.17 28.85 -19.86
CA LEU B 160 -19.20 27.50 -20.40
C LEU B 160 -18.00 26.68 -20.00
N VAL B 161 -16.81 27.30 -19.97
CA VAL B 161 -15.60 26.57 -19.61
C VAL B 161 -15.68 26.11 -18.15
N SER B 162 -16.12 27.01 -17.25
CA SER B 162 -16.29 26.69 -15.84
C SER B 162 -17.36 25.62 -15.66
N ILE B 163 -18.53 25.74 -16.32
CA ILE B 163 -19.62 24.75 -16.27
C ILE B 163 -19.16 23.39 -16.79
N GLY B 164 -18.47 23.41 -17.93
CA GLY B 164 -17.92 22.22 -18.58
C GLY B 164 -16.91 21.51 -17.69
N MET B 165 -16.14 22.28 -16.92
CA MET B 165 -15.16 21.72 -16.00
C MET B 165 -15.85 20.94 -14.86
N ASN B 166 -16.84 21.57 -14.15
CA ASN B 166 -17.62 20.92 -13.08
C ASN B 166 -18.32 19.63 -13.53
N VAL B 167 -18.80 19.58 -14.80
CA VAL B 167 -19.40 18.39 -15.37
C VAL B 167 -18.27 17.35 -15.53
N GLY B 168 -17.22 17.71 -16.28
CA GLY B 168 -16.07 16.86 -16.56
C GLY B 168 -15.36 16.32 -15.33
N ALA B 169 -15.55 16.99 -14.18
CA ALA B 169 -14.97 16.60 -12.90
C ALA B 169 -15.67 15.34 -12.40
N LEU B 170 -16.97 15.21 -12.73
CA LEU B 170 -17.79 14.07 -12.34
C LEU B 170 -17.61 12.86 -13.27
N PHE B 171 -16.72 12.95 -14.27
CA PHE B 171 -16.48 11.83 -15.18
C PHE B 171 -15.01 11.41 -15.23
N ASN B 172 -14.19 11.91 -14.27
CA ASN B 172 -12.75 11.65 -14.16
C ASN B 172 -12.08 11.96 -15.48
N ALA B 173 -12.31 13.22 -15.90
CA ALA B 173 -11.85 13.73 -17.18
C ALA B 173 -10.52 14.39 -17.08
N LYS B 174 -9.68 14.18 -18.10
CA LYS B 174 -8.39 14.84 -18.20
C LYS B 174 -8.73 16.16 -18.95
N PHE B 175 -8.49 17.31 -18.32
CA PHE B 175 -8.81 18.62 -18.91
C PHE B 175 -7.60 19.24 -19.62
N TYR B 176 -7.84 19.88 -20.79
CA TYR B 176 -6.81 20.54 -21.60
C TYR B 176 -7.26 21.90 -22.12
N SER B 177 -6.35 22.88 -22.16
CA SER B 177 -6.64 24.23 -22.67
C SER B 177 -5.38 24.85 -23.28
N ALA B 178 -5.53 25.46 -24.47
CA ALA B 178 -4.45 26.13 -25.18
C ALA B 178 -4.65 27.64 -25.00
N PRO B 179 -3.83 28.30 -24.15
CA PRO B 179 -4.03 29.75 -23.91
C PRO B 179 -3.65 30.65 -25.11
N VAL B 180 -4.60 31.42 -25.61
CA VAL B 180 -4.33 32.30 -26.79
C VAL B 180 -4.17 33.78 -26.35
N MET B 181 -5.27 34.48 -26.07
CA MET B 181 -5.29 35.91 -25.63
C MET B 181 -4.59 36.83 -26.65
N GLY B 182 -5.30 37.20 -27.73
CA GLY B 182 -4.75 38.10 -28.76
C GLY B 182 -4.35 37.34 -30.02
N MET B 183 -4.08 38.04 -31.13
CA MET B 183 -3.70 37.32 -32.35
C MET B 183 -2.25 36.77 -32.30
N PRO B 184 -2.10 35.43 -32.42
CA PRO B 184 -0.77 34.82 -32.30
C PRO B 184 0.07 34.72 -33.56
N GLY B 185 -0.59 34.68 -34.72
CA GLY B 185 0.10 34.57 -36.02
C GLY B 185 0.19 33.12 -36.48
N LYS B 186 0.16 32.89 -37.80
CA LYS B 186 0.24 31.52 -38.37
C LYS B 186 1.61 30.90 -38.06
N ASP B 187 1.63 29.59 -37.84
CA ASP B 187 2.86 28.81 -37.52
C ASP B 187 3.51 29.36 -36.25
N SER B 188 2.79 29.26 -35.12
CA SER B 188 3.30 29.74 -33.81
C SER B 188 3.40 28.55 -32.84
N ILE B 189 4.56 28.39 -32.19
CA ILE B 189 4.77 27.26 -31.24
C ILE B 189 3.93 27.51 -29.97
N VAL B 190 2.73 26.93 -29.91
CA VAL B 190 1.84 27.10 -28.76
C VAL B 190 1.63 25.67 -28.21
N ASN B 191 1.80 25.57 -26.88
CA ASN B 191 1.66 24.32 -26.11
C ASN B 191 0.33 24.37 -25.34
N ILE B 192 -0.22 23.20 -25.04
CA ILE B 192 -1.51 23.04 -24.34
C ILE B 192 -1.31 22.68 -22.86
N VAL B 193 -1.98 23.42 -21.95
CA VAL B 193 -1.90 23.17 -20.51
C VAL B 193 -2.87 22.03 -20.15
N GLU B 194 -2.53 21.23 -19.11
CA GLU B 194 -3.40 20.17 -18.59
C GLU B 194 -3.88 20.67 -17.23
N LEU B 195 -5.20 20.83 -17.05
CA LEU B 195 -5.75 21.36 -15.80
C LEU B 195 -6.25 20.28 -14.82
N THR B 196 -6.09 19.01 -15.22
CA THR B 196 -6.49 17.83 -14.45
C THR B 196 -5.99 17.88 -13.03
N ASP B 197 -4.69 18.23 -12.84
CA ASP B 197 -4.04 18.30 -11.54
C ASP B 197 -4.64 19.39 -10.66
N VAL B 198 -5.07 20.53 -11.24
CA VAL B 198 -5.69 21.63 -10.48
C VAL B 198 -7.04 21.17 -9.93
N VAL B 199 -7.78 20.43 -10.78
CA VAL B 199 -9.10 19.87 -10.45
C VAL B 199 -8.94 18.76 -9.41
N GLN B 200 -7.88 17.93 -9.52
CA GLN B 200 -7.67 16.89 -8.51
C GLN B 200 -7.27 17.54 -7.19
N ALA B 201 -6.31 18.51 -7.23
CA ALA B 201 -5.81 19.27 -6.07
C ALA B 201 -6.92 19.76 -5.18
N THR B 202 -7.99 20.30 -5.78
CA THR B 202 -9.12 20.84 -5.05
C THR B 202 -9.98 19.70 -4.44
N ASN B 203 -10.33 18.61 -5.19
CA ASN B 203 -11.08 17.48 -4.61
C ASN B 203 -10.29 16.89 -3.44
N ASP B 204 -8.97 16.62 -3.66
CA ASP B 204 -8.05 16.09 -2.65
C ASP B 204 -8.16 16.89 -1.36
N SER B 205 -8.15 18.23 -1.47
CA SER B 205 -8.26 19.13 -0.32
C SER B 205 -9.59 19.06 0.37
N LEU B 206 -10.70 18.98 -0.39
CA LEU B 206 -12.06 18.88 0.20
C LEU B 206 -12.21 17.59 0.94
N MET B 207 -11.62 16.51 0.41
CA MET B 207 -11.64 15.17 0.98
C MET B 207 -10.77 15.08 2.26
N ILE B 208 -9.54 15.61 2.18
CA ILE B 208 -8.59 15.68 3.29
C ILE B 208 -9.25 16.42 4.43
N ARG B 209 -9.95 17.53 4.16
CA ARG B 209 -10.64 18.31 5.20
C ARG B 209 -11.76 17.51 5.87
N SER B 210 -12.41 16.64 5.08
CA SER B 210 -13.50 15.80 5.56
C SER B 210 -12.95 14.68 6.39
N SER B 211 -11.82 14.09 5.95
CA SER B 211 -11.16 12.99 6.66
C SER B 211 -10.88 13.40 8.11
N ILE B 212 -10.56 14.69 8.30
CA ILE B 212 -10.26 15.25 9.61
C ILE B 212 -11.56 15.50 10.37
N GLU B 213 -12.55 16.01 9.68
CA GLU B 213 -13.87 16.32 10.23
C GLU B 213 -14.56 15.07 10.76
N ASN B 214 -14.54 13.97 9.97
CA ASN B 214 -15.19 12.70 10.26
C ASN B 214 -14.26 11.61 10.80
N LEU B 215 -13.01 11.96 11.18
CA LEU B 215 -12.01 11.04 11.80
C LEU B 215 -11.85 9.75 10.97
N ASP B 216 -11.73 9.89 9.64
CA ASP B 216 -11.71 8.76 8.72
C ASP B 216 -10.59 8.88 7.70
N GLU B 217 -9.45 8.21 7.97
CA GLU B 217 -8.30 8.19 7.06
C GLU B 217 -8.62 7.71 5.61
N ARG B 218 -9.81 7.07 5.36
CA ARG B 218 -10.15 6.61 4.01
C ARG B 218 -10.34 7.77 3.05
N TYR B 219 -10.60 8.99 3.61
CA TYR B 219 -10.80 10.25 2.88
C TYR B 219 -9.50 11.03 2.70
N PHE B 220 -8.47 10.70 3.48
CA PHE B 220 -7.18 11.36 3.38
C PHE B 220 -6.43 10.87 2.15
N LYS B 221 -6.10 11.79 1.23
CA LYS B 221 -5.36 11.48 -0.01
C LYS B 221 -3.88 11.57 0.29
N ASP B 222 -3.17 10.44 0.18
CA ASP B 222 -1.75 10.39 0.48
C ASP B 222 -0.92 10.95 -0.63
N TYR B 223 -0.48 12.18 -0.45
CA TYR B 223 0.38 12.91 -1.40
C TYR B 223 1.87 12.70 -1.09
N SER B 224 2.21 11.60 -0.41
CA SER B 224 3.58 11.26 -0.04
C SER B 224 4.40 11.02 -1.29
N ALA B 225 3.83 10.25 -2.24
CA ALA B 225 4.48 9.88 -3.49
C ALA B 225 4.72 11.12 -4.39
N LYS B 226 3.74 12.04 -4.42
CA LYS B 226 3.75 13.31 -5.13
C LYS B 226 4.96 14.10 -4.60
N LEU B 227 5.11 14.14 -3.25
CA LEU B 227 6.18 14.83 -2.53
C LEU B 227 7.55 14.15 -2.63
N SER B 228 7.61 12.80 -2.76
CA SER B 228 8.85 12.01 -2.89
C SER B 228 9.53 12.23 -4.23
N ARG B 229 8.77 12.31 -5.34
CA ARG B 229 9.35 12.53 -6.67
C ARG B 229 9.51 14.05 -6.95
N LEU B 230 9.18 14.92 -5.97
CA LEU B 230 9.30 16.38 -6.08
C LEU B 230 10.76 16.86 -6.05
N ASN B 231 11.38 16.94 -7.23
CA ASN B 231 12.73 17.44 -7.33
C ASN B 231 12.93 18.32 -8.56
N PRO B 232 12.80 19.67 -8.40
CA PRO B 232 13.04 20.56 -9.55
C PRO B 232 14.55 20.62 -9.87
N THR B 233 14.93 20.99 -11.11
CA THR B 233 16.35 21.01 -11.49
C THR B 233 17.08 22.21 -10.83
N ILE B 234 16.80 23.45 -11.29
CA ILE B 234 17.38 24.68 -10.79
C ILE B 234 16.50 25.21 -9.64
N PHE B 235 17.12 25.32 -8.46
CA PHE B 235 16.46 25.75 -7.21
C PHE B 235 17.54 26.47 -6.38
N GLU B 236 17.21 27.67 -5.89
CA GLU B 236 18.15 28.50 -5.08
C GLU B 236 18.19 27.85 -3.69
N GLU B 237 19.27 28.08 -2.95
CA GLU B 237 19.45 27.52 -1.58
C GLU B 237 18.26 27.69 -0.62
N GLU B 238 17.65 28.88 -0.60
CA GLU B 238 16.51 29.10 0.28
C GLU B 238 15.40 28.16 -0.17
N GLU B 239 15.23 28.00 -1.49
CA GLU B 239 14.23 27.12 -2.08
C GLU B 239 14.51 25.64 -1.79
N LYS B 240 15.76 25.21 -1.88
CA LYS B 240 16.18 23.83 -1.58
C LYS B 240 16.06 23.38 -0.12
N LYS B 241 16.34 24.31 0.82
CA LYS B 241 16.21 24.08 2.26
C LYS B 241 14.74 23.83 2.67
N VAL B 242 13.83 24.68 2.13
CA VAL B 242 12.39 24.65 2.40
C VAL B 242 11.79 23.43 1.66
N LEU B 243 12.23 23.14 0.44
CA LEU B 243 11.71 22.01 -0.32
C LEU B 243 12.15 20.67 0.23
N THR B 244 13.33 20.63 0.90
CA THR B 244 13.83 19.41 1.53
C THR B 244 13.04 19.16 2.83
N ARG B 245 12.62 20.27 3.49
CA ARG B 245 11.81 20.27 4.71
C ARG B 245 10.42 19.70 4.41
N VAL B 246 9.74 20.24 3.37
CA VAL B 246 8.40 19.82 2.93
C VAL B 246 8.45 18.38 2.43
N LYS B 247 9.45 18.05 1.58
CA LYS B 247 9.64 16.72 1.01
C LYS B 247 9.71 15.58 2.05
N GLY B 248 10.05 15.91 3.30
CA GLY B 248 10.18 14.95 4.39
C GLY B 248 9.24 15.14 5.55
N THR B 249 8.03 15.64 5.26
CA THR B 249 7.00 15.81 6.29
C THR B 249 6.29 14.46 6.36
N ASP B 250 6.17 13.94 7.59
CA ASP B 250 5.59 12.62 7.85
C ASP B 250 4.07 12.59 7.74
N VAL B 251 3.56 12.64 6.51
CA VAL B 251 2.14 12.56 6.20
C VAL B 251 1.56 11.21 6.66
N ASN B 252 2.37 10.12 6.61
CA ASN B 252 1.97 8.79 7.03
C ASN B 252 1.56 8.77 8.50
N VAL B 253 2.16 9.64 9.35
CA VAL B 253 1.81 9.72 10.78
C VAL B 253 0.38 10.29 10.93
N VAL B 254 0.03 11.27 10.08
CA VAL B 254 -1.29 11.91 10.03
C VAL B 254 -2.30 10.85 9.58
N ILE B 255 -1.95 10.04 8.59
CA ILE B 255 -2.80 8.96 8.09
C ILE B 255 -3.00 7.89 9.16
N ASN B 256 -1.91 7.51 9.84
CA ASN B 256 -1.93 6.50 10.90
C ASN B 256 -2.77 6.95 12.07
N PHE B 257 -2.64 8.24 12.43
CA PHE B 257 -3.41 8.86 13.50
C PHE B 257 -4.89 8.67 13.23
N LEU B 258 -5.31 8.94 11.98
CA LEU B 258 -6.71 8.82 11.57
C LEU B 258 -7.15 7.39 11.55
N TRP B 259 -6.26 6.47 11.10
CA TRP B 259 -6.58 5.03 11.03
C TRP B 259 -6.86 4.49 12.43
N ASN B 260 -6.03 4.88 13.43
CA ASN B 260 -6.19 4.46 14.82
C ASN B 260 -7.49 5.04 15.38
N ILE B 261 -7.71 6.38 15.25
CA ILE B 261 -8.95 7.02 15.71
C ILE B 261 -10.16 6.32 15.08
N ARG B 262 -10.09 5.99 13.80
CA ARG B 262 -11.20 5.31 13.15
C ARG B 262 -11.45 3.93 13.69
N ASN B 263 -10.39 3.09 13.82
CA ASN B 263 -10.52 1.71 14.26
C ASN B 263 -10.51 1.52 15.80
N GLY B 264 -10.49 2.63 16.53
CA GLY B 264 -10.61 2.62 17.98
C GLY B 264 -9.41 2.23 18.79
N PHE B 265 -8.18 2.41 18.24
CA PHE B 265 -6.92 2.22 18.96
C PHE B 265 -6.61 3.57 19.63
N THR B 266 -7.49 3.93 20.58
CA THR B 266 -7.55 5.18 21.32
C THR B 266 -6.26 5.50 22.05
N VAL B 267 -5.60 4.48 22.65
CA VAL B 267 -4.35 4.69 23.39
C VAL B 267 -3.25 5.14 22.42
N ASN B 268 -3.04 4.39 21.32
CA ASN B 268 -2.05 4.71 20.29
C ASN B 268 -2.29 6.03 19.58
N ALA B 269 -3.57 6.38 19.31
CA ALA B 269 -3.99 7.63 18.68
C ALA B 269 -3.52 8.84 19.53
N VAL B 270 -3.74 8.76 20.84
CA VAL B 270 -3.37 9.74 21.85
C VAL B 270 -1.84 9.79 22.08
N LYS B 271 -1.17 8.63 22.04
CA LYS B 271 0.27 8.58 22.24
C LYS B 271 1.01 9.46 21.20
N SER B 272 0.63 9.31 19.90
CA SER B 272 1.18 9.98 18.71
C SER B 272 0.70 11.44 18.55
N MET B 273 -0.15 11.94 19.47
CA MET B 273 -0.64 13.32 19.47
C MET B 273 0.48 14.29 19.56
N ASN B 274 1.45 14.02 20.46
CA ASN B 274 2.60 14.90 20.61
C ASN B 274 3.47 14.93 19.37
N GLU B 275 3.76 13.76 18.76
CA GLU B 275 4.56 13.65 17.54
C GLU B 275 3.99 14.54 16.44
N LEU B 276 2.65 14.43 16.25
CA LEU B 276 1.90 15.20 15.26
C LEU B 276 1.87 16.70 15.54
N LYS B 277 1.87 17.09 16.84
CA LYS B 277 1.89 18.51 17.22
C LYS B 277 3.15 19.10 16.59
N ASN B 278 4.26 18.35 16.67
CA ASN B 278 5.52 18.75 16.10
C ASN B 278 5.52 18.69 14.60
N ILE B 279 4.87 17.65 14.02
CA ILE B 279 4.77 17.50 12.57
C ILE B 279 4.04 18.70 11.97
N ILE B 280 2.91 19.09 12.56
CA ILE B 280 2.14 20.19 12.04
C ILE B 280 2.77 21.54 12.40
N ASN B 281 3.54 21.62 13.50
CA ASN B 281 4.20 22.90 13.82
C ASN B 281 5.32 23.19 12.82
N GLN B 282 6.00 22.14 12.33
CA GLN B 282 7.04 22.23 11.32
C GLN B 282 6.39 22.53 9.98
N LEU B 283 5.22 21.93 9.71
CA LEU B 283 4.48 22.16 8.46
C LEU B 283 3.94 23.57 8.40
N GLU B 284 3.49 24.14 9.55
CA GLU B 284 3.00 25.51 9.62
C GLU B 284 4.07 26.49 9.12
N GLU B 285 5.33 26.36 9.60
CA GLU B 285 6.41 27.26 9.20
C GLU B 285 6.92 26.98 7.77
N ASP B 286 6.86 25.72 7.30
CA ASP B 286 7.24 25.42 5.91
C ASP B 286 6.22 26.09 4.99
N LEU B 287 4.93 25.96 5.34
CA LEU B 287 3.84 26.53 4.58
C LEU B 287 3.91 28.05 4.60
N GLU B 288 4.20 28.70 5.75
CA GLU B 288 4.30 30.17 5.80
C GLU B 288 5.40 30.66 4.86
N LYS B 289 6.52 29.89 4.75
CA LYS B 289 7.66 30.15 3.87
C LYS B 289 7.21 29.97 2.42
N LEU B 290 6.62 28.81 2.12
CA LEU B 290 6.09 28.48 0.79
C LEU B 290 5.06 29.49 0.33
N LYS B 291 4.35 30.14 1.29
CA LYS B 291 3.33 31.16 1.00
C LYS B 291 3.95 32.45 0.52
N SER B 292 4.91 33.02 1.28
CA SER B 292 5.62 34.24 0.86
C SER B 292 6.41 33.97 -0.45
N PHE B 293 6.84 32.71 -0.67
CA PHE B 293 7.51 32.27 -1.90
C PHE B 293 6.57 32.43 -3.11
N TYR B 294 5.31 32.00 -2.96
CA TYR B 294 4.27 32.07 -3.99
C TYR B 294 3.58 33.47 -4.03
N LYS B 295 3.69 34.25 -2.95
CA LYS B 295 3.17 35.62 -2.88
C LYS B 295 4.12 36.49 -3.70
N ASN B 296 5.43 36.13 -3.71
CA ASN B 296 6.51 36.80 -4.45
C ASN B 296 7.03 35.79 -5.47
N TRP B 297 6.09 35.19 -6.21
CA TRP B 297 6.28 34.17 -7.23
C TRP B 297 7.21 34.54 -8.35
N GLU B 298 7.29 35.84 -8.65
CA GLU B 298 8.17 36.40 -9.67
C GLU B 298 9.66 36.12 -9.38
N GLU B 299 10.02 35.95 -8.09
CA GLU B 299 11.39 35.67 -7.64
C GLU B 299 11.75 34.17 -7.63
N HIS B 300 10.72 33.33 -7.50
CA HIS B 300 10.88 31.85 -7.46
C HIS B 300 10.29 31.24 -8.75
N LYS B 301 10.88 31.59 -9.89
CA LYS B 301 10.38 31.08 -11.18
C LYS B 301 10.87 29.67 -11.48
N ASN B 302 11.50 29.03 -10.49
CA ASN B 302 11.95 27.61 -10.64
C ASN B 302 10.76 26.64 -10.55
N PHE B 303 9.74 27.01 -9.77
CA PHE B 303 8.56 26.15 -9.50
C PHE B 303 7.51 26.36 -10.60
N GLN B 304 7.70 27.34 -11.48
CA GLN B 304 6.63 27.61 -12.50
C GLN B 304 6.28 26.40 -13.44
N GLY B 305 7.25 25.50 -13.56
CA GLY B 305 7.04 24.27 -14.35
C GLY B 305 6.83 23.11 -13.41
N GLU B 306 6.91 23.35 -12.09
CA GLU B 306 6.74 22.26 -11.13
C GLU B 306 5.29 22.00 -10.81
N THR B 307 4.88 20.74 -11.04
CA THR B 307 3.53 20.20 -10.95
C THR B 307 3.25 19.31 -9.71
N LEU B 308 4.30 18.82 -9.04
CA LEU B 308 4.14 17.91 -7.91
C LEU B 308 3.92 18.60 -6.55
N LEU B 309 4.26 19.90 -6.39
CA LEU B 309 4.03 20.57 -5.09
C LEU B 309 2.73 21.38 -5.09
N VAL B 310 1.79 21.02 -4.20
CA VAL B 310 0.50 21.72 -4.16
C VAL B 310 0.21 22.26 -2.76
N LEU B 311 0.13 23.59 -2.59
CA LEU B 311 -0.14 24.27 -1.32
C LEU B 311 -1.41 23.78 -0.62
N SER B 312 -2.52 23.64 -1.38
CA SER B 312 -3.82 23.21 -0.87
C SER B 312 -3.74 21.85 -0.16
N ASP B 313 -2.93 20.90 -0.71
CA ASP B 313 -2.69 19.58 -0.12
C ASP B 313 -2.04 19.73 1.27
N LEU B 314 -1.09 20.62 1.43
CA LEU B 314 -0.39 20.80 2.69
C LEU B 314 -1.22 21.61 3.65
N ASP B 315 -1.80 22.74 3.19
CA ASP B 315 -2.64 23.60 4.01
C ASP B 315 -3.86 22.82 4.60
N SER B 316 -4.44 21.91 3.81
CA SER B 316 -5.57 21.09 4.24
C SER B 316 -5.14 20.09 5.31
N THR B 317 -3.85 19.68 5.27
CA THR B 317 -3.22 18.77 6.24
C THR B 317 -3.09 19.46 7.59
N LEU B 318 -2.90 20.78 7.61
CA LEU B 318 -2.80 21.57 8.85
C LEU B 318 -4.08 21.54 9.69
N LYS B 319 -5.22 21.14 9.09
CA LYS B 319 -6.52 21.04 9.78
C LYS B 319 -6.49 19.95 10.84
N VAL B 320 -5.52 19.02 10.74
CA VAL B 320 -5.37 17.92 11.69
C VAL B 320 -5.02 18.45 13.08
N LYS B 321 -4.65 19.72 13.18
CA LYS B 321 -4.35 20.42 14.43
C LYS B 321 -5.61 20.42 15.32
N ASP B 322 -6.78 20.48 14.69
CA ASP B 322 -8.08 20.49 15.36
C ASP B 322 -8.36 19.18 16.14
N LEU B 323 -7.60 18.12 15.82
CA LEU B 323 -7.72 16.81 16.47
C LEU B 323 -6.77 16.67 17.66
N LEU B 324 -5.83 17.62 17.84
CA LEU B 324 -4.85 17.55 18.92
C LEU B 324 -5.15 18.47 20.11
N ILE B 325 -4.68 18.02 21.30
CA ILE B 325 -4.79 18.64 22.61
C ILE B 325 -3.49 18.36 23.36
N GLU B 326 -3.25 19.08 24.43
CA GLU B 326 -2.07 18.96 25.30
C GLU B 326 -2.52 18.35 26.64
N GLY B 327 -1.60 17.66 27.30
CA GLY B 327 -1.87 17.06 28.61
C GLY B 327 -1.48 15.61 28.70
N ASN B 328 -1.82 15.00 29.84
CA ASN B 328 -1.52 13.59 30.06
C ASN B 328 -2.42 12.74 29.17
N ASP B 329 -2.02 11.50 28.91
CA ASP B 329 -2.76 10.59 28.06
C ASP B 329 -4.25 10.50 28.44
N LEU B 330 -4.59 10.60 29.73
CA LEU B 330 -5.97 10.58 30.23
C LEU B 330 -6.78 11.82 29.78
N GLU B 331 -6.14 13.00 29.79
CA GLU B 331 -6.72 14.27 29.35
C GLU B 331 -6.87 14.27 27.82
N LYS B 332 -5.93 13.62 27.14
CA LYS B 332 -5.91 13.47 25.69
C LYS B 332 -7.05 12.53 25.21
N LEU B 333 -7.32 11.44 25.93
CA LEU B 333 -8.39 10.51 25.62
C LEU B 333 -9.77 11.15 25.88
N ASN B 334 -9.82 12.04 26.88
CA ASN B 334 -11.03 12.77 27.27
C ASN B 334 -11.55 13.65 26.11
N TYR B 335 -10.61 14.32 25.40
CA TYR B 335 -10.84 15.17 24.23
C TYR B 335 -11.23 14.25 23.08
N LEU B 336 -10.51 13.12 22.91
CA LEU B 336 -10.78 12.15 21.87
C LEU B 336 -12.22 11.68 21.93
N LEU B 337 -12.78 11.54 23.17
CA LEU B 337 -14.16 11.16 23.40
C LEU B 337 -15.14 12.10 22.74
N ASP B 338 -14.98 13.43 22.99
CA ASP B 338 -15.80 14.46 22.37
C ASP B 338 -15.69 14.50 20.84
N LEU B 339 -14.46 14.21 20.30
CA LEU B 339 -14.14 14.17 18.87
C LEU B 339 -15.00 13.07 18.27
N TYR B 340 -15.12 11.94 19.00
CA TYR B 340 -15.94 10.79 18.59
C TYR B 340 -17.43 11.13 18.64
N ILE B 341 -17.82 12.14 19.43
CA ILE B 341 -19.21 12.53 19.54
C ILE B 341 -19.51 13.51 18.41
N LYS B 342 -18.59 14.50 18.19
CA LYS B 342 -18.63 15.52 17.12
C LYS B 342 -18.85 14.80 15.76
N ALA B 343 -17.89 13.91 15.34
CA ALA B 343 -18.02 13.03 14.16
C ALA B 343 -19.05 12.03 14.66
N SER B 344 -20.02 11.62 13.88
CA SER B 344 -21.00 10.79 14.56
C SER B 344 -20.61 9.31 14.63
N ILE B 345 -19.47 9.02 15.25
CA ILE B 345 -18.97 7.64 15.40
C ILE B 345 -19.33 7.20 16.85
N TYR B 346 -20.62 6.80 16.99
CA TYR B 346 -21.32 6.39 18.22
C TYR B 346 -20.68 5.22 18.97
N ASP B 347 -20.37 4.12 18.25
CA ASP B 347 -19.75 2.91 18.77
C ASP B 347 -18.46 3.18 19.55
N LYS B 348 -17.50 3.88 18.92
CA LYS B 348 -16.21 4.20 19.54
C LYS B 348 -16.36 5.16 20.71
N ALA B 349 -17.30 6.12 20.60
CA ALA B 349 -17.55 7.09 21.66
C ALA B 349 -18.01 6.39 22.91
N LEU B 350 -18.94 5.40 22.76
CA LEU B 350 -19.51 4.68 23.90
C LEU B 350 -18.49 3.81 24.64
N SER B 351 -17.69 3.03 23.86
CA SER B 351 -16.61 2.19 24.36
C SER B 351 -15.62 3.05 25.15
N LEU B 352 -15.14 4.14 24.54
CA LEU B 352 -14.24 5.05 25.22
C LEU B 352 -14.88 5.65 26.47
N ALA B 353 -16.18 5.97 26.41
CA ALA B 353 -16.93 6.54 27.53
C ALA B 353 -17.00 5.55 28.71
N ARG B 354 -17.13 4.25 28.39
CA ARG B 354 -17.20 3.17 29.35
C ARG B 354 -15.83 2.83 29.97
N GLU B 355 -14.77 2.67 29.14
CA GLU B 355 -13.43 2.25 29.59
C GLU B 355 -12.58 3.37 30.15
N LEU B 356 -12.72 4.63 29.67
CA LEU B 356 -11.94 5.77 30.17
C LEU B 356 -12.10 5.95 31.70
N PRO B 357 -13.32 5.81 32.30
CA PRO B 357 -13.44 5.91 33.78
C PRO B 357 -12.61 4.88 34.55
N VAL B 358 -12.43 3.67 33.97
CA VAL B 358 -11.61 2.60 34.54
C VAL B 358 -10.14 3.08 34.62
N ALA B 359 -9.59 3.57 33.49
CA ALA B 359 -8.23 4.08 33.43
C ALA B 359 -8.08 5.27 34.33
N ILE B 360 -9.18 6.06 34.54
CA ILE B 360 -9.16 7.23 35.41
C ILE B 360 -8.98 6.75 36.84
N CYS B 361 -9.70 5.66 37.19
CA CYS B 361 -9.70 5.02 38.49
C CYS B 361 -8.31 4.45 38.75
N LEU B 362 -7.74 3.75 37.75
CA LEU B 362 -6.44 3.13 37.81
C LEU B 362 -5.35 4.13 38.13
N ASN B 363 -5.45 5.33 37.56
CA ASN B 363 -4.49 6.40 37.81
C ASN B 363 -4.53 6.81 39.28
N LYS B 364 -5.75 6.97 39.84
CA LYS B 364 -5.95 7.37 41.23
C LYS B 364 -5.31 6.40 42.21
N VAL B 365 -5.36 5.10 41.89
CA VAL B 365 -4.83 4.05 42.76
C VAL B 365 -3.35 3.73 42.48
N GLY B 366 -2.64 4.65 41.81
CA GLY B 366 -1.21 4.50 41.54
C GLY B 366 -0.84 3.82 40.23
N GLY B 367 -1.83 3.29 39.53
CA GLY B 367 -1.63 2.65 38.25
C GLY B 367 -1.64 1.14 38.22
N GLY B 368 -1.93 0.63 37.04
CA GLY B 368 -1.96 -0.79 36.74
C GLY B 368 -2.31 -1.10 35.29
N MET B 369 -2.06 -2.34 34.90
CA MET B 369 -2.31 -2.86 33.57
C MET B 369 -3.80 -3.18 33.39
N PHE B 370 -4.30 -3.07 32.16
CA PHE B 370 -5.67 -3.40 31.80
C PHE B 370 -5.74 -4.88 31.57
N ASP B 371 -5.60 -5.67 32.64
CA ASP B 371 -5.62 -7.13 32.65
C ASP B 371 -6.39 -7.60 33.86
N ASP B 372 -7.11 -8.74 33.74
CA ASP B 372 -7.92 -9.34 34.82
C ASP B 372 -7.07 -9.88 35.98
N LYS B 373 -5.78 -10.11 35.70
CA LYS B 373 -4.77 -10.58 36.65
C LYS B 373 -4.41 -9.42 37.61
N ASN B 374 -4.54 -8.16 37.14
CA ASN B 374 -4.25 -6.96 37.94
C ASN B 374 -5.39 -6.72 38.90
N GLU B 375 -5.06 -6.63 40.19
CA GLU B 375 -6.05 -6.42 41.26
C GLU B 375 -6.68 -5.04 41.18
N LYS B 376 -5.84 -3.98 41.01
CA LYS B 376 -6.30 -2.57 40.91
C LYS B 376 -7.33 -2.43 39.80
N TYR B 377 -7.07 -3.05 38.62
CA TYR B 377 -7.99 -3.02 37.49
C TYR B 377 -9.26 -3.77 37.86
N LYS B 378 -9.13 -5.06 38.27
CA LYS B 378 -10.23 -5.97 38.62
C LYS B 378 -11.36 -5.27 39.37
N HIS B 379 -11.02 -4.50 40.42
CA HIS B 379 -11.99 -3.77 41.23
C HIS B 379 -12.41 -2.44 40.61
N CYS B 380 -11.48 -1.69 39.96
CA CYS B 380 -11.80 -0.44 39.27
C CYS B 380 -12.91 -0.70 38.27
N ASN B 381 -12.77 -1.79 37.49
CA ASN B 381 -13.76 -2.22 36.51
C ASN B 381 -15.08 -2.50 37.18
N GLU B 382 -15.06 -3.28 38.30
CA GLU B 382 -16.24 -3.64 39.10
C GLU B 382 -16.99 -2.41 39.60
N ILE B 383 -16.29 -1.36 40.06
CA ILE B 383 -16.90 -0.10 40.52
C ILE B 383 -17.58 0.58 39.33
N VAL B 384 -16.82 0.77 38.23
CA VAL B 384 -17.31 1.43 37.02
C VAL B 384 -18.54 0.71 36.49
N THR B 385 -18.42 -0.60 36.23
CA THR B 385 -19.46 -1.49 35.71
C THR B 385 -20.72 -1.44 36.60
N SER B 386 -20.55 -1.44 37.94
CA SER B 386 -21.66 -1.39 38.87
C SER B 386 -22.34 -0.03 38.88
N TYR B 387 -21.58 1.07 39.07
CA TYR B 387 -22.12 2.42 39.06
C TYR B 387 -22.94 2.72 37.81
N LEU B 388 -22.49 2.22 36.66
CA LEU B 388 -23.20 2.41 35.41
C LEU B 388 -24.43 1.55 35.45
N ARG B 389 -24.29 0.25 35.76
CA ARG B 389 -25.46 -0.64 35.88
C ARG B 389 -26.51 -0.06 36.84
N LEU B 390 -26.06 0.73 37.85
CA LEU B 390 -26.86 1.39 38.87
C LEU B 390 -27.49 2.66 38.34
N ARG B 391 -26.67 3.69 38.13
CA ARG B 391 -27.13 5.01 37.75
C ARG B 391 -27.32 5.23 36.24
N TYR B 392 -26.41 4.71 35.40
CA TYR B 392 -26.43 4.91 33.95
C TYR B 392 -26.66 3.59 33.23
N SER B 393 -27.88 3.06 33.42
CA SER B 393 -28.30 1.78 32.85
C SER B 393 -28.20 1.84 31.30
N GLY B 394 -28.64 2.97 30.74
CA GLY B 394 -28.67 3.32 29.33
C GLY B 394 -27.37 3.16 28.55
N LEU B 395 -26.30 3.91 28.92
CA LEU B 395 -24.99 3.88 28.27
C LEU B 395 -24.56 2.44 27.96
N MET B 396 -24.46 1.60 29.00
CA MET B 396 -24.04 0.20 28.99
C MET B 396 -24.87 -0.68 28.03
N GLU B 397 -26.13 -0.33 27.83
CA GLU B 397 -27.04 -1.05 26.94
C GLU B 397 -26.73 -0.68 25.50
N PHE B 398 -26.58 0.65 25.20
CA PHE B 398 -26.24 1.15 23.86
C PHE B 398 -24.84 0.66 23.43
N ARG B 399 -23.82 0.80 24.33
CA ARG B 399 -22.45 0.34 24.04
C ARG B 399 -22.48 -1.10 23.61
N ASN B 400 -23.21 -1.95 24.34
CA ASN B 400 -23.26 -3.37 24.04
C ASN B 400 -23.87 -3.64 22.68
N THR B 401 -25.04 -3.02 22.42
CA THR B 401 -25.82 -3.13 21.18
C THR B 401 -24.97 -2.81 19.96
N LEU B 402 -24.23 -1.67 19.97
CA LEU B 402 -23.38 -1.15 18.88
C LEU B 402 -22.13 -2.01 18.60
N MET B 403 -21.57 -2.64 19.65
CA MET B 403 -20.41 -3.51 19.55
C MET B 403 -20.73 -4.78 18.76
N HIS B 404 -21.85 -5.43 19.11
CA HIS B 404 -22.30 -6.68 18.50
C HIS B 404 -23.12 -6.45 17.22
N GLY B 405 -23.84 -5.33 17.14
CA GLY B 405 -24.65 -5.05 15.95
C GLY B 405 -26.02 -5.71 16.00
N GLY B 406 -26.80 -5.56 14.93
CA GLY B 406 -28.17 -6.08 14.84
C GLY B 406 -28.25 -7.60 14.91
N LEU B 407 -27.33 -8.30 14.23
CA LEU B 407 -27.37 -9.79 14.21
C LEU B 407 -26.65 -10.33 15.45
N SER B 408 -27.26 -10.25 16.63
CA SER B 408 -26.61 -10.74 17.88
C SER B 408 -27.63 -10.89 19.01
N THR B 409 -27.17 -11.50 20.12
CA THR B 409 -27.96 -11.69 21.33
C THR B 409 -28.51 -10.39 21.93
N ASP B 410 -27.84 -9.25 21.66
CA ASP B 410 -28.24 -7.94 22.17
C ASP B 410 -29.40 -7.35 21.39
N MET B 411 -29.64 -7.87 20.19
CA MET B 411 -30.71 -7.39 19.32
C MET B 411 -31.83 -8.40 19.23
N LYS B 412 -31.53 -9.69 19.52
CA LYS B 412 -32.46 -10.82 19.53
C LYS B 412 -33.32 -10.92 18.24
N PRO B 413 -32.70 -10.90 17.03
CA PRO B 413 -33.50 -11.06 15.80
C PRO B 413 -33.94 -12.52 15.67
N ASN B 414 -34.89 -12.84 14.80
CA ASN B 414 -35.26 -14.24 14.71
C ASN B 414 -35.23 -14.85 13.31
N VAL B 415 -34.37 -15.84 13.16
CA VAL B 415 -34.24 -16.58 11.91
C VAL B 415 -35.41 -17.57 11.65
N ASP B 416 -35.90 -17.68 10.39
CA ASP B 416 -36.99 -18.59 10.03
C ASP B 416 -36.42 -19.73 9.14
N LYS B 417 -37.20 -20.81 8.97
CA LYS B 417 -36.75 -21.96 8.14
C LYS B 417 -36.42 -21.47 6.73
N ASP B 418 -37.23 -20.54 6.22
CA ASP B 418 -37.04 -19.93 4.87
C ASP B 418 -35.72 -19.17 4.82
N GLY B 419 -35.35 -18.52 5.94
CA GLY B 419 -34.12 -17.72 6.02
C GLY B 419 -34.42 -16.24 6.17
N ASN B 420 -35.70 -15.87 6.16
CA ASN B 420 -36.08 -14.45 6.38
C ASN B 420 -35.77 -14.11 7.85
N ILE B 421 -35.27 -12.89 8.10
CA ILE B 421 -34.91 -12.48 9.49
C ILE B 421 -35.67 -11.19 9.83
N THR B 422 -36.20 -11.12 11.05
CA THR B 422 -36.96 -9.92 11.52
C THR B 422 -36.22 -9.31 12.73
N PRO B 423 -35.94 -7.99 12.74
CA PRO B 423 -35.24 -7.37 13.87
C PRO B 423 -36.09 -7.45 15.14
N GLY B 424 -35.44 -7.68 16.29
CA GLY B 424 -36.14 -7.81 17.58
C GLY B 424 -36.24 -6.49 18.33
N LYS B 425 -35.42 -6.32 19.36
CA LYS B 425 -35.41 -5.10 20.19
C LYS B 425 -35.47 -3.70 19.46
N ILE B 426 -35.38 -3.73 18.10
CA ILE B 426 -35.41 -2.59 17.13
C ILE B 426 -35.10 -1.23 17.80
N VAL B 427 -33.88 -0.69 17.53
CA VAL B 427 -33.47 0.57 18.11
C VAL B 427 -33.26 1.61 16.96
N THR B 428 -33.91 2.79 17.13
CA THR B 428 -33.98 3.91 16.18
C THR B 428 -32.71 4.76 16.11
N LYS B 429 -32.40 5.23 14.89
CA LYS B 429 -31.31 6.13 14.52
C LYS B 429 -31.29 7.36 15.44
N ASN B 430 -32.48 7.89 15.79
CA ASN B 430 -32.61 9.06 16.65
C ASN B 430 -32.44 8.75 18.13
N LYS B 431 -32.69 7.49 18.57
CA LYS B 431 -32.48 7.09 19.97
C LYS B 431 -30.99 7.24 20.29
N ILE B 432 -30.14 6.70 19.39
CA ILE B 432 -28.70 6.69 19.49
C ILE B 432 -28.14 8.10 19.30
N GLU B 433 -28.44 8.75 18.14
CA GLU B 433 -28.00 10.11 17.81
C GLU B 433 -28.22 11.04 18.97
N ASP B 434 -29.45 11.09 19.51
CA ASP B 434 -29.81 11.96 20.59
C ASP B 434 -29.09 11.60 21.87
N PHE B 435 -29.11 10.32 22.27
CA PHE B 435 -28.41 9.92 23.49
C PHE B 435 -26.91 10.33 23.46
N VAL B 436 -26.15 9.87 22.44
CA VAL B 436 -24.73 10.17 22.31
C VAL B 436 -24.46 11.67 22.24
N LYS B 437 -25.01 12.33 21.22
CA LYS B 437 -24.76 13.74 20.92
C LYS B 437 -25.33 14.70 21.97
N ARG B 438 -26.28 14.24 22.80
CA ARG B 438 -26.90 15.15 23.79
C ARG B 438 -26.56 14.73 25.23
N GLU B 439 -27.15 13.62 25.71
CA GLU B 439 -26.89 13.15 27.10
C GLU B 439 -25.60 12.35 27.50
N LEU B 440 -24.95 11.80 26.48
CA LEU B 440 -23.72 11.00 26.74
C LEU B 440 -22.49 11.65 27.42
N ARG B 441 -22.21 12.91 27.07
CA ARG B 441 -21.03 13.62 27.67
C ARG B 441 -21.31 13.92 29.15
N ASN B 442 -22.44 14.55 29.44
CA ASN B 442 -22.85 14.92 30.80
C ASN B 442 -22.79 13.72 31.74
N TYR B 443 -23.26 12.57 31.22
CA TYR B 443 -23.31 11.28 31.92
C TYR B 443 -21.90 10.80 32.24
N PHE B 444 -20.93 11.07 31.36
CA PHE B 444 -19.52 10.71 31.53
C PHE B 444 -18.90 11.55 32.61
N ASP B 445 -19.09 12.87 32.52
CA ASP B 445 -18.58 13.85 33.47
C ASP B 445 -19.07 13.53 34.88
N LYS B 446 -20.34 13.07 34.98
CA LYS B 446 -20.97 12.69 36.23
C LYS B 446 -20.29 11.46 36.82
N ILE B 447 -19.92 10.48 35.95
CA ILE B 447 -19.20 9.25 36.33
C ILE B 447 -17.77 9.63 36.79
N VAL B 448 -17.10 10.47 36.00
CA VAL B 448 -15.73 10.93 36.23
C VAL B 448 -15.60 11.66 37.56
N ASN B 449 -16.61 12.51 37.86
CA ASN B 449 -16.72 13.33 39.06
C ASN B 449 -16.84 12.46 40.29
N PHE B 450 -17.55 11.35 40.14
CA PHE B 450 -17.76 10.38 41.19
C PHE B 450 -16.44 9.69 41.54
N LEU B 451 -15.78 9.11 40.54
CA LEU B 451 -14.55 8.37 40.74
C LEU B 451 -13.34 9.21 41.17
N SER B 452 -13.48 10.55 41.18
CA SER B 452 -12.44 11.45 41.65
C SER B 452 -12.23 11.22 43.17
N SER B 453 -13.37 11.07 43.89
CA SER B 453 -13.51 10.81 45.33
C SER B 453 -12.79 9.49 45.76
N ALA B 454 -12.80 8.46 44.88
CA ALA B 454 -12.19 7.14 45.06
C ALA B 454 -10.69 7.15 45.37
N MET C 1 51.84 -32.05 16.85
CA MET C 1 52.23 -30.64 17.13
C MET C 1 51.00 -29.74 16.98
N LYS C 2 50.72 -28.90 17.97
CA LYS C 2 49.57 -27.96 17.94
C LYS C 2 49.86 -26.89 16.89
N CYS C 3 48.83 -26.38 16.22
CA CYS C 3 49.02 -25.33 15.18
C CYS C 3 47.87 -24.34 15.23
N LEU C 4 48.12 -23.14 15.75
CA LEU C 4 47.06 -22.09 15.82
C LEU C 4 47.07 -21.26 14.54
N PHE C 5 45.98 -21.31 13.78
CA PHE C 5 45.83 -20.50 12.53
C PHE C 5 44.77 -19.45 12.82
N TYR C 6 45.07 -18.18 12.56
CA TYR C 6 44.07 -17.12 12.82
C TYR C 6 44.01 -16.19 11.60
N ILE C 7 42.83 -15.66 11.29
CA ILE C 7 42.69 -14.72 10.15
C ILE C 7 43.07 -13.34 10.68
N ALA C 8 44.05 -12.69 10.05
CA ALA C 8 44.55 -11.39 10.53
C ALA C 8 43.46 -10.30 10.42
N GLY C 9 43.42 -9.41 11.41
CA GLY C 9 42.45 -8.31 11.43
C GLY C 9 43.17 -6.99 11.69
N ASP C 10 42.49 -5.87 11.44
CA ASP C 10 43.10 -4.55 11.66
C ASP C 10 43.29 -4.34 13.17
N VAL C 11 44.53 -4.52 13.60
CA VAL C 11 44.96 -4.42 14.98
C VAL C 11 44.91 -2.94 15.53
N SER C 12 44.93 -1.92 14.65
CA SER C 12 44.95 -0.50 15.03
C SER C 12 43.73 -0.06 15.84
N ASN C 13 42.60 -0.77 15.72
CA ASN C 13 41.37 -0.44 16.45
C ASN C 13 41.16 -1.25 17.77
N TYR C 14 41.94 -2.36 17.96
CA TYR C 14 41.86 -3.30 19.10
C TYR C 14 42.08 -2.69 20.46
N SER C 15 41.52 -3.35 21.49
CA SER C 15 41.68 -2.95 22.88
C SER C 15 41.91 -4.15 23.80
N ILE C 16 42.65 -3.90 24.92
CA ILE C 16 43.01 -4.88 25.97
C ILE C 16 41.75 -5.31 26.71
N VAL C 17 41.38 -6.54 26.49
CA VAL C 17 40.22 -7.14 27.09
C VAL C 17 40.62 -8.44 27.78
N ASN C 18 39.75 -8.94 28.65
CA ASN C 18 40.06 -10.16 29.38
C ASN C 18 39.36 -11.32 28.71
N TYR C 19 40.09 -12.01 27.85
CA TYR C 19 39.53 -13.13 27.13
C TYR C 19 39.31 -14.29 28.07
N GLU C 20 38.27 -15.09 27.84
CA GLU C 20 37.94 -16.22 28.72
C GLU C 20 37.53 -17.44 27.92
N LEU C 21 38.08 -18.58 28.34
CA LEU C 21 37.76 -19.90 27.72
C LEU C 21 37.71 -20.97 28.82
N ASN C 22 36.51 -21.44 29.16
CA ASN C 22 36.33 -22.52 30.17
C ASN C 22 37.01 -22.19 31.50
N GLY C 23 36.80 -20.99 32.04
CA GLY C 23 37.37 -20.62 33.35
C GLY C 23 38.68 -19.87 33.22
N GLN C 24 39.58 -20.38 32.39
CA GLN C 24 40.90 -19.76 32.14
C GLN C 24 40.80 -18.33 31.64
N THR C 25 41.70 -17.46 32.11
CA THR C 25 41.69 -16.06 31.68
C THR C 25 43.04 -15.51 31.28
N GLN C 26 43.03 -14.75 30.17
CA GLN C 26 44.19 -14.11 29.59
C GLN C 26 43.90 -12.65 29.33
N ASN C 27 44.73 -11.75 29.85
CA ASN C 27 44.54 -10.35 29.51
C ASN C 27 45.49 -10.02 28.35
N THR C 28 44.90 -9.60 27.18
CA THR C 28 45.56 -9.27 25.88
C THR C 28 44.65 -8.39 25.06
N PHE C 29 45.14 -7.85 23.91
CA PHE C 29 44.36 -7.00 23.02
C PHE C 29 43.83 -7.69 21.75
N PHE C 30 44.21 -8.98 21.49
CA PHE C 30 43.66 -9.72 20.36
C PHE C 30 43.63 -11.20 20.61
N ALA C 31 42.43 -11.78 20.42
CA ALA C 31 42.01 -13.17 20.63
C ALA C 31 43.02 -14.24 20.25
N ALA C 32 43.65 -14.11 19.06
CA ALA C 32 44.65 -15.05 18.55
C ALA C 32 45.79 -15.19 19.54
N HIS C 33 46.14 -14.06 20.22
CA HIS C 33 47.19 -14.07 21.23
C HIS C 33 46.73 -14.74 22.51
N ALA C 34 45.52 -14.41 22.98
CA ALA C 34 44.94 -15.05 24.15
C ALA C 34 44.98 -16.57 23.95
N LEU C 35 44.41 -17.06 22.81
CA LEU C 35 44.32 -18.47 22.40
C LEU C 35 45.68 -19.12 22.31
N TYR C 36 46.70 -18.33 22.00
CA TYR C 36 48.07 -18.83 21.94
C TYR C 36 48.53 -19.19 23.36
N ASN C 37 48.32 -18.28 24.32
CA ASN C 37 48.71 -18.50 25.70
C ASN C 37 47.94 -19.62 26.35
N LEU C 38 46.65 -19.72 26.05
CA LEU C 38 45.77 -20.74 26.62
C LEU C 38 46.13 -22.17 26.20
N PHE C 39 46.57 -22.34 24.94
CA PHE C 39 46.85 -23.65 24.33
C PHE C 39 48.32 -24.00 24.08
N LYS C 40 49.17 -22.98 24.06
CA LYS C 40 50.58 -23.07 23.75
C LYS C 40 50.86 -23.88 22.43
N PRO C 41 50.37 -23.38 21.26
CA PRO C 41 50.63 -24.08 19.98
C PRO C 41 52.08 -23.96 19.53
N ASP C 42 52.64 -25.08 19.04
CA ASP C 42 54.02 -25.20 18.55
C ASP C 42 54.31 -24.18 17.43
N LYS C 43 53.32 -23.93 16.54
CA LYS C 43 53.38 -22.97 15.43
C LYS C 43 52.19 -22.03 15.48
N VAL C 44 52.36 -20.78 14.99
CA VAL C 44 51.29 -19.79 14.90
C VAL C 44 51.32 -19.18 13.51
N ILE C 45 50.28 -19.49 12.74
CA ILE C 45 50.19 -19.02 11.33
C ILE C 45 49.25 -17.83 11.31
N ALA C 46 49.75 -16.67 10.95
CA ALA C 46 48.88 -15.48 10.90
C ALA C 46 48.42 -15.36 9.45
N LEU C 47 47.21 -15.78 9.14
CA LEU C 47 46.76 -15.63 7.75
C LEU C 47 46.41 -14.17 7.55
N ILE C 48 47.16 -13.45 6.73
CA ILE C 48 46.84 -11.99 6.55
C ILE C 48 46.26 -11.77 5.15
N PRO C 49 45.01 -11.28 5.03
CA PRO C 49 44.41 -10.98 3.75
C PRO C 49 45.14 -9.77 3.15
N ASP C 50 45.37 -9.78 1.84
CA ASP C 50 46.11 -8.69 1.14
C ASP C 50 45.40 -7.36 1.37
N SER C 51 44.11 -7.40 1.70
CA SER C 51 43.31 -6.19 1.96
C SER C 51 43.85 -5.44 3.17
N LEU C 52 44.30 -6.18 4.19
CA LEU C 52 44.73 -5.60 5.48
C LEU C 52 45.92 -4.64 5.33
N VAL C 53 46.96 -4.99 4.56
CA VAL C 53 48.15 -4.09 4.47
C VAL C 53 48.82 -4.20 3.10
N LYS C 54 49.44 -3.11 2.65
CA LYS C 54 50.21 -3.11 1.38
C LYS C 54 51.50 -2.23 1.48
N ASP C 55 52.67 -2.90 1.44
CA ASP C 55 54.03 -2.37 1.55
C ASP C 55 54.81 -2.33 0.17
N ASN C 56 55.84 -1.49 0.01
CA ASN C 56 56.63 -1.46 -1.23
C ASN C 56 57.48 -2.74 -1.33
N VAL C 57 57.83 -3.36 -0.19
CA VAL C 57 58.72 -4.55 -0.26
C VAL C 57 58.10 -5.79 0.41
N SER C 58 57.84 -5.75 1.71
CA SER C 58 57.30 -6.93 2.43
C SER C 58 56.01 -6.60 3.21
N ASP C 59 54.89 -7.13 2.74
CA ASP C 59 53.55 -6.91 3.32
C ASP C 59 53.53 -7.59 4.70
N GLU C 60 54.17 -8.77 4.78
CA GLU C 60 54.30 -9.61 5.98
C GLU C 60 55.03 -8.87 7.12
N GLU C 61 56.13 -8.21 6.74
CA GLU C 61 56.98 -7.45 7.68
C GLU C 61 56.18 -6.25 8.20
N CYS C 62 55.30 -5.70 7.36
CA CYS C 62 54.49 -4.54 7.80
C CYS C 62 53.44 -5.03 8.81
N TYR C 63 52.75 -6.13 8.52
CA TYR C 63 51.83 -6.67 9.52
C TYR C 63 52.58 -6.88 10.82
N LYS C 64 53.68 -7.65 10.82
CA LYS C 64 54.49 -7.92 12.02
C LYS C 64 54.71 -6.61 12.81
N ASN C 65 55.09 -5.51 12.12
CA ASN C 65 55.31 -4.24 12.77
C ASN C 65 54.01 -3.61 13.26
N LEU C 66 52.96 -3.58 12.43
CA LEU C 66 51.63 -3.03 12.74
C LEU C 66 51.10 -3.51 14.11
N VAL C 67 51.38 -4.80 14.43
CA VAL C 67 51.01 -5.51 15.67
C VAL C 67 51.84 -4.95 16.84
N ILE C 68 53.19 -4.93 16.67
CA ILE C 68 54.15 -4.43 17.68
C ILE C 68 53.87 -2.96 18.04
N ASN C 69 53.54 -2.14 17.01
CA ASN C 69 53.23 -0.72 17.15
C ASN C 69 51.92 -0.52 17.93
N ARG C 70 50.97 -1.47 17.81
CA ARG C 70 49.73 -1.39 18.57
C ARG C 70 49.95 -1.84 20.02
N ALA C 71 50.94 -2.73 20.24
CA ALA C 71 51.32 -3.20 21.58
C ALA C 71 51.98 -2.07 22.41
N LYS C 72 52.77 -1.19 21.73
CA LYS C 72 53.42 -0.02 22.31
C LYS C 72 52.33 0.99 22.70
N GLU C 73 51.42 1.34 21.75
CA GLU C 73 50.33 2.29 21.93
C GLU C 73 49.53 2.01 23.21
N LEU C 74 49.30 0.72 23.48
CA LEU C 74 48.50 0.23 24.61
C LEU C 74 49.32 -0.04 25.87
N ASN C 75 50.66 0.09 25.77
CA ASN C 75 51.63 -0.18 26.84
C ASN C 75 51.50 -1.64 27.31
N PHE C 76 51.36 -2.56 26.32
CA PHE C 76 51.20 -3.99 26.46
C PHE C 76 52.50 -4.78 26.33
N ALA C 77 52.75 -5.65 27.32
CA ALA C 77 53.90 -6.50 27.59
C ALA C 77 54.34 -7.50 26.45
N GLY C 78 54.55 -8.78 26.84
CA GLY C 78 55.08 -9.93 26.11
C GLY C 78 54.63 -10.32 24.71
N MET C 79 54.64 -9.34 23.79
CA MET C 79 54.25 -9.48 22.40
C MET C 79 55.35 -10.04 21.49
N GLU C 80 56.61 -10.00 21.95
CA GLU C 80 57.76 -10.47 21.18
C GLU C 80 57.96 -11.98 21.28
N GLU C 81 57.55 -12.61 22.44
CA GLU C 81 57.59 -14.07 22.67
C GLU C 81 56.59 -14.79 21.74
N PHE C 82 55.63 -13.98 21.21
CA PHE C 82 54.60 -14.34 20.24
C PHE C 82 54.98 -14.07 18.79
N MET C 83 55.27 -12.79 18.45
CA MET C 83 55.62 -12.33 17.09
C MET C 83 56.95 -12.91 16.47
N ASN C 84 57.63 -13.73 17.28
CA ASN C 84 58.83 -14.46 16.87
C ASN C 84 58.31 -15.83 16.34
N LYS C 85 57.25 -16.39 17.03
CA LYS C 85 56.61 -17.68 16.73
C LYS C 85 55.61 -17.61 15.56
N VAL C 86 55.11 -16.39 15.25
CA VAL C 86 54.13 -16.17 14.19
C VAL C 86 54.75 -16.18 12.82
N GLU C 87 54.17 -16.97 11.91
CA GLU C 87 54.60 -17.09 10.54
C GLU C 87 53.54 -16.43 9.72
N ILE C 88 53.75 -15.18 9.26
CA ILE C 88 52.75 -14.45 8.47
C ILE C 88 52.62 -15.11 7.12
N ARG C 89 51.39 -15.55 6.76
CA ARG C 89 51.11 -16.19 5.46
C ARG C 89 50.04 -15.36 4.77
N LYS C 90 50.39 -14.76 3.61
CA LYS C 90 49.46 -13.89 2.85
C LYS C 90 48.41 -14.67 2.06
N ILE C 91 47.15 -14.30 2.29
CA ILE C 91 46.02 -14.96 1.66
C ILE C 91 45.17 -13.96 0.83
N PRO C 92 44.49 -14.43 -0.24
CA PRO C 92 43.66 -13.50 -1.04
C PRO C 92 42.37 -13.04 -0.34
N ASN C 93 41.64 -12.10 -0.97
CA ASN C 93 40.38 -11.57 -0.44
C ASN C 93 39.46 -11.05 -1.59
N VAL C 94 38.17 -10.79 -1.31
CA VAL C 94 37.20 -10.31 -2.27
C VAL C 94 36.59 -8.98 -1.82
N GLY C 95 36.09 -8.22 -2.77
CA GLY C 95 35.37 -6.97 -2.48
C GLY C 95 36.16 -5.78 -2.00
N ILE C 96 35.43 -4.80 -1.47
CA ILE C 96 35.90 -3.51 -1.00
C ILE C 96 36.52 -3.48 0.40
N ALA C 97 37.66 -2.78 0.50
CA ALA C 97 38.41 -2.51 1.71
C ALA C 97 39.22 -1.20 1.54
N SER C 98 40.19 -1.01 2.43
CA SER C 98 41.06 0.16 2.49
C SER C 98 42.28 -0.41 3.21
N ALA C 99 43.27 -0.79 2.41
CA ALA C 99 44.51 -1.37 2.91
C ALA C 99 45.45 -0.30 3.50
N ILE C 100 45.96 -0.55 4.75
CA ILE C 100 46.94 0.26 5.50
C ILE C 100 48.17 0.32 4.61
N GLN C 101 48.62 1.53 4.26
CA GLN C 101 49.78 1.75 3.36
C GLN C 101 51.09 1.52 4.12
N CYS C 102 52.13 0.99 3.43
CA CYS C 102 53.43 0.71 4.11
C CYS C 102 54.63 0.99 3.18
N GLU C 103 55.77 1.32 3.81
CA GLU C 103 57.09 1.53 3.25
C GLU C 103 58.15 1.03 4.23
N ASN C 104 59.01 0.13 3.72
CA ASN C 104 60.08 -0.59 4.39
C ASN C 104 59.54 -1.47 5.52
N GLY C 105 58.35 -1.99 5.28
CA GLY C 105 57.67 -2.87 6.23
C GLY C 105 57.14 -2.11 7.43
N ALA C 106 56.84 -0.83 7.25
CA ALA C 106 56.31 -0.04 8.33
C ALA C 106 55.14 0.79 7.84
N PRO C 107 53.97 0.67 8.50
CA PRO C 107 52.81 1.46 8.07
C PRO C 107 53.10 2.97 8.05
N LYS C 108 52.70 3.64 6.97
CA LYS C 108 52.84 5.09 6.77
C LYS C 108 51.70 5.79 7.55
N LYS C 109 52.01 6.83 8.37
CA LYS C 109 50.98 7.55 9.15
C LYS C 109 50.61 8.91 8.52
N GLU C 110 49.40 9.42 8.81
CA GLU C 110 48.94 10.68 8.20
C GLU C 110 48.29 11.67 9.18
N LYS C 111 48.16 12.93 8.70
CA LYS C 111 47.71 14.15 9.35
C LYS C 111 46.23 14.22 9.79
N ASN C 112 45.34 13.34 9.23
CA ASN C 112 43.87 13.24 9.50
C ASN C 112 43.04 14.42 8.97
N LYS C 113 43.55 15.66 9.20
CA LYS C 113 42.95 16.97 8.87
C LYS C 113 41.95 17.53 9.92
N GLU C 114 41.67 16.70 10.94
CA GLU C 114 40.83 17.07 12.10
C GLU C 114 41.74 17.08 13.36
N GLY C 115 43.03 17.33 13.12
CA GLY C 115 44.04 17.44 14.20
C GLY C 115 44.64 16.15 14.71
N ARG C 116 44.28 14.99 14.15
CA ARG C 116 44.94 13.71 14.51
C ARG C 116 46.03 13.05 13.68
N GLU C 117 46.69 11.99 14.14
CA GLU C 117 47.58 11.25 13.23
C GLU C 117 47.25 9.76 13.15
N VAL C 118 46.79 9.30 12.00
CA VAL C 118 46.42 7.88 11.85
C VAL C 118 47.11 7.17 10.71
N LEU C 119 46.55 6.08 10.19
CA LEU C 119 47.21 5.38 9.07
C LEU C 119 46.75 5.70 7.64
N LYS C 120 47.71 5.84 6.73
CA LYS C 120 47.36 6.15 5.33
C LYS C 120 46.62 4.90 4.85
N ARG C 121 45.47 5.08 4.22
CA ARG C 121 44.74 3.89 3.72
C ARG C 121 44.34 4.12 2.28
N LEU C 122 45.01 3.42 1.37
CA LEU C 122 44.73 3.46 -0.05
C LEU C 122 43.53 2.45 -0.17
N PRO C 123 42.54 2.67 -1.06
CA PRO C 123 41.43 1.72 -1.14
C PRO C 123 41.70 0.51 -2.02
N TYR C 124 41.04 -0.60 -1.65
CA TYR C 124 41.09 -1.97 -2.18
C TYR C 124 39.74 -2.35 -2.80
N ASN C 125 39.77 -3.17 -3.85
CA ASN C 125 38.59 -3.73 -4.53
C ASN C 125 39.02 -4.82 -5.49
N GLU C 126 38.98 -6.08 -5.02
CA GLU C 126 39.43 -7.22 -5.81
C GLU C 126 38.33 -8.25 -6.06
N LYS C 127 38.14 -8.64 -7.33
CA LYS C 127 37.10 -9.60 -7.74
C LYS C 127 37.72 -10.98 -7.92
N ARG C 128 37.38 -11.95 -7.04
CA ARG C 128 37.96 -13.30 -6.99
C ARG C 128 36.94 -14.36 -6.65
N SER C 129 37.06 -15.57 -7.23
CA SER C 129 36.16 -16.68 -6.89
C SER C 129 36.48 -17.15 -5.46
N PRO C 130 35.47 -17.41 -4.59
CA PRO C 130 35.77 -17.85 -3.22
C PRO C 130 36.52 -19.19 -3.17
N ILE C 131 36.35 -20.04 -4.20
CA ILE C 131 37.00 -21.34 -4.36
C ILE C 131 38.52 -21.14 -4.56
N PHE C 132 38.92 -19.99 -5.16
CA PHE C 132 40.33 -19.59 -5.36
C PHE C 132 40.91 -19.32 -3.98
N ILE C 133 40.22 -18.47 -3.18
CA ILE C 133 40.57 -18.13 -1.82
C ILE C 133 40.64 -19.43 -1.02
N PHE C 134 39.63 -20.31 -1.20
CA PHE C 134 39.55 -21.63 -0.55
C PHE C 134 40.80 -22.45 -0.83
N ASN C 135 41.17 -22.60 -2.15
CA ASN C 135 42.34 -23.36 -2.57
C ASN C 135 43.63 -22.80 -1.98
N ALA C 136 43.78 -21.46 -2.01
CA ALA C 136 44.92 -20.75 -1.47
C ALA C 136 45.11 -21.02 0.03
N ILE C 137 44.01 -20.94 0.81
CA ILE C 137 44.01 -21.20 2.26
C ILE C 137 44.29 -22.70 2.51
N TYR C 138 43.64 -23.60 1.71
CA TYR C 138 43.81 -25.06 1.79
C TYR C 138 45.31 -25.40 1.65
N ALA C 139 45.96 -24.83 0.62
CA ALA C 139 47.38 -25.03 0.33
C ALA C 139 48.23 -24.73 1.57
N ILE C 140 47.99 -23.56 2.21
CA ILE C 140 48.71 -23.13 3.42
C ILE C 140 48.52 -24.14 4.57
N PHE C 141 47.27 -24.54 4.80
CA PHE C 141 46.86 -25.51 5.81
C PHE C 141 47.55 -26.88 5.64
N LYS C 142 47.55 -27.40 4.39
CA LYS C 142 48.13 -28.70 4.05
C LYS C 142 49.65 -28.73 4.30
N ASP C 143 50.36 -27.70 3.80
CA ASP C 143 51.80 -27.57 3.87
C ASP C 143 52.39 -27.22 5.23
N GLU C 144 51.57 -26.92 6.25
CA GLU C 144 52.08 -26.62 7.59
C GLU C 144 52.49 -27.91 8.33
N ALA C 145 52.05 -29.07 7.77
CA ALA C 145 52.29 -30.44 8.24
C ALA C 145 51.98 -30.62 9.75
N CYS C 146 50.87 -30.00 10.19
CA CYS C 146 50.43 -30.04 11.58
C CYS C 146 49.65 -31.30 11.88
N ASP C 147 49.65 -31.66 13.18
CA ASP C 147 48.93 -32.82 13.69
C ASP C 147 47.59 -32.35 14.24
N GLU C 148 47.62 -31.35 15.16
CA GLU C 148 46.43 -30.74 15.75
C GLU C 148 46.22 -29.37 15.10
N TYR C 149 45.00 -29.13 14.61
CA TYR C 149 44.68 -27.86 13.97
C TYR C 149 43.72 -27.08 14.84
N LEU C 150 44.03 -25.78 15.08
CA LEU C 150 43.26 -24.84 15.88
C LEU C 150 43.05 -23.59 15.04
N VAL C 151 41.78 -23.21 14.81
CA VAL C 151 41.46 -22.07 13.96
C VAL C 151 40.76 -20.97 14.76
N ASP C 152 41.22 -19.74 14.60
CA ASP C 152 40.69 -18.52 15.22
C ASP C 152 39.98 -17.69 14.14
N LEU C 153 38.65 -17.61 14.27
CA LEU C 153 37.76 -16.93 13.35
C LEU C 153 37.29 -15.69 14.09
N THR C 154 38.12 -15.15 15.00
CA THR C 154 37.71 -13.96 15.75
C THR C 154 37.58 -12.79 14.81
N HIS C 155 38.60 -12.61 13.97
CA HIS C 155 38.55 -11.54 12.96
C HIS C 155 38.50 -12.01 11.49
N GLY C 156 38.41 -11.05 10.56
CA GLY C 156 38.30 -11.35 9.13
C GLY C 156 36.86 -11.35 8.70
N THR C 157 36.60 -10.99 7.41
CA THR C 157 35.25 -10.90 6.83
C THR C 157 34.40 -12.15 6.99
N ASN C 158 33.05 -12.00 6.83
CA ASN C 158 32.10 -13.10 6.87
C ASN C 158 32.45 -14.10 5.77
N VAL C 159 33.04 -13.59 4.68
CA VAL C 159 33.50 -14.38 3.54
C VAL C 159 34.73 -15.22 3.93
N LEU C 160 35.73 -14.58 4.53
CA LEU C 160 36.95 -15.28 4.95
C LEU C 160 36.69 -16.24 6.08
N VAL C 161 35.86 -15.86 7.06
CA VAL C 161 35.57 -16.72 8.18
C VAL C 161 34.85 -17.98 7.72
N SER C 162 33.84 -17.82 6.83
CA SER C 162 33.12 -18.96 6.26
C SER C 162 34.06 -19.84 5.40
N ILE C 163 34.90 -19.22 4.51
CA ILE C 163 35.89 -19.94 3.70
C ILE C 163 36.91 -20.69 4.58
N GLY C 164 37.42 -20.00 5.59
CA GLY C 164 38.36 -20.54 6.57
C GLY C 164 37.78 -21.71 7.33
N MET C 165 36.49 -21.66 7.64
CA MET C 165 35.81 -22.74 8.33
C MET C 165 35.77 -24.00 7.47
N ASN C 166 35.32 -23.91 6.17
CA ASN C 166 35.26 -25.04 5.23
C ASN C 166 36.63 -25.70 5.02
N VAL C 167 37.73 -24.89 5.02
CA VAL C 167 39.10 -25.40 4.90
C VAL C 167 39.39 -26.15 6.21
N GLY C 168 39.33 -25.42 7.31
CA GLY C 168 39.60 -25.94 8.64
C GLY C 168 38.84 -27.20 8.96
N ALA C 169 37.67 -27.36 8.31
CA ALA C 169 36.80 -28.52 8.51
C ALA C 169 37.48 -29.80 8.01
N LEU C 170 38.26 -29.66 6.91
CA LEU C 170 38.98 -30.75 6.27
C LEU C 170 40.32 -31.07 6.98
N PHE C 171 40.61 -30.41 8.11
CA PHE C 171 41.84 -30.69 8.86
C PHE C 171 41.54 -31.05 10.33
N ASN C 172 40.25 -31.31 10.64
CA ASN C 172 39.75 -31.68 11.98
C ASN C 172 40.22 -30.65 12.98
N ALA C 173 39.85 -29.41 12.68
CA ALA C 173 40.26 -28.23 13.42
C ALA C 173 39.28 -27.88 14.49
N LYS C 174 39.80 -27.41 15.63
CA LYS C 174 38.96 -26.92 16.71
C LYS C 174 38.80 -25.44 16.40
N PHE C 175 37.56 -24.98 16.18
CA PHE C 175 37.28 -23.59 15.80
C PHE C 175 36.93 -22.74 17.01
N TYR C 176 37.45 -21.50 17.04
CA TYR C 176 37.24 -20.51 18.12
C TYR C 176 36.94 -19.12 17.59
N SER C 177 36.04 -18.41 18.28
CA SER C 177 35.69 -17.03 17.94
C SER C 177 35.31 -16.26 19.18
N ALA C 178 35.81 -15.03 19.33
CA ALA C 178 35.49 -14.15 20.45
C ALA C 178 34.51 -13.07 19.94
N PRO C 179 33.20 -13.21 20.27
CA PRO C 179 32.23 -12.21 19.80
C PRO C 179 32.27 -10.89 20.58
N VAL C 180 32.44 -9.81 19.82
CA VAL C 180 32.42 -8.46 20.33
C VAL C 180 31.97 -7.60 19.21
N MET C 181 30.96 -6.77 19.48
CA MET C 181 30.42 -5.79 18.55
C MET C 181 30.75 -4.40 19.09
N GLY C 182 31.78 -3.81 18.48
CA GLY C 182 32.29 -2.48 18.80
C GLY C 182 33.34 -2.44 19.89
N MET C 183 33.28 -1.38 20.71
CA MET C 183 34.19 -1.15 21.83
C MET C 183 33.69 -1.98 23.05
N PRO C 184 34.50 -2.94 23.58
CA PRO C 184 34.04 -3.76 24.72
C PRO C 184 34.13 -3.09 26.09
N GLY C 185 34.97 -2.07 26.20
CA GLY C 185 35.23 -1.34 27.44
C GLY C 185 36.61 -1.67 27.97
N LYS C 186 36.88 -1.26 29.22
CA LYS C 186 38.15 -1.48 29.90
C LYS C 186 38.10 -2.78 30.71
N ASP C 187 39.07 -3.68 30.47
CA ASP C 187 39.25 -4.99 31.12
C ASP C 187 37.91 -5.76 31.33
N SER C 188 37.08 -5.81 30.26
CA SER C 188 35.79 -6.50 30.20
C SER C 188 36.07 -7.97 30.02
N ILE C 189 35.13 -8.86 30.39
CA ILE C 189 35.33 -10.31 30.25
C ILE C 189 34.74 -10.83 28.94
N VAL C 190 35.63 -11.05 27.94
CA VAL C 190 35.33 -11.58 26.58
C VAL C 190 35.43 -13.08 26.51
N ASN C 191 34.30 -13.76 26.34
CA ASN C 191 34.28 -15.21 26.30
C ASN C 191 34.48 -15.69 24.88
N ILE C 192 35.41 -16.66 24.72
CA ILE C 192 35.74 -17.28 23.43
C ILE C 192 34.80 -18.44 23.29
N VAL C 193 34.05 -18.49 22.16
CA VAL C 193 33.11 -19.57 21.83
C VAL C 193 33.89 -20.60 21.02
N GLU C 194 33.51 -21.89 21.15
CA GLU C 194 34.11 -22.97 20.37
C GLU C 194 33.01 -23.44 19.41
N LEU C 195 33.26 -23.36 18.09
CA LEU C 195 32.26 -23.72 17.07
C LEU C 195 32.44 -25.16 16.53
N THR C 196 33.43 -25.87 17.06
CA THR C 196 33.78 -27.24 16.67
C THR C 196 32.58 -28.17 16.66
N ASP C 197 31.74 -28.11 17.73
CA ASP C 197 30.56 -28.98 17.85
C ASP C 197 29.47 -28.68 16.84
N VAL C 198 29.34 -27.39 16.42
CA VAL C 198 28.38 -26.97 15.38
C VAL C 198 28.80 -27.58 14.03
N VAL C 199 30.12 -27.58 13.76
CA VAL C 199 30.73 -28.11 12.56
C VAL C 199 30.61 -29.64 12.56
N GLN C 200 30.78 -30.28 13.72
CA GLN C 200 30.60 -31.73 13.75
C GLN C 200 29.12 -32.09 13.55
N ALA C 201 28.21 -31.40 14.28
CA ALA C 201 26.76 -31.60 14.20
C ALA C 201 26.27 -31.69 12.75
N THR C 202 26.78 -30.78 11.89
CA THR C 202 26.39 -30.72 10.49
C THR C 202 26.96 -31.93 9.71
N ASN C 203 28.27 -32.28 9.83
CA ASN C 203 28.82 -33.47 9.14
C ASN C 203 28.05 -34.72 9.56
N ASP C 204 27.85 -34.90 10.90
CA ASP C 204 27.11 -36.02 11.50
C ASP C 204 25.76 -36.19 10.79
N SER C 205 25.03 -35.08 10.59
CA SER C 205 23.73 -35.08 9.92
C SER C 205 23.81 -35.44 8.46
N LEU C 206 24.82 -34.93 7.73
CA LEU C 206 24.99 -35.25 6.30
C LEU C 206 25.32 -36.71 6.10
N MET C 207 26.11 -37.28 7.06
CA MET C 207 26.52 -38.69 7.08
C MET C 207 25.34 -39.62 7.42
N ILE C 208 24.59 -39.25 8.48
CA ILE C 208 23.40 -39.96 8.92
C ILE C 208 22.40 -40.03 7.75
N ARG C 209 22.20 -38.91 7.02
CA ARG C 209 21.30 -38.89 5.86
C ARG C 209 21.72 -39.84 4.74
N SER C 210 23.03 -39.97 4.50
CA SER C 210 23.53 -40.89 3.46
C SER C 210 23.42 -42.34 3.97
N SER C 211 23.66 -42.57 5.29
CA SER C 211 23.57 -43.91 5.88
C SER C 211 22.21 -44.53 5.47
N ILE C 212 21.16 -43.70 5.56
CA ILE C 212 19.82 -44.07 5.17
C ILE C 212 19.72 -44.21 3.63
N GLU C 213 20.33 -43.27 2.88
CA GLU C 213 20.33 -43.24 1.42
C GLU C 213 20.98 -44.51 0.82
N ASN C 214 22.16 -44.89 1.35
CA ASN C 214 22.98 -46.01 0.88
C ASN C 214 22.88 -47.31 1.71
N LEU C 215 21.91 -47.39 2.64
CA LEU C 215 21.66 -48.57 3.49
C LEU C 215 22.91 -49.07 4.27
N ASP C 216 23.80 -48.15 4.63
CA ASP C 216 25.01 -48.51 5.35
C ASP C 216 24.93 -48.07 6.81
N GLU C 217 25.15 -48.97 7.77
CA GLU C 217 25.11 -48.56 9.18
C GLU C 217 26.37 -47.82 9.62
N ARG C 218 27.45 -47.94 8.81
CA ARG C 218 28.77 -47.40 9.11
C ARG C 218 28.85 -45.88 9.04
N TYR C 219 27.87 -45.26 8.33
CA TYR C 219 27.74 -43.81 8.15
C TYR C 219 26.86 -43.16 9.21
N PHE C 220 26.09 -43.98 9.94
CA PHE C 220 25.23 -43.52 11.03
C PHE C 220 26.09 -43.26 12.29
N LYS C 221 26.17 -41.96 12.68
CA LYS C 221 26.91 -41.53 13.85
C LYS C 221 26.04 -41.84 15.07
N ASP C 222 26.52 -42.72 15.97
CA ASP C 222 25.73 -43.06 17.13
C ASP C 222 25.86 -42.01 18.22
N TYR C 223 24.84 -41.15 18.33
CA TYR C 223 24.75 -40.07 19.31
C TYR C 223 24.02 -40.54 20.59
N SER C 224 24.03 -41.86 20.85
CA SER C 224 23.39 -42.44 22.03
C SER C 224 24.10 -41.95 23.29
N ALA C 225 25.46 -41.95 23.26
CA ALA C 225 26.32 -41.54 24.36
C ALA C 225 26.14 -40.05 24.69
N LYS C 226 26.01 -39.22 23.63
CA LYS C 226 25.78 -37.77 23.67
C LYS C 226 24.48 -37.56 24.44
N LEU C 227 23.45 -38.36 24.11
CA LEU C 227 22.14 -38.32 24.74
C LEU C 227 22.16 -38.81 26.17
N SER C 228 22.81 -39.95 26.43
CA SER C 228 22.91 -40.56 27.77
C SER C 228 23.34 -39.64 28.91
N ARG C 229 24.42 -38.90 28.69
CA ARG C 229 24.96 -37.96 29.71
C ARG C 229 24.32 -36.58 29.52
N LEU C 230 23.32 -36.49 28.64
CA LEU C 230 22.66 -35.18 28.39
C LEU C 230 21.71 -34.86 29.54
N ASN C 231 22.22 -34.20 30.59
CA ASN C 231 21.38 -33.77 31.73
C ASN C 231 21.55 -32.28 32.02
N PRO C 232 20.51 -31.43 31.86
CA PRO C 232 20.60 -30.00 32.15
C PRO C 232 20.73 -29.76 33.66
N THR C 233 21.47 -28.74 34.07
CA THR C 233 21.65 -28.46 35.51
C THR C 233 20.28 -28.19 36.14
N ILE C 234 19.47 -27.33 35.52
CA ILE C 234 18.11 -27.00 36.02
C ILE C 234 17.23 -26.83 34.78
N PHE C 235 15.92 -27.09 34.90
CA PHE C 235 14.95 -26.91 33.82
C PHE C 235 13.54 -27.18 34.32
N GLU C 236 12.53 -26.80 33.53
CA GLU C 236 11.10 -26.95 33.84
C GLU C 236 10.49 -28.37 33.81
N GLU C 237 9.21 -28.54 34.24
CA GLU C 237 8.56 -29.84 34.24
C GLU C 237 8.24 -30.34 32.82
N GLU C 238 7.87 -29.42 31.91
CA GLU C 238 7.63 -29.75 30.51
C GLU C 238 8.96 -30.09 29.80
N GLU C 239 10.03 -29.36 30.15
CA GLU C 239 11.37 -29.55 29.62
C GLU C 239 11.90 -30.93 30.01
N LYS C 240 11.73 -31.32 31.30
CA LYS C 240 12.12 -32.62 31.86
C LYS C 240 11.42 -33.84 31.25
N LYS C 241 10.11 -33.73 30.99
CA LYS C 241 9.31 -34.78 30.37
C LYS C 241 9.73 -35.11 28.93
N VAL C 242 9.97 -34.06 28.13
CA VAL C 242 10.37 -34.14 26.73
C VAL C 242 11.85 -34.60 26.65
N LEU C 243 12.71 -34.12 27.56
CA LEU C 243 14.11 -34.51 27.53
C LEU C 243 14.33 -35.94 27.98
N THR C 244 13.44 -36.47 28.83
CA THR C 244 13.50 -37.86 29.30
C THR C 244 13.03 -38.78 28.17
N ARG C 245 12.07 -38.28 27.34
CA ARG C 245 11.53 -38.95 26.14
C ARG C 245 12.62 -39.13 25.07
N VAL C 246 13.31 -38.01 24.71
CA VAL C 246 14.40 -37.96 23.74
C VAL C 246 15.59 -38.79 24.25
N LYS C 247 15.97 -38.62 25.53
CA LYS C 247 17.08 -39.34 26.18
C LYS C 247 16.99 -40.88 26.09
N GLY C 248 15.79 -41.41 25.89
CA GLY C 248 15.55 -42.84 25.80
C GLY C 248 15.00 -43.34 24.47
N THR C 249 15.38 -42.66 23.38
CA THR C 249 14.96 -43.07 22.03
C THR C 249 15.97 -44.13 21.60
N ASP C 250 15.45 -45.29 21.15
CA ASP C 250 16.24 -46.45 20.75
C ASP C 250 16.93 -46.26 19.41
N VAL C 251 18.00 -45.43 19.40
CA VAL C 251 18.82 -45.16 18.22
C VAL C 251 19.51 -46.46 17.78
N ASN C 252 19.86 -47.35 18.75
CA ASN C 252 20.51 -48.63 18.48
C ASN C 252 19.65 -49.52 17.58
N VAL C 253 18.30 -49.39 17.64
CA VAL C 253 17.39 -50.16 16.78
C VAL C 253 17.52 -49.69 15.32
N VAL C 254 17.69 -48.36 15.13
CA VAL C 254 17.89 -47.71 13.83
C VAL C 254 19.23 -48.20 13.26
N ILE C 255 20.26 -48.28 14.11
CA ILE C 255 21.60 -48.75 13.73
C ILE C 255 21.54 -50.23 13.35
N ASN C 256 20.83 -51.04 14.16
CA ASN C 256 20.68 -52.47 13.93
C ASN C 256 19.93 -52.74 12.65
N PHE C 257 18.89 -51.95 12.39
CA PHE C 257 18.09 -52.04 11.17
C PHE C 257 18.99 -51.89 9.94
N LEU C 258 19.88 -50.87 9.99
CA LEU C 258 20.81 -50.61 8.90
C LEU C 258 21.86 -51.71 8.78
N TRP C 259 22.34 -52.25 9.92
CA TRP C 259 23.32 -53.34 9.93
C TRP C 259 22.75 -54.59 9.25
N ASN C 260 21.49 -54.94 9.55
CA ASN C 260 20.81 -56.08 8.95
C ASN C 260 20.61 -55.83 7.45
N ILE C 261 20.03 -54.67 7.04
CA ILE C 261 19.86 -54.34 5.62
C ILE C 261 21.20 -54.42 4.91
N ARG C 262 22.27 -53.91 5.51
CA ARG C 262 23.59 -53.96 4.88
C ARG C 262 24.11 -55.38 4.71
N ASN C 263 24.06 -56.19 5.79
CA ASN C 263 24.60 -57.54 5.76
C ASN C 263 23.62 -58.62 5.24
N GLY C 264 22.46 -58.18 4.75
CA GLY C 264 21.48 -59.04 4.11
C GLY C 264 20.63 -59.97 4.96
N PHE C 265 20.31 -59.59 6.21
CA PHE C 265 19.43 -60.33 7.11
C PHE C 265 18.05 -59.82 6.89
N THR C 266 17.62 -59.91 5.62
CA THR C 266 16.39 -59.38 5.03
C THR C 266 15.14 -59.71 5.85
N VAL C 267 15.07 -60.94 6.43
CA VAL C 267 13.93 -61.36 7.25
C VAL C 267 13.88 -60.47 8.53
N ASN C 268 14.98 -60.40 9.28
CA ASN C 268 15.08 -59.60 10.50
C ASN C 268 14.90 -58.11 10.24
N ALA C 269 15.35 -57.63 9.06
CA ALA C 269 15.28 -56.25 8.60
C ALA C 269 13.84 -55.77 8.57
N VAL C 270 12.99 -56.53 7.89
CA VAL C 270 11.56 -56.36 7.68
C VAL C 270 10.71 -56.58 8.99
N LYS C 271 11.19 -57.46 9.88
CA LYS C 271 10.52 -57.75 11.15
C LYS C 271 10.55 -56.55 12.12
N SER C 272 11.76 -55.94 12.25
CA SER C 272 12.09 -54.75 13.04
C SER C 272 11.37 -53.49 12.51
N MET C 273 10.98 -53.49 11.20
CA MET C 273 10.28 -52.43 10.45
C MET C 273 9.10 -51.80 11.26
N ASN C 274 8.32 -52.63 11.95
CA ASN C 274 7.21 -52.11 12.75
C ASN C 274 7.67 -51.42 14.01
N GLU C 275 8.65 -52.02 14.76
CA GLU C 275 9.23 -51.45 15.98
C GLU C 275 9.73 -50.03 15.71
N LEU C 276 10.48 -49.86 14.61
CA LEU C 276 11.04 -48.59 14.15
C LEU C 276 10.00 -47.57 13.74
N LYS C 277 8.86 -48.03 13.16
CA LYS C 277 7.75 -47.14 12.76
C LYS C 277 7.33 -46.41 14.03
N ASN C 278 7.25 -47.16 15.13
CA ASN C 278 6.88 -46.61 16.42
C ASN C 278 7.97 -45.76 17.02
N ILE C 279 9.24 -46.17 16.87
CA ILE C 279 10.39 -45.40 17.37
C ILE C 279 10.44 -44.03 16.72
N ILE C 280 10.29 -43.98 15.38
CA ILE C 280 10.34 -42.72 14.67
C ILE C 280 9.04 -41.92 14.86
N ASN C 281 7.89 -42.58 15.11
CA ASN C 281 6.67 -41.82 15.34
C ASN C 281 6.74 -41.08 16.69
N GLN C 282 7.43 -41.69 17.70
CA GLN C 282 7.65 -41.11 19.02
C GLN C 282 8.69 -40.00 18.87
N LEU C 283 9.70 -40.21 18.02
CA LEU C 283 10.75 -39.21 17.77
C LEU C 283 10.17 -37.99 17.04
N GLU C 284 9.21 -38.21 16.10
CA GLU C 284 8.57 -37.12 15.37
C GLU C 284 7.88 -36.17 16.35
N GLU C 285 7.16 -36.73 17.34
CA GLU C 285 6.44 -35.94 18.33
C GLU C 285 7.39 -35.33 19.38
N ASP C 286 8.49 -36.03 19.75
CA ASP C 286 9.47 -35.45 20.67
C ASP C 286 10.12 -34.23 19.98
N LEU C 287 10.44 -34.40 18.70
CA LEU C 287 11.05 -33.39 17.89
C LEU C 287 10.13 -32.18 17.64
N GLU C 288 8.83 -32.40 17.36
CA GLU C 288 7.90 -31.27 17.15
C GLU C 288 7.84 -30.38 18.38
N LYS C 289 7.92 -31.02 19.59
CA LYS C 289 7.94 -30.36 20.89
C LYS C 289 9.24 -29.58 21.04
N LEU C 290 10.40 -30.28 20.84
CA LEU C 290 11.73 -29.66 20.89
C LEU C 290 11.86 -28.50 19.90
N LYS C 291 11.09 -28.53 18.79
CA LYS C 291 11.09 -27.50 17.77
C LYS C 291 10.43 -26.22 18.26
N SER C 292 9.18 -26.31 18.77
CA SER C 292 8.46 -25.17 19.33
C SER C 292 9.20 -24.63 20.55
N PHE C 293 9.94 -25.50 21.25
CA PHE C 293 10.79 -25.13 22.39
C PHE C 293 11.90 -24.17 21.93
N TYR C 294 12.56 -24.51 20.80
CA TYR C 294 13.65 -23.73 20.21
C TYR C 294 13.14 -22.56 19.34
N LYS C 295 11.88 -22.63 18.87
CA LYS C 295 11.24 -21.57 18.10
C LYS C 295 10.89 -20.44 19.10
N ASN C 296 10.58 -20.82 20.36
CA ASN C 296 10.25 -19.93 21.47
C ASN C 296 11.33 -20.12 22.53
N TRP C 297 12.57 -20.05 22.07
CA TRP C 297 13.80 -20.24 22.84
C TRP C 297 13.96 -19.30 24.04
N GLU C 298 13.29 -18.14 23.97
CA GLU C 298 13.27 -17.10 24.99
C GLU C 298 12.74 -17.63 26.36
N GLU C 299 11.81 -18.59 26.27
CA GLU C 299 11.18 -19.18 27.47
C GLU C 299 12.12 -20.24 28.05
N HIS C 300 12.56 -21.18 27.22
CA HIS C 300 13.47 -22.27 27.68
C HIS C 300 14.91 -21.78 27.62
N LYS C 301 15.36 -21.07 28.65
CA LYS C 301 16.75 -20.54 28.73
C LYS C 301 17.65 -21.56 29.41
N ASN C 302 17.07 -22.69 29.85
CA ASN C 302 17.85 -23.76 30.51
C ASN C 302 18.76 -24.43 29.47
N PHE C 303 18.33 -24.48 28.21
CA PHE C 303 19.18 -25.09 27.15
C PHE C 303 20.21 -24.06 26.68
N GLN C 304 20.08 -22.82 27.17
CA GLN C 304 20.93 -21.65 26.82
C GLN C 304 22.41 -22.04 26.69
N GLY C 305 22.90 -22.90 27.58
CA GLY C 305 24.30 -23.30 27.58
C GLY C 305 24.53 -24.76 27.25
N GLU C 306 23.44 -25.55 27.06
CA GLU C 306 23.53 -26.99 26.75
C GLU C 306 24.00 -27.26 25.32
N THR C 307 25.07 -28.08 25.25
CA THR C 307 25.77 -28.50 24.05
C THR C 307 25.28 -29.86 23.49
N LEU C 308 25.28 -30.89 24.34
CA LEU C 308 24.93 -32.28 24.03
C LEU C 308 23.60 -32.46 23.24
N LEU C 309 22.62 -31.56 23.38
CA LEU C 309 21.37 -31.73 22.60
C LEU C 309 21.39 -31.08 21.21
N VAL C 310 21.30 -31.91 20.14
CA VAL C 310 21.37 -31.45 18.75
C VAL C 310 20.16 -31.87 17.90
N LEU C 311 19.30 -30.89 17.54
CA LEU C 311 18.14 -31.13 16.69
C LEU C 311 18.45 -31.82 15.37
N SER C 312 19.51 -31.38 14.67
CA SER C 312 19.96 -31.92 13.39
C SER C 312 20.23 -33.43 13.47
N ASP C 313 20.85 -33.90 14.58
CA ASP C 313 21.13 -35.32 14.84
C ASP C 313 19.82 -36.12 14.90
N LEU C 314 18.80 -35.58 15.56
CA LEU C 314 17.53 -36.28 15.70
C LEU C 314 16.70 -36.18 14.44
N ASP C 315 16.58 -34.97 13.86
CA ASP C 315 15.81 -34.74 12.65
C ASP C 315 16.34 -35.61 11.47
N SER C 316 17.69 -35.76 11.39
CA SER C 316 18.30 -36.57 10.34
C SER C 316 18.00 -38.05 10.54
N THR C 317 17.79 -38.47 11.81
CA THR C 317 17.39 -39.83 12.18
C THR C 317 15.99 -40.16 11.67
N LEU C 318 15.11 -39.14 11.61
CA LEU C 318 13.75 -39.30 11.09
C LEU C 318 13.70 -39.69 9.60
N LYS C 319 14.81 -39.54 8.86
CA LYS C 319 14.89 -39.90 7.45
C LYS C 319 14.77 -41.43 7.28
N VAL C 320 14.99 -42.20 8.38
CA VAL C 320 14.91 -43.66 8.37
C VAL C 320 13.48 -44.12 8.05
N LYS C 321 12.52 -43.20 8.13
CA LYS C 321 11.13 -43.44 7.80
C LYS C 321 11.01 -43.87 6.31
N ASP C 322 11.90 -43.32 5.47
CA ASP C 322 11.96 -43.60 4.04
C ASP C 322 12.31 -45.07 3.73
N LEU C 323 12.82 -45.80 4.72
CA LEU C 323 13.18 -47.22 4.59
C LEU C 323 12.04 -48.16 5.02
N LEU C 324 10.97 -47.61 5.61
CA LEU C 324 9.85 -48.41 6.11
C LEU C 324 8.63 -48.37 5.18
N ILE C 325 7.87 -49.47 5.21
CA ILE C 325 6.64 -49.73 4.45
C ILE C 325 5.70 -50.49 5.36
N GLU C 326 4.40 -50.45 5.01
CA GLU C 326 3.34 -51.16 5.73
C GLU C 326 2.87 -52.36 4.88
N GLY C 327 2.45 -53.43 5.55
CA GLY C 327 2.01 -54.63 4.87
C GLY C 327 2.59 -55.89 5.46
N ASN C 328 2.32 -57.03 4.81
CA ASN C 328 2.82 -58.31 5.28
C ASN C 328 4.30 -58.39 5.02
N ASP C 329 5.01 -59.26 5.75
CA ASP C 329 6.46 -59.41 5.59
C ASP C 329 6.89 -59.67 4.12
N LEU C 330 6.06 -60.29 3.30
CA LEU C 330 6.34 -60.51 1.87
C LEU C 330 6.35 -59.19 1.09
N GLU C 331 5.38 -58.29 1.40
CA GLU C 331 5.24 -56.93 0.82
C GLU C 331 6.40 -56.01 1.28
N LYS C 332 6.85 -56.16 2.55
CA LYS C 332 7.97 -55.43 3.12
C LYS C 332 9.27 -55.87 2.38
N LEU C 333 9.53 -57.20 2.24
CA LEU C 333 10.71 -57.71 1.53
C LEU C 333 10.75 -57.22 0.08
N ASN C 334 9.56 -57.08 -0.55
CA ASN C 334 9.39 -56.61 -1.92
C ASN C 334 9.89 -55.18 -2.11
N TYR C 335 9.61 -54.30 -1.11
CA TYR C 335 10.04 -52.91 -1.02
C TYR C 335 11.53 -52.92 -0.74
N LEU C 336 11.99 -53.79 0.18
CA LEU C 336 13.40 -53.92 0.53
C LEU C 336 14.24 -54.19 -0.70
N LEU C 337 13.70 -54.97 -1.64
CA LEU C 337 14.35 -55.30 -2.92
C LEU C 337 14.57 -54.04 -3.71
N ASP C 338 13.53 -53.19 -3.84
CA ASP C 338 13.62 -51.88 -4.50
C ASP C 338 14.69 -50.98 -3.88
N LEU C 339 14.76 -50.95 -2.51
CA LEU C 339 15.73 -50.20 -1.72
C LEU C 339 17.15 -50.62 -2.05
N TYR C 340 17.36 -51.94 -2.21
CA TYR C 340 18.66 -52.54 -2.58
C TYR C 340 19.04 -52.19 -4.02
N ILE C 341 18.07 -51.83 -4.88
CA ILE C 341 18.35 -51.46 -6.26
C ILE C 341 18.69 -49.98 -6.28
N LYS C 342 17.90 -49.13 -5.56
CA LYS C 342 18.08 -47.68 -5.38
C LYS C 342 19.54 -47.43 -4.92
N ALA C 343 19.94 -47.96 -3.72
CA ALA C 343 21.33 -47.93 -3.23
C ALA C 343 21.99 -48.94 -4.14
N SER C 344 23.17 -48.73 -4.63
CA SER C 344 23.59 -49.73 -5.61
C SER C 344 24.14 -50.97 -4.95
N ILE C 345 23.32 -51.64 -4.12
CA ILE C 345 23.71 -52.86 -3.41
C ILE C 345 23.27 -54.13 -4.21
N TYR C 346 24.01 -54.37 -5.31
CA TYR C 346 23.80 -55.39 -6.34
C TYR C 346 23.69 -56.81 -5.82
N ASP C 347 24.66 -57.25 -5.01
CA ASP C 347 24.74 -58.59 -4.41
C ASP C 347 23.48 -58.96 -3.63
N LYS C 348 23.09 -58.10 -2.67
CA LYS C 348 21.90 -58.34 -1.86
C LYS C 348 20.62 -58.25 -2.65
N ALA C 349 20.56 -57.33 -3.64
CA ALA C 349 19.37 -57.18 -4.49
C ALA C 349 19.13 -58.46 -5.26
N LEU C 350 20.20 -59.08 -5.84
CA LEU C 350 20.12 -60.32 -6.64
C LEU C 350 19.66 -61.50 -5.86
N SER C 351 20.30 -61.76 -4.69
CA SER C 351 19.93 -62.85 -3.76
C SER C 351 18.46 -62.74 -3.33
N LEU C 352 18.02 -61.50 -2.97
CA LEU C 352 16.63 -61.24 -2.59
C LEU C 352 15.69 -61.45 -3.77
N ALA C 353 16.12 -61.05 -4.99
CA ALA C 353 15.27 -61.22 -6.17
C ALA C 353 15.13 -62.69 -6.48
N ARG C 354 16.20 -63.46 -6.24
CA ARG C 354 16.27 -64.89 -6.48
C ARG C 354 15.37 -65.67 -5.52
N GLU C 355 15.47 -65.39 -4.19
CA GLU C 355 14.78 -66.12 -3.12
C GLU C 355 13.41 -65.62 -2.79
N LEU C 356 13.11 -64.31 -3.01
CA LEU C 356 11.75 -63.80 -2.72
C LEU C 356 10.65 -64.56 -3.49
N PRO C 357 10.81 -64.90 -4.80
CA PRO C 357 9.78 -65.68 -5.49
C PRO C 357 9.45 -67.05 -4.87
N VAL C 358 10.47 -67.74 -4.30
CA VAL C 358 10.35 -69.00 -3.56
C VAL C 358 9.38 -68.78 -2.34
N ALA C 359 9.61 -67.70 -1.57
CA ALA C 359 8.80 -67.32 -0.42
C ALA C 359 7.39 -66.96 -0.84
N ILE C 360 7.25 -66.39 -2.05
CA ILE C 360 5.97 -65.97 -2.61
C ILE C 360 5.16 -67.22 -2.94
N CYS C 361 5.84 -68.22 -3.54
CA CYS C 361 5.32 -69.53 -3.93
C CYS C 361 4.84 -70.26 -2.67
N LEU C 362 5.68 -70.32 -1.62
CA LEU C 362 5.31 -70.97 -0.37
C LEU C 362 4.07 -70.39 0.25
N ASN C 363 3.85 -69.07 0.16
CA ASN C 363 2.63 -68.45 0.68
C ASN C 363 1.41 -69.02 -0.06
N LYS C 364 1.50 -69.15 -1.41
CA LYS C 364 0.42 -69.67 -2.25
C LYS C 364 0.03 -71.10 -1.85
N VAL C 365 1.00 -71.91 -1.44
CA VAL C 365 0.76 -73.30 -1.08
C VAL C 365 0.46 -73.50 0.43
N GLY C 366 0.08 -72.41 1.12
CA GLY C 366 -0.28 -72.45 2.53
C GLY C 366 0.83 -72.23 3.55
N GLY C 367 2.07 -72.19 3.07
CA GLY C 367 3.22 -71.92 3.91
C GLY C 367 4.08 -73.11 4.28
N GLY C 368 5.33 -72.80 4.61
CA GLY C 368 6.36 -73.75 5.03
C GLY C 368 7.70 -73.10 5.31
N MET C 369 8.57 -73.85 5.99
CA MET C 369 9.92 -73.46 6.37
C MET C 369 10.88 -73.49 5.16
N PHE C 370 11.90 -72.62 5.17
CA PHE C 370 12.91 -72.55 4.12
C PHE C 370 13.95 -73.59 4.46
N ASP C 371 13.58 -74.88 4.32
CA ASP C 371 14.40 -76.05 4.60
C ASP C 371 14.19 -77.09 3.52
N ASP C 372 15.23 -77.86 3.15
CA ASP C 372 15.16 -78.92 2.12
C ASP C 372 14.29 -80.11 2.54
N LYS C 373 14.06 -80.22 3.87
CA LYS C 373 13.22 -81.23 4.50
C LYS C 373 11.74 -80.92 4.21
N ASN C 374 11.42 -79.63 4.03
CA ASN C 374 10.06 -79.18 3.73
C ASN C 374 9.73 -79.48 2.27
N GLU C 375 8.63 -80.20 2.05
CA GLU C 375 8.19 -80.60 0.73
C GLU C 375 7.73 -79.41 -0.12
N LYS C 376 6.89 -78.54 0.47
CA LYS C 376 6.38 -77.34 -0.18
C LYS C 376 7.53 -76.45 -0.70
N TYR C 377 8.58 -76.24 0.13
CA TYR C 377 9.76 -75.48 -0.27
C TYR C 377 10.49 -76.21 -1.39
N LYS C 378 10.86 -77.49 -1.17
CA LYS C 378 11.62 -78.35 -2.09
C LYS C 378 11.21 -78.14 -3.56
N HIS C 379 9.89 -78.17 -3.83
CA HIS C 379 9.34 -78.00 -5.17
C HIS C 379 9.21 -76.53 -5.57
N CYS C 380 8.83 -75.63 -4.64
CA CYS C 380 8.74 -74.18 -4.91
C CYS C 380 10.08 -73.73 -5.47
N ASN C 381 11.18 -74.12 -4.78
CA ASN C 381 12.54 -73.80 -5.19
C ASN C 381 12.82 -74.34 -6.56
N GLU C 382 12.48 -75.62 -6.82
CA GLU C 382 12.66 -76.30 -8.11
C GLU C 382 11.97 -75.55 -9.26
N ILE C 383 10.73 -75.04 -9.05
CA ILE C 383 10.00 -74.28 -10.04
C ILE C 383 10.73 -72.98 -10.31
N VAL C 384 11.04 -72.22 -9.23
CA VAL C 384 11.73 -70.93 -9.31
C VAL C 384 13.08 -71.10 -10.02
N THR C 385 13.94 -71.98 -9.52
CA THR C 385 15.27 -72.30 -10.05
C THR C 385 15.21 -72.69 -11.54
N SER C 386 14.24 -73.53 -11.91
CA SER C 386 14.11 -73.98 -13.29
C SER C 386 13.53 -72.93 -14.21
N TYR C 387 12.54 -72.13 -13.74
CA TYR C 387 11.97 -71.07 -14.56
C TYR C 387 13.04 -70.02 -14.78
N LEU C 388 13.87 -69.79 -13.73
CA LEU C 388 14.99 -68.86 -13.76
C LEU C 388 16.05 -69.29 -14.74
N ARG C 389 16.52 -70.54 -14.63
CA ARG C 389 17.54 -71.06 -15.54
C ARG C 389 17.04 -71.12 -16.99
N LEU C 390 15.71 -71.20 -17.17
CA LEU C 390 15.07 -71.29 -18.48
C LEU C 390 15.00 -69.94 -19.17
N ARG C 391 14.33 -68.95 -18.55
CA ARG C 391 14.15 -67.63 -19.14
C ARG C 391 15.15 -66.54 -18.67
N TYR C 392 15.30 -66.32 -17.34
CA TYR C 392 16.22 -65.30 -16.80
C TYR C 392 17.53 -65.99 -16.40
N SER C 393 18.22 -66.58 -17.42
CA SER C 393 19.46 -67.32 -17.23
C SER C 393 20.53 -66.42 -16.61
N GLY C 394 20.58 -65.16 -17.07
CA GLY C 394 21.51 -64.14 -16.61
C GLY C 394 21.47 -63.82 -15.13
N LEU C 395 20.24 -63.65 -14.56
CA LEU C 395 20.02 -63.35 -13.15
C LEU C 395 20.86 -64.21 -12.25
N MET C 396 20.74 -65.54 -12.42
CA MET C 396 21.48 -66.52 -11.63
C MET C 396 22.98 -66.43 -11.81
N GLU C 397 23.43 -66.22 -13.08
CA GLU C 397 24.83 -66.11 -13.48
C GLU C 397 25.47 -64.95 -12.70
N PHE C 398 24.77 -63.79 -12.63
CA PHE C 398 25.21 -62.59 -11.91
C PHE C 398 25.22 -62.82 -10.42
N ARG C 399 24.08 -63.27 -9.85
CA ARG C 399 23.93 -63.57 -8.42
C ARG C 399 25.10 -64.44 -7.95
N ASN C 400 25.35 -65.55 -8.68
CA ASN C 400 26.42 -66.47 -8.38
C ASN C 400 27.77 -65.78 -8.35
N THR C 401 28.16 -65.12 -9.47
CA THR C 401 29.42 -64.39 -9.63
C THR C 401 29.65 -63.48 -8.44
N LEU C 402 28.65 -62.64 -8.08
CA LEU C 402 28.71 -61.66 -6.99
C LEU C 402 28.78 -62.27 -5.58
N MET C 403 28.16 -63.46 -5.38
CA MET C 403 28.13 -64.22 -4.11
C MET C 403 29.50 -64.74 -3.76
N HIS C 404 30.19 -65.35 -4.74
CA HIS C 404 31.52 -65.95 -4.58
C HIS C 404 32.65 -64.93 -4.82
N GLY C 405 32.41 -63.94 -5.67
CA GLY C 405 33.44 -62.92 -5.94
C GLY C 405 34.45 -63.36 -6.98
N GLY C 406 35.46 -62.53 -7.22
CA GLY C 406 36.50 -62.77 -8.24
C GLY C 406 37.35 -64.00 -7.99
N LEU C 407 37.74 -64.25 -6.74
CA LEU C 407 38.60 -65.43 -6.44
C LEU C 407 37.70 -66.64 -6.23
N SER C 408 37.12 -67.18 -7.31
CA SER C 408 36.21 -68.35 -7.18
C SER C 408 35.98 -69.05 -8.52
N THR C 409 35.51 -70.29 -8.46
CA THR C 409 35.17 -71.11 -9.62
C THR C 409 34.22 -70.41 -10.63
N ASP C 410 33.52 -69.38 -10.17
CA ASP C 410 32.56 -68.64 -11.04
C ASP C 410 33.31 -67.61 -11.89
N MET C 411 34.54 -67.26 -11.48
CA MET C 411 35.36 -66.30 -12.19
C MET C 411 36.53 -66.96 -12.92
N LYS C 412 36.90 -68.17 -12.46
CA LYS C 412 37.97 -69.02 -13.00
C LYS C 412 39.31 -68.27 -13.18
N PRO C 413 39.82 -67.55 -12.14
CA PRO C 413 41.13 -66.90 -12.31
C PRO C 413 42.24 -67.96 -12.28
N ASN C 414 43.41 -67.60 -12.79
CA ASN C 414 44.52 -68.54 -12.86
C ASN C 414 45.71 -68.08 -12.03
N VAL C 415 46.05 -68.89 -11.01
CA VAL C 415 47.19 -68.69 -10.13
C VAL C 415 48.41 -69.34 -10.81
N ASP C 416 49.54 -68.61 -10.87
CA ASP C 416 50.73 -69.17 -11.56
C ASP C 416 51.86 -69.43 -10.56
N LYS C 417 53.05 -69.76 -11.08
CA LYS C 417 54.25 -70.11 -10.29
C LYS C 417 54.69 -68.89 -9.46
N ASP C 418 54.60 -67.68 -10.04
CA ASP C 418 55.04 -66.45 -9.34
C ASP C 418 54.02 -65.97 -8.29
N GLY C 419 52.80 -66.51 -8.32
CA GLY C 419 51.76 -66.08 -7.37
C GLY C 419 50.95 -64.96 -7.99
N ASN C 420 51.25 -64.62 -9.26
CA ASN C 420 50.50 -63.57 -9.99
C ASN C 420 49.21 -64.22 -10.50
N ILE C 421 48.05 -63.64 -10.19
CA ILE C 421 46.77 -64.18 -10.66
C ILE C 421 46.33 -63.41 -11.86
N THR C 422 45.78 -64.10 -12.85
CA THR C 422 45.30 -63.52 -14.08
C THR C 422 43.83 -63.92 -14.23
N PRO C 423 42.89 -62.95 -14.08
CA PRO C 423 41.45 -63.29 -14.15
C PRO C 423 41.00 -64.06 -15.39
N GLY C 424 40.00 -64.92 -15.20
CA GLY C 424 39.42 -65.72 -16.26
C GLY C 424 38.32 -64.95 -16.95
N LYS C 425 37.10 -64.99 -16.38
CA LYS C 425 35.94 -64.24 -16.85
C LYS C 425 36.17 -62.73 -16.61
N ILE C 426 35.40 -61.89 -17.29
CA ILE C 426 35.44 -60.43 -17.18
C ILE C 426 34.06 -59.85 -17.46
N VAL C 427 33.23 -59.78 -16.39
CA VAL C 427 31.89 -59.21 -16.40
C VAL C 427 32.04 -57.72 -15.98
N THR C 428 31.71 -56.78 -16.91
CA THR C 428 31.96 -55.37 -16.65
C THR C 428 30.99 -54.76 -15.64
N LYS C 429 31.49 -53.69 -14.94
CA LYS C 429 30.81 -52.82 -13.98
C LYS C 429 29.46 -52.37 -14.57
N ASN C 430 29.41 -52.10 -15.89
CA ASN C 430 28.20 -51.67 -16.57
C ASN C 430 27.26 -52.83 -16.89
N LYS C 431 27.78 -54.07 -16.99
CA LYS C 431 26.94 -55.25 -17.23
C LYS C 431 26.00 -55.41 -16.03
N ILE C 432 26.57 -55.34 -14.82
CA ILE C 432 25.87 -55.48 -13.55
C ILE C 432 24.98 -54.28 -13.28
N GLU C 433 25.56 -53.05 -13.26
CA GLU C 433 24.83 -51.79 -13.05
C GLU C 433 23.57 -51.74 -13.89
N ASP C 434 23.71 -51.96 -15.21
CA ASP C 434 22.61 -51.91 -16.15
C ASP C 434 21.60 -53.00 -15.88
N PHE C 435 22.04 -54.26 -15.75
CA PHE C 435 21.10 -55.35 -15.48
C PHE C 435 20.25 -55.08 -14.21
N VAL C 436 20.89 -54.88 -13.05
CA VAL C 436 20.21 -54.63 -11.78
C VAL C 436 19.31 -53.41 -11.83
N LYS C 437 19.91 -52.24 -12.10
CA LYS C 437 19.21 -50.97 -12.08
C LYS C 437 18.19 -50.78 -13.21
N ARG C 438 18.22 -51.67 -14.21
CA ARG C 438 17.24 -51.57 -15.32
C ARG C 438 16.33 -52.80 -15.37
N GLU C 439 16.83 -53.90 -15.95
CA GLU C 439 16.10 -55.16 -16.21
C GLU C 439 15.65 -55.94 -14.96
N LEU C 440 16.43 -55.94 -13.87
CA LEU C 440 16.12 -56.84 -12.73
C LEU C 440 14.71 -56.65 -12.15
N ARG C 441 14.24 -55.42 -11.98
CA ARG C 441 12.88 -55.26 -11.39
C ARG C 441 11.83 -55.97 -12.26
N ASN C 442 11.76 -55.56 -13.53
CA ASN C 442 10.82 -56.04 -14.54
C ASN C 442 10.85 -57.56 -14.63
N TYR C 443 12.07 -58.13 -14.57
CA TYR C 443 12.34 -59.55 -14.59
C TYR C 443 11.76 -60.24 -13.36
N PHE C 444 11.81 -59.59 -12.18
CA PHE C 444 11.25 -60.11 -10.93
C PHE C 444 9.74 -60.12 -11.00
N ASP C 445 9.14 -59.02 -11.47
CA ASP C 445 7.69 -58.86 -11.61
C ASP C 445 7.11 -59.91 -12.60
N LYS C 446 7.87 -60.22 -13.67
CA LYS C 446 7.52 -61.21 -14.68
C LYS C 446 7.52 -62.62 -14.05
N ILE C 447 8.47 -62.90 -13.13
CA ILE C 447 8.58 -64.16 -12.40
C ILE C 447 7.38 -64.29 -11.46
N VAL C 448 7.12 -63.25 -10.66
CA VAL C 448 6.08 -63.20 -9.65
C VAL C 448 4.61 -63.40 -10.05
N ASN C 449 4.12 -62.81 -11.18
CA ASN C 449 2.74 -63.07 -11.64
C ASN C 449 2.62 -64.39 -12.50
N PHE C 450 3.80 -64.94 -12.80
CA PHE C 450 3.91 -66.23 -13.47
C PHE C 450 3.53 -67.23 -12.35
N LEU C 451 4.22 -67.16 -11.20
CA LEU C 451 3.97 -68.00 -10.03
C LEU C 451 2.64 -67.70 -9.32
N SER C 452 1.93 -66.63 -9.74
CA SER C 452 0.62 -66.27 -9.16
C SER C 452 -0.39 -67.37 -9.51
N SER C 453 -0.32 -67.84 -10.78
CA SER C 453 -1.13 -68.90 -11.39
C SER C 453 -0.98 -70.25 -10.65
N ALA C 454 0.25 -70.56 -10.16
CA ALA C 454 0.64 -71.77 -9.42
C ALA C 454 -0.22 -72.08 -8.18
#